data_8KB7
#
_entry.id   8KB7
#
_cell.length_a   145.019
_cell.length_b   150.002
_cell.length_c   191.481
_cell.angle_alpha   90.00
_cell.angle_beta   90.00
_cell.angle_gamma   90.00
#
_symmetry.space_group_name_H-M   'P 21 21 21'
#
loop_
_entity.id
_entity.type
_entity.pdbx_description
1 polymer 'Protein O-linked-mannose beta-1,4-N-acetylglucosaminyltransferase 2'
2 non-polymer "URIDINE-5'-DIPHOSPHATE"
3 non-polymer 2-acetamido-2-deoxy-beta-D-glucopyranose
4 non-polymer alpha-D-mannopyranose
5 non-polymer 'CHLORIDE ION'
#
_entity_poly.entity_id   1
_entity_poly.type   'polypeptide(L)'
_entity_poly.pdbx_seq_one_letter_code
;GEFREHAATLEEELALSRQATEPAPALRIDYPKALQILMEGGTHMVCTGRTHTDRICRFKWLCYSNEAEEFIFFHGNTSV
MLPNLGSRRFQPALLDLSTVEDHNTQYFNFVELPAAALRFMPKPVFVPDVALIANRFNPDNLMHVFHDDLLPLFYTLRQF
PGLAHEARLFFMEGWGEGAHFDLYKLLSPKQPLLRAQLKTLGRLLCFSHAFVGLSKITTWYQYGFVQPQGPKANILVSGN
EIRQFARFMTEKLNVSHTGVPLGEEYILVFSRTQNRLILNEAELLLALAQEFQMKTVTVSLEDHTFADVVRLVSNASMLV
SMHGAQLVTTLFLPRGATVVELFPYAVNPDHYTPYKTLAMLPGMDLQYVAWRNMMPENTVTHPERPWDQGGITHLDRAEQ
ARILQSREVPRHLCCRNPEWLFRIYQDTKVDIPSLIQTIRRVVKGRPGPRKQKWTVGLYPGKVREARCQASVHGASEARL
TVSWQIPWNLKYLKVREVKYEVWLQEQGENTYVPYILALQNHTFTENIKPFTTYLVWVRCIFNKILLGPFADVLVCNT
;
_entity_poly.pdbx_strand_id   A,B,C,D
#
# COMPACT_ATOMS: atom_id res chain seq x y z
N ASP A 30 19.97 -36.97 -51.11
CA ASP A 30 19.87 -37.22 -52.58
C ASP A 30 19.81 -35.86 -53.29
N TYR A 31 20.17 -35.83 -54.58
CA TYR A 31 19.93 -34.68 -55.48
C TYR A 31 18.46 -34.67 -55.90
N PRO A 32 17.88 -35.78 -56.44
CA PRO A 32 16.49 -35.76 -56.93
C PRO A 32 15.50 -35.41 -55.80
N LYS A 33 15.84 -35.76 -54.55
CA LYS A 33 15.14 -35.35 -53.31
C LYS A 33 15.19 -33.82 -53.17
N ALA A 34 16.37 -33.26 -52.94
CA ALA A 34 16.61 -31.80 -52.84
C ALA A 34 15.85 -31.07 -53.97
N LEU A 35 16.05 -31.48 -55.22
CA LEU A 35 15.48 -30.77 -56.40
C LEU A 35 13.94 -30.73 -56.29
N GLN A 36 13.29 -31.72 -55.69
CA GLN A 36 11.80 -31.72 -55.61
C GLN A 36 11.39 -30.77 -54.47
N ILE A 37 11.99 -30.91 -53.28
CA ILE A 37 11.78 -30.00 -52.12
C ILE A 37 11.73 -28.55 -52.65
N LEU A 38 12.68 -28.21 -53.53
CA LEU A 38 12.82 -26.85 -54.11
C LEU A 38 11.74 -26.60 -55.16
N MET A 39 11.47 -27.57 -56.06
CA MET A 39 10.63 -27.40 -57.27
C MET A 39 9.16 -27.18 -56.88
N GLU A 40 8.71 -27.80 -55.79
CA GLU A 40 7.31 -27.71 -55.35
C GLU A 40 7.22 -26.83 -54.09
N GLY A 41 8.15 -26.99 -53.13
CA GLY A 41 8.17 -26.27 -51.84
C GLY A 41 8.49 -24.78 -51.98
N GLY A 42 9.59 -24.47 -52.66
CA GLY A 42 10.01 -23.07 -52.92
C GLY A 42 10.97 -22.58 -51.84
N THR A 43 11.43 -21.33 -52.00
CA THR A 43 12.30 -20.62 -51.04
C THR A 43 11.51 -20.27 -49.77
N HIS A 44 12.18 -20.27 -48.63
CA HIS A 44 11.59 -19.97 -47.29
C HIS A 44 12.50 -18.92 -46.64
N MET A 45 11.97 -17.72 -46.35
CA MET A 45 12.72 -16.60 -45.74
C MET A 45 12.06 -16.14 -44.43
N VAL A 46 12.82 -16.17 -43.33
CA VAL A 46 12.42 -15.57 -42.03
C VAL A 46 13.56 -14.71 -41.50
N CYS A 47 13.32 -13.41 -41.29
CA CYS A 47 14.33 -12.39 -40.98
C CYS A 47 13.99 -11.66 -39.68
N THR A 48 15.00 -11.33 -38.93
CA THR A 48 14.92 -10.59 -37.64
C THR A 48 15.27 -9.14 -37.95
N GLY A 49 14.52 -8.18 -37.39
CA GLY A 49 14.76 -6.73 -37.53
C GLY A 49 13.62 -6.01 -38.24
N ARG A 50 13.48 -4.73 -37.90
CA ARG A 50 12.40 -3.80 -38.33
C ARG A 50 12.78 -3.16 -39.66
N THR A 51 14.04 -2.77 -39.86
CA THR A 51 14.50 -2.08 -41.12
C THR A 51 15.67 -2.82 -41.76
N HIS A 52 16.10 -2.37 -42.94
CA HIS A 52 17.20 -3.03 -43.70
C HIS A 52 18.53 -2.87 -42.96
N THR A 53 18.63 -1.89 -42.06
CA THR A 53 19.86 -1.51 -41.34
C THR A 53 20.23 -2.58 -40.32
N ASP A 54 19.24 -3.26 -39.73
CA ASP A 54 19.45 -4.21 -38.62
C ASP A 54 18.90 -5.60 -38.98
N ARG A 55 18.69 -5.90 -40.25
CA ARG A 55 18.04 -7.18 -40.65
C ARG A 55 19.09 -8.27 -40.89
N ILE A 56 18.86 -9.47 -40.36
CA ILE A 56 19.61 -10.70 -40.70
C ILE A 56 18.56 -11.74 -41.10
N CYS A 57 18.69 -12.33 -42.28
CA CYS A 57 17.67 -13.26 -42.85
C CYS A 57 18.18 -14.71 -42.80
N ARG A 58 17.32 -15.62 -42.33
CA ARG A 58 17.53 -17.08 -42.48
C ARG A 58 16.72 -17.58 -43.67
N PHE A 59 17.39 -18.03 -44.72
CA PHE A 59 16.78 -18.58 -45.96
C PHE A 59 16.96 -20.10 -46.00
N LYS A 60 16.02 -20.79 -46.66
CA LYS A 60 16.12 -22.15 -47.18
C LYS A 60 15.79 -22.09 -48.68
N TRP A 61 16.57 -22.77 -49.52
CA TRP A 61 16.33 -22.88 -50.98
C TRP A 61 16.30 -21.48 -51.59
N LEU A 62 17.24 -20.64 -51.16
CA LEU A 62 17.59 -19.36 -51.82
C LEU A 62 18.60 -19.71 -52.90
N CYS A 63 18.41 -19.18 -54.10
CA CYS A 63 19.22 -19.53 -55.29
C CYS A 63 19.92 -18.29 -55.83
N TYR A 64 20.99 -18.51 -56.59
CA TYR A 64 21.83 -17.45 -57.20
C TYR A 64 22.12 -17.83 -58.67
N SER A 65 21.72 -16.98 -59.61
CA SER A 65 22.09 -17.13 -61.04
C SER A 65 23.43 -16.41 -61.27
N ASN A 66 24.46 -17.17 -61.66
CA ASN A 66 25.79 -16.63 -62.05
C ASN A 66 25.67 -15.86 -63.37
N GLU A 67 24.77 -16.29 -64.26
CA GLU A 67 24.47 -15.56 -65.52
C GLU A 67 23.98 -14.16 -65.14
N ALA A 68 22.87 -14.09 -64.39
CA ALA A 68 22.15 -12.84 -64.09
C ALA A 68 22.85 -12.05 -63.00
N GLU A 69 23.70 -12.69 -62.17
CA GLU A 69 24.43 -12.05 -61.03
C GLU A 69 23.38 -11.55 -60.03
N GLU A 70 22.44 -12.42 -59.68
CA GLU A 70 21.16 -12.03 -59.02
C GLU A 70 20.70 -13.19 -58.13
N PHE A 71 20.42 -12.92 -56.83
CA PHE A 71 19.79 -13.93 -55.95
C PHE A 71 18.31 -14.09 -56.36
N ILE A 72 17.76 -15.29 -56.14
CA ILE A 72 16.41 -15.67 -56.61
C ILE A 72 15.61 -16.26 -55.46
N PHE A 73 14.42 -15.72 -55.21
CA PHE A 73 13.39 -16.32 -54.31
C PHE A 73 12.37 -17.01 -55.21
N PHE A 74 12.24 -18.33 -55.05
CA PHE A 74 11.29 -19.19 -55.80
C PHE A 74 10.03 -19.39 -54.95
N HIS A 75 8.90 -18.84 -55.41
CA HIS A 75 7.56 -19.08 -54.79
C HIS A 75 7.07 -20.50 -55.09
N GLY A 76 7.06 -21.36 -54.07
CA GLY A 76 6.42 -22.68 -54.08
C GLY A 76 5.23 -22.72 -53.14
N ASN A 77 4.84 -23.91 -52.69
CA ASN A 77 3.56 -24.13 -51.97
C ASN A 77 3.82 -24.21 -50.45
N THR A 78 5.08 -24.34 -50.02
CA THR A 78 5.50 -24.14 -48.59
C THR A 78 6.16 -22.75 -48.41
N SER A 79 6.27 -21.95 -49.46
CA SER A 79 7.18 -20.77 -49.45
C SER A 79 6.60 -19.65 -48.56
N VAL A 80 7.49 -19.05 -47.76
CA VAL A 80 7.23 -18.04 -46.69
C VAL A 80 8.18 -16.86 -46.92
N MET A 81 7.69 -15.63 -46.80
CA MET A 81 8.51 -14.40 -46.98
C MET A 81 8.15 -13.39 -45.89
N LEU A 82 8.84 -13.53 -44.78
CA LEU A 82 8.70 -12.73 -43.55
C LEU A 82 10.01 -11.97 -43.29
N PRO A 83 10.09 -10.63 -43.41
CA PRO A 83 8.97 -9.77 -43.72
C PRO A 83 8.54 -9.82 -45.18
N ASN A 84 7.25 -9.54 -45.41
CA ASN A 84 6.69 -9.23 -46.75
C ASN A 84 6.57 -7.72 -46.86
N LEU A 85 7.55 -7.10 -47.49
CA LEU A 85 7.66 -5.62 -47.57
C LEU A 85 6.94 -5.16 -48.83
N GLY A 86 6.37 -6.10 -49.61
CA GLY A 86 6.04 -5.84 -51.01
C GLY A 86 7.13 -5.00 -51.64
N SER A 87 6.77 -3.78 -52.04
CA SER A 87 7.58 -2.88 -52.90
C SER A 87 8.58 -2.08 -52.05
N ARG A 88 8.49 -2.15 -50.72
CA ARG A 88 9.44 -1.46 -49.82
C ARG A 88 10.70 -2.33 -49.72
N ARG A 89 10.67 -3.52 -50.30
CA ARG A 89 11.86 -4.40 -50.37
C ARG A 89 12.96 -3.67 -51.16
N PHE A 90 12.58 -2.78 -52.08
CA PHE A 90 13.48 -2.02 -52.99
C PHE A 90 13.71 -0.60 -52.51
N GLN A 91 13.45 -0.27 -51.23
CA GLN A 91 13.58 1.12 -50.77
C GLN A 91 14.37 1.13 -49.47
N PRO A 92 15.70 0.94 -49.51
CA PRO A 92 16.45 0.70 -50.75
C PRO A 92 16.74 -0.77 -51.03
N ALA A 93 16.58 -1.63 -50.04
CA ALA A 93 17.00 -3.05 -50.10
C ALA A 93 16.37 -3.83 -48.96
N LEU A 94 16.47 -5.16 -49.01
CA LEU A 94 15.96 -6.05 -47.96
C LEU A 94 16.88 -5.96 -46.73
N LEU A 95 18.18 -5.90 -46.97
CA LEU A 95 19.30 -6.26 -46.04
C LEU A 95 20.53 -5.43 -46.36
N ASP A 96 21.40 -5.27 -45.38
CA ASP A 96 22.81 -4.83 -45.57
C ASP A 96 23.73 -6.06 -45.48
N LEU A 97 24.43 -6.39 -46.56
CA LEU A 97 25.46 -7.46 -46.68
C LEU A 97 26.76 -7.04 -45.97
N SER A 98 27.12 -5.75 -46.04
CA SER A 98 28.27 -5.14 -45.35
C SER A 98 27.78 -4.34 -44.14
N THR A 99 28.66 -4.13 -43.18
CA THR A 99 28.42 -3.20 -42.05
C THR A 99 28.59 -1.76 -42.52
N VAL A 100 29.26 -1.53 -43.65
CA VAL A 100 29.71 -0.18 -44.09
C VAL A 100 28.60 0.43 -44.94
N GLU A 101 27.99 1.49 -44.42
CA GLU A 101 26.85 2.19 -45.06
C GLU A 101 27.35 3.12 -46.19
N ASP A 102 27.71 2.52 -47.34
CA ASP A 102 28.21 3.24 -48.56
C ASP A 102 27.11 3.38 -49.63
N HIS A 103 25.91 2.82 -49.39
CA HIS A 103 24.72 2.83 -50.28
C HIS A 103 25.04 2.13 -51.60
N ASN A 104 25.61 0.92 -51.57
CA ASN A 104 26.08 0.20 -52.79
C ASN A 104 26.50 -1.27 -52.48
N THR A 105 27.73 -1.56 -52.03
CA THR A 105 28.11 -2.94 -51.61
C THR A 105 27.18 -3.38 -50.48
N GLN A 106 26.61 -2.45 -49.71
CA GLN A 106 25.88 -2.85 -48.47
C GLN A 106 24.65 -3.66 -48.87
N TYR A 107 24.08 -3.47 -50.07
CA TYR A 107 22.67 -3.87 -50.34
C TYR A 107 22.61 -5.30 -50.85
N PHE A 108 21.73 -6.07 -50.22
CA PHE A 108 21.27 -7.41 -50.65
C PHE A 108 19.82 -7.28 -51.09
N ASN A 109 19.51 -7.87 -52.23
CA ASN A 109 18.12 -8.02 -52.72
C ASN A 109 18.05 -9.30 -53.54
N PHE A 110 16.84 -9.79 -53.76
CA PHE A 110 16.61 -10.95 -54.64
C PHE A 110 15.60 -10.51 -55.69
N VAL A 111 15.32 -11.42 -56.59
CA VAL A 111 14.41 -11.26 -57.73
C VAL A 111 13.46 -12.46 -57.61
N GLU A 112 12.19 -12.29 -57.94
CA GLU A 112 11.18 -13.36 -57.67
C GLU A 112 10.86 -14.16 -58.94
N LEU A 113 10.70 -15.48 -58.77
CA LEU A 113 10.12 -16.39 -59.79
C LEU A 113 9.22 -17.41 -59.10
N PRO A 114 8.31 -18.05 -59.88
CA PRO A 114 7.60 -19.24 -59.42
C PRO A 114 8.53 -20.45 -59.53
N ALA A 115 8.50 -21.32 -58.53
CA ALA A 115 9.36 -22.53 -58.45
C ALA A 115 9.21 -23.34 -59.75
N ALA A 116 7.98 -23.41 -60.26
CA ALA A 116 7.64 -23.92 -61.60
C ALA A 116 8.76 -23.58 -62.60
N ALA A 117 9.19 -22.32 -62.65
CA ALA A 117 10.07 -21.81 -63.73
C ALA A 117 11.46 -22.51 -63.72
N LEU A 118 11.79 -23.29 -62.69
CA LEU A 118 13.05 -24.08 -62.69
C LEU A 118 13.13 -25.02 -63.90
N ARG A 119 11.99 -25.52 -64.40
CA ARG A 119 11.90 -26.41 -65.59
C ARG A 119 12.54 -25.75 -66.82
N PHE A 120 12.38 -24.43 -67.01
CA PHE A 120 12.91 -23.67 -68.17
C PHE A 120 14.33 -23.14 -67.88
N MET A 121 14.99 -23.65 -66.84
CA MET A 121 16.27 -23.10 -66.31
C MET A 121 17.28 -24.24 -66.10
N PRO A 122 18.59 -23.95 -66.07
CA PRO A 122 19.62 -24.97 -65.84
C PRO A 122 19.34 -25.86 -64.63
N LYS A 123 20.10 -26.95 -64.53
CA LYS A 123 20.02 -27.89 -63.38
C LYS A 123 20.70 -27.19 -62.20
N PRO A 124 19.99 -26.92 -61.08
CA PRO A 124 20.65 -26.38 -59.89
C PRO A 124 21.84 -27.22 -59.42
N VAL A 125 22.90 -26.54 -58.95
CA VAL A 125 23.96 -27.12 -58.07
C VAL A 125 23.63 -26.73 -56.62
N PHE A 126 23.52 -27.70 -55.72
CA PHE A 126 23.07 -27.44 -54.34
C PHE A 126 24.31 -27.23 -53.46
N VAL A 127 24.36 -26.13 -52.73
CA VAL A 127 25.29 -25.97 -51.58
C VAL A 127 24.67 -26.70 -50.40
N PRO A 128 25.27 -27.81 -49.93
CA PRO A 128 24.64 -28.64 -48.92
C PRO A 128 24.82 -28.10 -47.49
N ASP A 129 26.04 -27.66 -47.13
CA ASP A 129 26.38 -27.12 -45.79
C ASP A 129 25.78 -25.72 -45.64
N VAL A 130 25.45 -25.34 -44.41
CA VAL A 130 24.85 -24.02 -44.08
C VAL A 130 25.85 -22.90 -44.37
N ALA A 131 25.38 -21.81 -44.98
CA ALA A 131 26.19 -20.68 -45.49
C ALA A 131 25.92 -19.42 -44.69
N LEU A 132 26.93 -18.58 -44.54
CA LEU A 132 26.75 -17.17 -44.14
C LEU A 132 27.23 -16.32 -45.30
N ILE A 133 26.34 -15.54 -45.89
CA ILE A 133 26.61 -14.72 -47.10
C ILE A 133 26.76 -13.27 -46.66
N ALA A 134 27.94 -12.69 -46.86
CA ALA A 134 28.24 -11.29 -46.49
C ALA A 134 29.10 -10.62 -47.58
N ASN A 135 29.27 -9.31 -47.47
CA ASN A 135 30.22 -8.53 -48.27
C ASN A 135 31.32 -7.95 -47.38
N ARG A 136 32.53 -7.93 -47.93
CA ARG A 136 33.74 -7.31 -47.33
C ARG A 136 33.89 -5.92 -47.93
N PHE A 137 34.04 -4.88 -47.11
CA PHE A 137 34.14 -3.51 -47.66
C PHE A 137 35.50 -3.32 -48.32
N ASN A 138 36.58 -3.77 -47.66
CA ASN A 138 37.96 -3.54 -48.16
C ASN A 138 38.91 -4.55 -47.53
N PRO A 139 39.02 -5.77 -48.10
CA PRO A 139 39.82 -6.82 -47.46
C PRO A 139 41.33 -6.70 -47.67
N ASP A 140 41.78 -5.54 -48.17
CA ASP A 140 43.21 -5.13 -48.33
C ASP A 140 43.65 -4.25 -47.15
N ASN A 141 42.73 -3.79 -46.32
CA ASN A 141 43.01 -2.85 -45.19
C ASN A 141 42.74 -3.52 -43.83
N LEU A 142 43.71 -3.56 -42.92
CA LEU A 142 43.58 -4.32 -41.65
C LEU A 142 42.46 -3.74 -40.75
N MET A 143 42.25 -2.43 -40.76
CA MET A 143 41.21 -1.77 -39.94
C MET A 143 39.87 -2.25 -40.48
N HIS A 144 39.66 -2.08 -41.78
CA HIS A 144 38.41 -2.47 -42.45
C HIS A 144 38.17 -3.96 -42.17
N VAL A 145 39.20 -4.80 -42.30
CA VAL A 145 39.06 -6.26 -42.14
C VAL A 145 38.54 -6.54 -40.74
N PHE A 146 39.14 -5.97 -39.71
CA PHE A 146 38.78 -6.31 -38.31
C PHE A 146 37.44 -5.65 -37.95
N HIS A 147 37.26 -4.38 -38.27
CA HIS A 147 36.14 -3.54 -37.77
C HIS A 147 34.83 -3.89 -38.50
N ASP A 148 34.92 -4.10 -39.81
CA ASP A 148 33.80 -4.16 -40.76
C ASP A 148 33.32 -5.60 -40.94
N ASP A 149 34.22 -6.57 -40.76
CA ASP A 149 34.06 -7.96 -41.30
C ASP A 149 34.30 -8.97 -40.16
N LEU A 150 35.51 -9.05 -39.57
CA LEU A 150 35.88 -10.16 -38.67
C LEU A 150 35.02 -10.12 -37.41
N LEU A 151 34.97 -8.98 -36.72
CA LEU A 151 34.21 -8.86 -35.45
C LEU A 151 32.73 -9.06 -35.71
N PRO A 152 32.14 -8.40 -36.72
CA PRO A 152 30.78 -8.71 -37.15
C PRO A 152 30.57 -10.20 -37.48
N LEU A 153 31.36 -10.78 -38.39
CA LEU A 153 31.25 -12.24 -38.72
C LEU A 153 31.28 -13.05 -37.43
N PHE A 154 32.20 -12.75 -36.54
CA PHE A 154 32.40 -13.56 -35.31
C PHE A 154 31.08 -13.63 -34.54
N TYR A 155 30.44 -12.49 -34.31
CA TYR A 155 29.27 -12.37 -33.42
C TYR A 155 27.96 -12.61 -34.19
N THR A 156 27.93 -12.39 -35.49
CA THR A 156 26.77 -12.77 -36.33
C THR A 156 26.63 -14.30 -36.32
N LEU A 157 27.73 -15.03 -36.49
CA LEU A 157 27.74 -16.52 -36.42
C LEU A 157 27.20 -16.96 -35.06
N ARG A 158 27.57 -16.25 -33.99
CA ARG A 158 27.23 -16.70 -32.62
C ARG A 158 25.81 -16.28 -32.24
N GLN A 159 25.07 -15.64 -33.16
CA GLN A 159 23.67 -15.23 -32.96
C GLN A 159 22.74 -16.44 -33.17
N PHE A 160 23.15 -17.40 -34.01
CA PHE A 160 22.32 -18.55 -34.46
C PHE A 160 23.00 -19.86 -34.10
N PRO A 161 22.33 -20.77 -33.34
CA PRO A 161 22.98 -21.99 -32.87
C PRO A 161 23.54 -22.85 -34.02
N GLY A 162 24.74 -23.41 -33.85
CA GLY A 162 25.39 -24.24 -34.87
C GLY A 162 26.36 -23.46 -35.73
N LEU A 163 25.86 -22.44 -36.45
CA LEU A 163 26.61 -21.62 -37.43
C LEU A 163 28.12 -21.53 -37.13
N ALA A 164 28.53 -21.17 -35.91
CA ALA A 164 29.95 -20.85 -35.56
C ALA A 164 30.90 -21.92 -36.12
N HIS A 165 30.60 -23.18 -35.86
CA HIS A 165 31.52 -24.32 -36.12
C HIS A 165 31.17 -25.02 -37.44
N GLU A 166 30.03 -24.73 -38.09
CA GLU A 166 29.51 -25.48 -39.27
C GLU A 166 29.43 -24.61 -40.52
N ALA A 167 29.45 -23.29 -40.38
CA ALA A 167 29.11 -22.37 -41.49
C ALA A 167 30.32 -22.21 -42.41
N ARG A 168 30.09 -22.20 -43.71
CA ARG A 168 31.04 -21.78 -44.75
C ARG A 168 30.67 -20.35 -45.14
N LEU A 169 31.64 -19.42 -45.09
CA LEU A 169 31.40 -18.01 -45.48
C LEU A 169 31.46 -17.90 -47.00
N PHE A 170 30.51 -17.17 -47.59
CA PHE A 170 30.49 -16.77 -49.02
C PHE A 170 30.61 -15.25 -49.08
N PHE A 171 31.66 -14.76 -49.74
CA PHE A 171 31.93 -13.31 -49.91
C PHE A 171 31.51 -12.94 -51.32
N MET A 172 30.43 -12.15 -51.46
CA MET A 172 29.79 -11.85 -52.76
C MET A 172 30.19 -10.47 -53.27
N GLU A 173 31.01 -9.72 -52.54
CA GLU A 173 31.35 -8.32 -52.95
C GLU A 173 32.18 -8.37 -54.25
N GLY A 174 33.00 -9.42 -54.42
CA GLY A 174 33.71 -9.67 -55.69
C GLY A 174 35.13 -9.16 -55.69
N TRP A 175 35.75 -9.08 -54.52
CA TRP A 175 37.21 -8.90 -54.34
C TRP A 175 37.83 -10.30 -54.35
N GLY A 176 39.15 -10.38 -54.51
CA GLY A 176 39.89 -11.63 -54.31
C GLY A 176 40.12 -11.89 -52.84
N GLU A 177 40.98 -12.86 -52.52
CA GLU A 177 41.36 -13.16 -51.11
C GLU A 177 41.80 -11.86 -50.43
N GLY A 178 42.56 -11.05 -51.18
CA GLY A 178 43.22 -9.84 -50.66
C GLY A 178 44.29 -10.15 -49.64
N ALA A 179 44.91 -9.10 -49.11
CA ALA A 179 46.13 -9.19 -48.27
C ALA A 179 45.89 -9.94 -46.96
N HIS A 180 44.66 -10.21 -46.50
CA HIS A 180 44.46 -10.71 -45.11
C HIS A 180 43.55 -11.95 -45.06
N PHE A 181 43.38 -12.65 -46.17
CA PHE A 181 42.51 -13.85 -46.27
C PHE A 181 42.82 -14.89 -45.18
N ASP A 182 44.06 -15.01 -44.75
CA ASP A 182 44.50 -15.99 -43.70
C ASP A 182 43.66 -15.74 -42.44
N LEU A 183 43.31 -14.47 -42.16
CA LEU A 183 42.54 -14.06 -40.96
C LEU A 183 41.06 -14.43 -41.11
N TYR A 184 40.46 -14.15 -42.26
CA TYR A 184 39.07 -14.56 -42.58
C TYR A 184 38.96 -16.06 -42.35
N LYS A 185 39.94 -16.82 -42.81
CA LYS A 185 39.95 -18.32 -42.76
C LYS A 185 39.97 -18.80 -41.31
N LEU A 186 40.25 -17.94 -40.33
CA LEU A 186 40.29 -18.38 -38.90
C LEU A 186 38.88 -18.46 -38.31
N LEU A 187 37.85 -17.97 -39.01
CA LEU A 187 36.51 -17.81 -38.40
C LEU A 187 35.72 -19.11 -38.48
N SER A 188 35.47 -19.62 -39.68
CA SER A 188 34.91 -20.98 -39.91
C SER A 188 36.08 -21.94 -40.05
N PRO A 189 35.87 -23.25 -39.80
CA PRO A 189 36.86 -24.27 -40.12
C PRO A 189 36.68 -24.70 -41.58
N LYS A 190 35.71 -24.12 -42.29
CA LYS A 190 35.48 -24.39 -43.73
C LYS A 190 36.04 -23.24 -44.59
N GLN A 191 36.67 -23.61 -45.70
CA GLN A 191 37.35 -22.71 -46.67
C GLN A 191 36.31 -21.75 -47.24
N PRO A 192 36.40 -20.43 -46.96
CA PRO A 192 35.46 -19.47 -47.55
C PRO A 192 35.55 -19.46 -49.08
N LEU A 193 34.42 -19.22 -49.75
CA LEU A 193 34.32 -19.09 -51.24
C LEU A 193 34.11 -17.63 -51.64
N LEU A 194 34.67 -17.22 -52.77
CA LEU A 194 34.53 -15.85 -53.33
C LEU A 194 33.66 -15.92 -54.57
N ARG A 195 33.18 -14.79 -55.07
CA ARG A 195 32.19 -14.76 -56.18
C ARG A 195 32.83 -15.37 -57.41
N ALA A 196 34.09 -15.03 -57.70
CA ALA A 196 34.88 -15.57 -58.83
C ALA A 196 34.76 -17.11 -58.90
N GLN A 197 34.91 -17.77 -57.76
CA GLN A 197 34.88 -19.24 -57.62
C GLN A 197 33.45 -19.76 -57.80
N LEU A 198 32.42 -18.96 -57.52
CA LEU A 198 31.01 -19.41 -57.69
C LEU A 198 30.74 -19.63 -59.18
N LYS A 199 31.24 -18.73 -60.05
CA LYS A 199 30.97 -18.75 -61.52
C LYS A 199 31.28 -20.14 -62.07
N THR A 200 32.37 -20.77 -61.62
CA THR A 200 32.84 -22.10 -62.08
C THR A 200 31.84 -23.19 -61.67
N LEU A 201 31.27 -23.12 -60.47
CA LEU A 201 30.45 -24.19 -59.82
C LEU A 201 29.21 -24.57 -60.64
N GLY A 202 28.76 -23.73 -61.58
CA GLY A 202 27.51 -23.96 -62.33
C GLY A 202 26.86 -22.63 -62.66
N ARG A 203 25.82 -22.64 -63.50
CA ARG A 203 25.13 -21.41 -63.98
C ARG A 203 24.01 -21.03 -62.98
N LEU A 204 23.67 -21.94 -62.04
CA LEU A 204 22.56 -21.78 -61.07
C LEU A 204 22.89 -22.56 -59.78
N LEU A 205 23.14 -21.81 -58.71
CA LEU A 205 23.47 -22.31 -57.35
C LEU A 205 22.22 -22.17 -56.46
N CYS A 206 21.94 -23.15 -55.61
CA CYS A 206 20.88 -23.05 -54.57
C CYS A 206 21.46 -23.42 -53.21
N PHE A 207 21.33 -22.53 -52.24
CA PHE A 207 21.73 -22.81 -50.84
C PHE A 207 20.56 -23.49 -50.17
N SER A 208 20.75 -24.69 -49.64
CA SER A 208 19.72 -25.44 -48.86
C SER A 208 19.40 -24.66 -47.57
N HIS A 209 20.37 -23.92 -47.06
CA HIS A 209 20.31 -23.21 -45.76
C HIS A 209 21.39 -22.13 -45.76
N ALA A 210 20.98 -20.87 -45.74
CA ALA A 210 21.86 -19.70 -45.83
C ALA A 210 21.39 -18.63 -44.86
N PHE A 211 22.30 -18.07 -44.07
CA PHE A 211 22.09 -16.77 -43.39
C PHE A 211 22.73 -15.67 -44.23
N VAL A 212 22.09 -14.50 -44.23
CA VAL A 212 22.49 -13.34 -45.07
C VAL A 212 22.43 -12.08 -44.22
N GLY A 213 23.48 -11.27 -44.29
CA GLY A 213 23.64 -10.01 -43.54
C GLY A 213 24.65 -10.19 -42.42
N LEU A 214 25.01 -9.09 -41.76
CA LEU A 214 26.00 -9.04 -40.65
C LEU A 214 25.46 -8.06 -39.61
N SER A 215 25.46 -8.43 -38.34
CA SER A 215 25.17 -7.45 -37.27
C SER A 215 26.16 -6.28 -37.37
N LYS A 216 25.66 -5.06 -37.18
CA LYS A 216 26.49 -3.84 -37.01
C LYS A 216 26.77 -3.59 -35.53
N ILE A 217 26.36 -4.49 -34.63
CA ILE A 217 26.37 -4.22 -33.17
C ILE A 217 27.81 -3.95 -32.68
N THR A 218 28.84 -4.56 -33.27
CA THR A 218 30.26 -4.46 -32.83
C THR A 218 30.98 -3.27 -33.46
N THR A 219 30.33 -2.46 -34.30
CA THR A 219 30.97 -1.31 -34.99
C THR A 219 31.05 -0.12 -34.03
N TRP A 220 32.06 0.73 -34.20
CA TRP A 220 32.25 1.93 -33.34
C TRP A 220 32.60 3.14 -34.21
N TYR A 221 32.76 2.95 -35.53
CA TYR A 221 33.29 4.00 -36.43
C TYR A 221 32.52 3.99 -37.74
N GLN A 222 32.43 5.17 -38.34
CA GLN A 222 31.85 5.38 -39.69
C GLN A 222 32.81 6.27 -40.50
N TYR A 223 33.00 5.91 -41.76
CA TYR A 223 34.12 6.43 -42.60
C TYR A 223 33.72 7.70 -43.38
N GLY A 224 32.63 8.34 -43.00
CA GLY A 224 32.23 9.68 -43.46
C GLY A 224 31.60 9.72 -44.86
N PHE A 225 30.63 8.85 -45.15
CA PHE A 225 29.89 8.88 -46.44
C PHE A 225 28.88 10.04 -46.48
N VAL A 226 28.25 10.37 -45.35
CA VAL A 226 27.16 11.39 -45.30
C VAL A 226 27.67 12.66 -44.59
N GLN A 227 28.06 12.53 -43.32
CA GLN A 227 28.76 13.60 -42.55
C GLN A 227 30.19 13.11 -42.35
N PRO A 228 31.17 13.97 -41.97
CA PRO A 228 32.58 13.57 -41.94
C PRO A 228 32.84 12.43 -40.98
N GLN A 229 33.88 11.64 -41.28
CA GLN A 229 34.22 10.38 -40.56
C GLN A 229 34.36 10.71 -39.08
N GLY A 230 34.10 9.74 -38.23
CA GLY A 230 34.09 9.89 -36.76
C GLY A 230 33.41 8.69 -36.13
N PRO A 231 33.33 8.66 -34.78
CA PRO A 231 32.73 7.54 -34.07
C PRO A 231 31.23 7.49 -34.29
N LYS A 232 30.65 6.28 -34.36
CA LYS A 232 29.19 6.08 -34.39
C LYS A 232 28.62 6.78 -33.17
N ALA A 233 27.44 7.38 -33.30
CA ALA A 233 26.81 8.19 -32.23
C ALA A 233 26.48 7.27 -31.05
N ASN A 234 26.02 6.05 -31.36
CA ASN A 234 25.56 5.09 -30.33
C ASN A 234 26.29 3.76 -30.49
N ILE A 235 27.36 3.58 -29.74
CA ILE A 235 28.26 2.39 -29.81
C ILE A 235 27.69 1.32 -28.89
N LEU A 236 27.46 0.11 -29.38
CA LEU A 236 26.79 -0.95 -28.57
C LEU A 236 27.77 -2.05 -28.16
N VAL A 237 29.07 -1.82 -28.29
CA VAL A 237 30.13 -2.85 -27.99
C VAL A 237 31.05 -2.26 -26.94
N SER A 238 31.46 -3.06 -25.98
CA SER A 238 32.38 -2.69 -24.89
C SER A 238 33.67 -3.49 -25.05
N GLY A 239 34.70 -3.18 -24.24
CA GLY A 239 35.98 -3.89 -24.22
C GLY A 239 35.79 -5.38 -24.05
N ASN A 240 34.88 -5.77 -23.16
CA ASN A 240 34.62 -7.20 -22.89
C ASN A 240 34.42 -7.96 -24.19
N GLU A 241 33.57 -7.46 -25.08
CA GLU A 241 33.14 -8.29 -26.23
C GLU A 241 34.28 -8.25 -27.25
N ILE A 242 35.05 -7.16 -27.28
CA ILE A 242 36.26 -7.06 -28.15
C ILE A 242 37.32 -8.05 -27.68
N ARG A 243 37.60 -8.07 -26.36
CA ARG A 243 38.63 -8.94 -25.77
C ARG A 243 38.27 -10.41 -26.00
N GLN A 244 37.00 -10.77 -25.87
CA GLN A 244 36.57 -12.17 -26.04
C GLN A 244 36.82 -12.59 -27.49
N PHE A 245 36.67 -11.67 -28.44
CA PHE A 245 36.99 -11.94 -29.86
C PHE A 245 38.52 -11.98 -30.01
N ALA A 246 39.24 -11.15 -29.26
CA ALA A 246 40.72 -11.14 -29.28
C ALA A 246 41.25 -12.51 -28.83
N ARG A 247 40.77 -13.01 -27.68
CA ARG A 247 41.10 -14.36 -27.14
C ARG A 247 40.97 -15.40 -28.25
N PHE A 248 39.83 -15.43 -28.92
CA PHE A 248 39.52 -16.44 -29.96
C PHE A 248 40.57 -16.34 -31.06
N MET A 249 40.91 -15.12 -31.49
CA MET A 249 41.82 -14.91 -32.64
C MET A 249 43.25 -15.26 -32.22
N THR A 250 43.69 -14.91 -31.00
CA THR A 250 45.03 -15.32 -30.52
C THR A 250 45.06 -16.88 -30.59
N GLU A 251 44.12 -17.58 -29.95
CA GLU A 251 44.12 -19.08 -29.86
C GLU A 251 44.17 -19.69 -31.26
N LYS A 252 43.44 -19.14 -32.22
CA LYS A 252 43.40 -19.69 -33.60
C LYS A 252 44.72 -19.35 -34.32
N LEU A 253 45.49 -18.39 -33.83
CA LEU A 253 46.83 -18.08 -34.40
C LEU A 253 47.89 -18.91 -33.66
N ASN A 254 47.45 -19.87 -32.84
CA ASN A 254 48.29 -20.90 -32.19
C ASN A 254 49.32 -20.19 -31.28
N VAL A 255 48.99 -18.97 -30.83
CA VAL A 255 49.93 -18.07 -30.11
C VAL A 255 49.39 -17.78 -28.71
N SER A 256 49.68 -18.65 -27.74
CA SER A 256 49.59 -18.39 -26.27
C SER A 256 50.14 -19.61 -25.51
N GLY A 263 59.60 -8.56 -15.07
CA GLY A 263 60.84 -7.78 -15.30
C GLY A 263 61.01 -7.33 -16.75
N GLU A 264 60.66 -8.21 -17.72
CA GLU A 264 60.94 -8.09 -19.17
C GLU A 264 59.83 -7.35 -19.93
N GLU A 265 59.16 -6.36 -19.33
CA GLU A 265 58.11 -5.58 -20.03
C GLU A 265 58.78 -4.59 -21.01
N TYR A 266 58.01 -4.09 -21.97
CA TYR A 266 58.54 -3.34 -23.13
C TYR A 266 57.50 -2.43 -23.80
N ILE A 267 58.04 -1.47 -24.54
CA ILE A 267 57.33 -0.53 -25.43
C ILE A 267 57.45 -1.09 -26.84
N LEU A 268 56.35 -1.19 -27.55
CA LEU A 268 56.30 -1.77 -28.91
C LEU A 268 56.09 -0.61 -29.88
N VAL A 269 56.93 -0.48 -30.90
CA VAL A 269 56.79 0.59 -31.92
C VAL A 269 56.46 -0.06 -33.25
N PHE A 270 55.28 0.27 -33.81
CA PHE A 270 54.86 -0.21 -35.14
C PHE A 270 55.61 0.61 -36.17
N SER A 271 56.40 -0.09 -36.97
CA SER A 271 57.17 0.52 -38.08
C SER A 271 56.41 0.26 -39.37
N ARG A 272 56.74 1.05 -40.39
CA ARG A 272 56.25 0.92 -41.78
C ARG A 272 57.50 0.98 -42.68
N THR A 273 57.60 0.14 -43.70
CA THR A 273 58.79 0.10 -44.59
C THR A 273 58.47 0.94 -45.83
N GLN A 274 57.22 0.92 -46.32
CA GLN A 274 56.83 1.53 -47.61
C GLN A 274 56.69 3.05 -47.48
N ASN A 275 55.63 3.51 -46.83
CA ASN A 275 55.22 4.94 -46.79
C ASN A 275 54.73 5.30 -45.38
N ARG A 276 54.42 6.57 -45.14
CA ARG A 276 53.97 7.07 -43.82
C ARG A 276 55.01 6.65 -42.77
N LEU A 277 56.28 7.00 -43.04
CA LEU A 277 57.45 6.55 -42.26
C LEU A 277 57.61 7.43 -41.02
N ILE A 278 58.23 6.86 -39.98
CA ILE A 278 58.96 7.64 -38.94
C ILE A 278 60.43 7.72 -39.39
N LEU A 279 60.83 8.87 -39.92
CA LEU A 279 62.19 9.13 -40.46
C LEU A 279 63.25 8.91 -39.37
N ASN A 280 62.96 9.24 -38.11
CA ASN A 280 63.90 9.07 -36.95
C ASN A 280 63.48 7.92 -36.02
N GLU A 281 63.22 6.74 -36.56
CA GLU A 281 62.87 5.54 -35.75
C GLU A 281 63.92 5.30 -34.66
N ALA A 282 65.20 5.19 -35.02
CA ALA A 282 66.32 4.78 -34.13
C ALA A 282 66.42 5.71 -32.91
N GLU A 283 66.27 7.03 -33.14
CA GLU A 283 66.33 8.09 -32.12
C GLU A 283 65.19 7.85 -31.12
N LEU A 284 63.98 7.65 -31.65
CA LEU A 284 62.70 7.46 -30.89
C LEU A 284 62.83 6.23 -29.99
N LEU A 285 63.31 5.10 -30.54
CA LEU A 285 63.49 3.85 -29.76
C LEU A 285 64.41 4.06 -28.55
N LEU A 286 65.45 4.88 -28.66
CA LEU A 286 66.39 5.15 -27.54
C LEU A 286 65.70 6.10 -26.55
N ALA A 287 65.12 7.18 -27.06
CA ALA A 287 64.43 8.21 -26.25
C ALA A 287 63.39 7.53 -25.36
N LEU A 288 62.57 6.64 -25.94
CA LEU A 288 61.45 5.98 -25.22
C LEU A 288 62.06 5.09 -24.14
N ALA A 289 63.01 4.24 -24.52
CA ALA A 289 63.71 3.31 -23.61
C ALA A 289 64.26 4.08 -22.40
N GLN A 290 64.95 5.19 -22.67
CA GLN A 290 65.59 6.09 -21.66
C GLN A 290 64.52 6.68 -20.75
N GLU A 291 63.48 7.26 -21.34
CA GLU A 291 62.46 8.06 -20.62
C GLU A 291 61.60 7.17 -19.73
N PHE A 292 61.24 5.97 -20.20
CA PHE A 292 60.24 5.09 -19.54
C PHE A 292 60.94 3.88 -18.89
N GLN A 293 62.28 3.80 -18.98
CA GLN A 293 63.10 2.76 -18.30
C GLN A 293 62.52 1.39 -18.64
N MET A 294 62.54 1.04 -19.92
CA MET A 294 61.80 -0.14 -20.44
C MET A 294 62.40 -0.53 -21.79
N LYS A 295 62.58 -1.83 -22.03
CA LYS A 295 63.03 -2.39 -23.33
C LYS A 295 62.16 -1.75 -24.42
N THR A 296 62.65 -1.64 -25.66
CA THR A 296 61.77 -1.28 -26.80
C THR A 296 62.05 -2.16 -28.02
N VAL A 297 60.97 -2.75 -28.53
CA VAL A 297 60.91 -3.65 -29.71
C VAL A 297 60.26 -2.84 -30.82
N THR A 298 60.56 -3.15 -32.07
CA THR A 298 59.75 -2.73 -33.24
C THR A 298 59.07 -3.99 -33.79
N VAL A 299 57.91 -3.80 -34.41
CA VAL A 299 57.14 -4.84 -35.15
C VAL A 299 56.69 -4.17 -36.45
N SER A 300 56.39 -4.97 -37.48
CA SER A 300 56.04 -4.50 -38.83
C SER A 300 55.12 -5.55 -39.48
N LEU A 301 54.03 -5.15 -40.11
CA LEU A 301 53.12 -6.12 -40.78
C LEU A 301 53.86 -6.79 -41.93
N GLU A 302 54.82 -6.09 -42.57
CA GLU A 302 55.63 -6.61 -43.72
C GLU A 302 56.64 -7.67 -43.25
N ASP A 303 57.27 -7.48 -42.09
CA ASP A 303 58.47 -8.24 -41.65
C ASP A 303 58.11 -9.32 -40.61
N HIS A 304 56.84 -9.45 -40.23
CA HIS A 304 56.40 -10.45 -39.20
C HIS A 304 55.13 -11.17 -39.67
N THR A 305 55.04 -12.47 -39.40
CA THR A 305 53.76 -13.22 -39.52
C THR A 305 52.76 -12.54 -38.58
N PHE A 306 51.47 -12.51 -38.98
CA PHE A 306 50.43 -11.82 -38.20
C PHE A 306 50.41 -12.44 -36.78
N ALA A 307 50.71 -13.73 -36.67
CA ALA A 307 50.77 -14.42 -35.37
C ALA A 307 51.84 -13.76 -34.47
N ASP A 308 53.00 -13.40 -35.05
CA ASP A 308 54.10 -12.76 -34.28
C ASP A 308 53.63 -11.39 -33.81
N VAL A 309 53.05 -10.61 -34.73
CA VAL A 309 52.47 -9.27 -34.40
C VAL A 309 51.57 -9.39 -33.17
N VAL A 310 50.67 -10.37 -33.17
CA VAL A 310 49.70 -10.52 -32.06
C VAL A 310 50.47 -10.93 -30.80
N ARG A 311 51.42 -11.88 -30.92
CA ARG A 311 52.26 -12.34 -29.77
C ARG A 311 52.85 -11.11 -29.08
N LEU A 312 53.45 -10.18 -29.87
CA LEU A 312 54.14 -8.96 -29.40
C LEU A 312 53.16 -7.93 -28.85
N VAL A 313 52.08 -7.63 -29.57
CA VAL A 313 51.11 -6.60 -29.11
C VAL A 313 50.46 -7.10 -27.81
N SER A 314 50.23 -8.40 -27.70
CA SER A 314 49.49 -9.03 -26.57
C SER A 314 50.12 -8.71 -25.21
N ASN A 315 51.45 -8.52 -25.10
CA ASN A 315 52.14 -8.28 -23.80
C ASN A 315 52.89 -6.93 -23.80
N ALA A 316 52.57 -6.02 -24.73
CA ALA A 316 53.20 -4.68 -24.79
C ALA A 316 52.59 -3.77 -23.71
N SER A 317 53.38 -2.96 -23.03
CA SER A 317 52.90 -2.03 -21.97
C SER A 317 52.53 -0.71 -22.65
N MET A 318 53.01 -0.49 -23.87
CA MET A 318 52.80 0.77 -24.61
C MET A 318 52.97 0.43 -26.10
N LEU A 319 52.12 1.01 -26.94
CA LEU A 319 52.11 0.78 -28.41
C LEU A 319 52.16 2.16 -29.06
N VAL A 320 53.25 2.40 -29.80
CA VAL A 320 53.50 3.69 -30.50
C VAL A 320 53.42 3.40 -31.99
N SER A 321 52.64 4.19 -32.73
CA SER A 321 52.42 4.00 -34.18
C SER A 321 51.92 5.29 -34.81
N MET A 322 52.30 5.51 -36.06
CA MET A 322 51.62 6.51 -36.91
C MET A 322 50.16 6.05 -37.07
N HIS A 323 49.25 7.02 -37.18
CA HIS A 323 47.85 6.77 -37.57
C HIS A 323 47.85 5.84 -38.77
N GLY A 324 47.10 4.74 -38.70
CA GLY A 324 46.93 3.81 -39.81
C GLY A 324 46.45 2.45 -39.35
N ALA A 325 46.10 1.60 -40.30
CA ALA A 325 45.39 0.33 -40.10
C ALA A 325 46.12 -0.53 -39.06
N GLN A 326 47.44 -0.46 -38.97
CA GLN A 326 48.18 -1.37 -38.06
C GLN A 326 47.75 -1.13 -36.62
N LEU A 327 47.25 0.06 -36.31
CA LEU A 327 46.85 0.42 -34.92
C LEU A 327 45.55 -0.30 -34.52
N VAL A 328 44.86 -0.94 -35.45
CA VAL A 328 43.64 -1.75 -35.12
C VAL A 328 44.06 -2.93 -34.26
N THR A 329 45.33 -3.32 -34.31
CA THR A 329 45.90 -4.36 -33.40
C THR A 329 45.84 -3.87 -31.95
N THR A 330 45.48 -2.59 -31.72
CA THR A 330 45.19 -2.05 -30.37
C THR A 330 44.27 -3.02 -29.63
N LEU A 331 43.36 -3.70 -30.33
CA LEU A 331 42.34 -4.56 -29.66
C LEU A 331 42.99 -5.79 -29.02
N PHE A 332 44.27 -6.05 -29.29
CA PHE A 332 45.02 -7.19 -28.69
C PHE A 332 45.82 -6.75 -27.44
N LEU A 333 45.98 -5.46 -27.19
CA LEU A 333 46.76 -4.95 -26.01
C LEU A 333 46.18 -5.50 -24.71
N PRO A 334 47.03 -5.79 -23.71
CA PRO A 334 46.55 -6.18 -22.39
C PRO A 334 45.88 -5.02 -21.66
N ARG A 335 45.03 -5.33 -20.67
CA ARG A 335 44.42 -4.28 -19.81
C ARG A 335 45.56 -3.44 -19.27
N GLY A 336 45.47 -2.11 -19.32
CA GLY A 336 46.40 -1.20 -18.63
C GLY A 336 47.38 -0.54 -19.57
N ALA A 337 47.71 -1.18 -20.70
CA ALA A 337 48.63 -0.66 -21.74
C ALA A 337 48.21 0.74 -22.20
N THR A 338 49.13 1.44 -22.86
CA THR A 338 48.91 2.81 -23.41
C THR A 338 49.13 2.77 -24.92
N VAL A 339 48.24 3.42 -25.67
CA VAL A 339 48.36 3.62 -27.13
C VAL A 339 48.86 5.05 -27.36
N VAL A 340 49.95 5.18 -28.12
CA VAL A 340 50.48 6.50 -28.52
C VAL A 340 50.38 6.58 -30.04
N GLU A 341 49.47 7.42 -30.51
CA GLU A 341 49.14 7.56 -31.94
C GLU A 341 49.76 8.86 -32.41
N LEU A 342 50.61 8.77 -33.44
CA LEU A 342 51.32 9.92 -34.02
C LEU A 342 50.58 10.35 -35.29
N PHE A 343 50.27 11.63 -35.43
CA PHE A 343 49.65 12.20 -36.65
C PHE A 343 50.65 13.09 -37.37
N PRO A 344 50.76 12.99 -38.70
CA PRO A 344 51.65 13.85 -39.46
C PRO A 344 51.17 15.30 -39.54
N TYR A 345 52.02 16.17 -40.09
CA TYR A 345 51.79 17.63 -40.21
C TYR A 345 50.40 17.88 -40.81
N ALA A 346 49.61 18.72 -40.17
CA ALA A 346 48.35 19.26 -40.73
C ALA A 346 47.18 18.28 -40.61
N VAL A 347 47.40 17.11 -40.01
CA VAL A 347 46.32 16.13 -39.71
C VAL A 347 45.91 16.28 -38.25
N ASN A 348 44.67 16.68 -38.01
CA ASN A 348 44.14 16.93 -36.66
C ASN A 348 43.65 15.63 -36.03
N PRO A 349 44.28 15.14 -34.95
CA PRO A 349 43.88 13.89 -34.34
C PRO A 349 42.37 13.75 -34.07
N ASP A 350 41.67 14.84 -33.74
CA ASP A 350 40.23 14.78 -33.35
C ASP A 350 39.33 14.50 -34.56
N HIS A 351 39.85 14.66 -35.78
CA HIS A 351 39.12 14.41 -37.04
C HIS A 351 39.27 12.95 -37.48
N TYR A 352 40.18 12.20 -36.86
CA TYR A 352 40.55 10.83 -37.30
C TYR A 352 40.69 9.91 -36.08
N THR A 353 39.56 9.46 -35.54
CA THR A 353 39.46 8.87 -34.18
C THR A 353 39.01 7.41 -34.16
N PRO A 354 39.29 6.55 -35.16
CA PRO A 354 38.95 5.12 -35.04
C PRO A 354 39.74 4.44 -33.90
N TYR A 355 41.04 4.69 -33.77
CA TYR A 355 41.89 3.97 -32.78
C TYR A 355 41.72 4.64 -31.41
N LYS A 356 41.54 5.96 -31.36
CA LYS A 356 41.17 6.64 -30.11
C LYS A 356 39.86 6.04 -29.57
N THR A 357 38.84 5.92 -30.43
CA THR A 357 37.51 5.43 -30.04
C THR A 357 37.64 4.02 -29.47
N LEU A 358 38.41 3.15 -30.14
CA LEU A 358 38.62 1.73 -29.74
C LEU A 358 39.30 1.68 -28.38
N ALA A 359 40.36 2.44 -28.20
CA ALA A 359 41.19 2.44 -26.97
C ALA A 359 40.33 2.93 -25.81
N MET A 360 39.46 3.90 -26.03
CA MET A 360 38.70 4.53 -24.91
C MET A 360 37.31 3.86 -24.73
N LEU A 361 36.97 2.79 -25.45
CA LEU A 361 35.72 2.02 -25.17
C LEU A 361 35.67 1.65 -23.70
N PRO A 362 34.49 1.71 -23.06
CA PRO A 362 34.34 1.15 -21.71
C PRO A 362 34.80 -0.30 -21.66
N GLY A 363 35.58 -0.66 -20.64
CA GLY A 363 36.00 -2.04 -20.40
C GLY A 363 37.22 -2.43 -21.20
N MET A 364 37.74 -1.52 -22.02
CA MET A 364 39.00 -1.75 -22.76
C MET A 364 40.16 -1.43 -21.82
N ASP A 365 39.96 -0.51 -20.88
CA ASP A 365 40.94 -0.23 -19.80
C ASP A 365 42.31 0.08 -20.46
N LEU A 366 42.32 0.84 -21.54
CA LEU A 366 43.56 1.36 -22.19
C LEU A 366 43.59 2.87 -21.96
N GLN A 367 44.79 3.44 -22.05
CA GLN A 367 45.01 4.91 -22.08
C GLN A 367 45.45 5.28 -23.49
N TYR A 368 45.11 6.50 -23.91
CA TYR A 368 45.29 6.94 -25.31
C TYR A 368 45.94 8.31 -25.30
N VAL A 369 46.99 8.44 -26.09
CA VAL A 369 47.70 9.72 -26.32
C VAL A 369 47.75 9.94 -27.82
N ALA A 370 47.37 11.14 -28.23
CA ALA A 370 47.57 11.63 -29.60
C ALA A 370 48.67 12.69 -29.60
N TRP A 371 49.66 12.50 -30.45
CA TRP A 371 50.69 13.53 -30.74
C TRP A 371 50.56 13.94 -32.21
N ARG A 372 50.72 15.24 -32.45
CA ARG A 372 50.57 15.87 -33.79
C ARG A 372 51.91 16.53 -34.14
N ASN A 373 52.46 16.25 -35.32
CA ASN A 373 53.65 16.95 -35.84
C ASN A 373 53.23 18.38 -36.18
N MET A 374 53.85 19.36 -35.52
CA MET A 374 53.43 20.77 -35.55
C MET A 374 54.45 21.61 -36.34
N MET A 375 55.56 20.99 -36.74
CA MET A 375 56.78 21.66 -37.26
C MET A 375 57.00 21.26 -38.72
N PRO A 376 56.78 22.20 -39.69
CA PRO A 376 56.91 21.88 -41.12
C PRO A 376 58.30 21.40 -41.55
N GLU A 377 59.34 21.86 -40.85
CA GLU A 377 60.72 21.38 -41.11
C GLU A 377 60.79 19.86 -40.92
N ASN A 378 59.81 19.26 -40.23
CA ASN A 378 59.88 17.86 -39.75
C ASN A 378 58.98 16.95 -40.59
N THR A 379 58.34 17.47 -41.63
CA THR A 379 57.52 16.66 -42.56
C THR A 379 58.26 16.53 -43.89
N VAL A 380 58.01 15.46 -44.63
CA VAL A 380 58.46 15.26 -46.02
C VAL A 380 57.21 14.95 -46.85
N THR A 381 56.87 15.82 -47.80
CA THR A 381 55.72 15.63 -48.71
C THR A 381 56.20 14.87 -49.94
N HIS A 382 55.26 14.35 -50.74
CA HIS A 382 55.50 13.53 -51.96
C HIS A 382 54.45 13.88 -53.01
N PRO A 383 54.43 15.13 -53.51
CA PRO A 383 53.38 15.60 -54.42
C PRO A 383 53.44 15.00 -55.82
N GLU A 384 54.56 14.34 -56.15
CA GLU A 384 54.85 13.83 -57.51
C GLU A 384 54.31 12.40 -57.63
N ARG A 385 53.82 11.80 -56.54
CA ARG A 385 53.29 10.41 -56.53
C ARG A 385 51.97 10.32 -57.26
N PRO A 386 51.53 9.12 -57.67
CA PRO A 386 50.22 8.99 -58.32
C PRO A 386 49.10 9.48 -57.37
N TRP A 387 47.98 9.94 -57.94
CA TRP A 387 46.89 10.64 -57.22
C TRP A 387 46.37 9.79 -56.04
N ASP A 388 46.39 8.47 -56.20
CA ASP A 388 45.79 7.50 -55.24
C ASP A 388 46.73 7.33 -54.04
N GLN A 389 48.01 7.76 -54.14
CA GLN A 389 49.03 7.71 -53.05
C GLN A 389 49.37 9.13 -52.56
N GLY A 390 48.47 10.08 -52.82
CA GLY A 390 48.51 11.40 -52.16
C GLY A 390 49.23 12.45 -52.99
N GLY A 391 49.59 12.12 -54.24
CA GLY A 391 50.10 13.11 -55.20
C GLY A 391 49.10 14.22 -55.47
N ILE A 392 49.57 15.39 -55.90
CA ILE A 392 48.70 16.58 -56.15
C ILE A 392 48.99 17.24 -57.51
N THR A 393 49.91 16.72 -58.32
CA THR A 393 50.31 17.37 -59.61
C THR A 393 49.17 17.23 -60.63
N HIS A 394 48.21 16.39 -60.35
CA HIS A 394 46.98 16.24 -61.19
C HIS A 394 45.95 17.35 -60.93
N LEU A 395 46.18 18.27 -59.98
CA LEU A 395 45.19 19.31 -59.61
C LEU A 395 45.58 20.65 -60.25
N ASP A 396 44.65 21.62 -60.28
CA ASP A 396 44.94 23.03 -60.66
C ASP A 396 46.20 23.47 -59.93
N ARG A 397 46.99 24.42 -60.45
CA ARG A 397 48.19 24.87 -59.70
C ARG A 397 47.72 25.75 -58.53
N ALA A 398 46.55 26.38 -58.60
CA ALA A 398 45.99 27.18 -57.47
C ALA A 398 45.60 26.28 -56.29
N GLU A 399 45.13 25.05 -56.54
CA GLU A 399 44.78 24.06 -55.48
C GLU A 399 46.07 23.53 -54.87
N GLN A 400 47.07 23.23 -55.69
CA GLN A 400 48.39 22.74 -55.20
C GLN A 400 48.93 23.77 -54.18
N ALA A 401 48.89 25.05 -54.56
CA ALA A 401 49.27 26.19 -53.70
C ALA A 401 48.48 26.10 -52.39
N ARG A 402 47.15 26.19 -52.48
CA ARG A 402 46.19 26.15 -51.35
C ARG A 402 46.53 24.99 -50.42
N ILE A 403 46.82 23.80 -50.96
CA ILE A 403 47.12 22.59 -50.15
C ILE A 403 48.43 22.77 -49.40
N LEU A 404 49.50 23.25 -50.07
CA LEU A 404 50.84 23.44 -49.43
C LEU A 404 50.75 24.55 -48.36
N GLN A 405 49.85 25.52 -48.54
CA GLN A 405 49.69 26.68 -47.59
C GLN A 405 48.85 26.25 -46.39
N SER A 406 48.07 25.17 -46.51
CA SER A 406 47.08 24.73 -45.49
C SER A 406 47.81 24.15 -44.30
N ARG A 407 47.44 24.59 -43.10
CA ARG A 407 48.10 24.19 -41.83
C ARG A 407 47.27 23.08 -41.16
N GLU A 408 46.07 22.80 -41.63
CA GLU A 408 45.20 21.72 -41.12
C GLU A 408 44.28 21.25 -42.25
N VAL A 409 44.21 19.94 -42.48
CA VAL A 409 43.28 19.32 -43.47
C VAL A 409 41.87 19.68 -43.02
N PRO A 410 41.09 20.38 -43.87
CA PRO A 410 39.69 20.67 -43.55
C PRO A 410 38.85 19.40 -43.50
N ARG A 411 37.80 19.42 -42.67
CA ARG A 411 36.87 18.26 -42.56
C ARG A 411 36.30 17.96 -43.94
N HIS A 412 35.95 16.71 -44.19
CA HIS A 412 35.59 16.26 -45.55
C HIS A 412 34.81 14.94 -45.52
N LEU A 413 34.16 14.66 -46.63
CA LEU A 413 33.44 13.39 -46.84
C LEU A 413 34.36 12.42 -47.56
N CYS A 414 33.91 11.18 -47.58
CA CYS A 414 34.54 10.03 -48.25
C CYS A 414 34.45 10.32 -49.74
N CYS A 415 35.48 9.91 -50.55
CA CYS A 415 36.52 9.05 -50.06
C CYS A 415 37.92 9.66 -50.20
N ARG A 416 38.50 9.68 -51.39
CA ARG A 416 39.97 9.86 -51.50
C ARG A 416 40.23 11.35 -51.72
N ASN A 417 39.83 12.18 -50.76
CA ASN A 417 40.06 13.65 -50.74
C ASN A 417 41.56 13.90 -50.91
N PRO A 418 41.96 14.77 -51.86
CA PRO A 418 43.37 14.86 -52.25
C PRO A 418 44.26 15.53 -51.19
N GLU A 419 43.70 16.49 -50.41
CA GLU A 419 44.45 17.13 -49.29
C GLU A 419 44.70 16.11 -48.18
N TRP A 420 43.67 15.37 -47.79
CA TRP A 420 43.80 14.28 -46.79
C TRP A 420 44.91 13.32 -47.25
N LEU A 421 44.89 12.87 -48.50
CA LEU A 421 45.87 11.86 -48.97
C LEU A 421 47.25 12.48 -49.00
N PHE A 422 47.36 13.76 -49.42
CA PHE A 422 48.66 14.46 -49.53
C PHE A 422 49.35 14.42 -48.16
N ARG A 423 48.59 14.71 -47.10
CA ARG A 423 49.10 14.85 -45.73
C ARG A 423 49.27 13.48 -45.07
N ILE A 424 48.39 12.53 -45.35
CA ILE A 424 48.43 11.25 -44.60
C ILE A 424 49.58 10.41 -45.14
N TYR A 425 50.10 10.69 -46.35
CA TYR A 425 51.20 9.89 -46.95
C TYR A 425 52.56 10.59 -46.74
N GLN A 426 52.56 11.70 -45.99
CA GLN A 426 53.79 12.38 -45.49
C GLN A 426 54.64 11.43 -44.64
N ASP A 427 55.96 11.52 -44.78
CA ASP A 427 56.94 10.92 -43.84
C ASP A 427 57.20 11.95 -42.74
N THR A 428 57.54 11.52 -41.53
CA THR A 428 57.56 12.39 -40.32
C THR A 428 58.83 12.17 -39.48
N LYS A 429 59.61 13.23 -39.25
CA LYS A 429 60.61 13.31 -38.14
C LYS A 429 59.84 13.70 -36.88
N VAL A 430 59.81 12.83 -35.89
CA VAL A 430 59.11 13.08 -34.60
C VAL A 430 60.01 13.96 -33.73
N ASP A 431 59.48 15.09 -33.25
CA ASP A 431 60.11 15.93 -32.20
C ASP A 431 60.08 15.21 -30.84
N ILE A 432 61.13 14.46 -30.50
CA ILE A 432 61.11 13.62 -29.25
C ILE A 432 60.70 14.43 -28.01
N PRO A 433 61.28 15.60 -27.71
CA PRO A 433 60.91 16.34 -26.50
C PRO A 433 59.39 16.54 -26.39
N SER A 434 58.79 16.92 -27.51
CA SER A 434 57.36 17.23 -27.68
C SER A 434 56.51 15.96 -27.47
N LEU A 435 56.92 14.84 -28.09
CA LEU A 435 56.25 13.52 -27.92
C LEU A 435 56.24 13.17 -26.43
N ILE A 436 57.41 13.20 -25.81
CA ILE A 436 57.57 12.74 -24.41
C ILE A 436 56.72 13.63 -23.49
N GLN A 437 56.68 14.93 -23.73
CA GLN A 437 55.79 15.83 -22.94
C GLN A 437 54.35 15.31 -23.05
N THR A 438 53.92 14.99 -24.28
CA THR A 438 52.51 14.64 -24.60
C THR A 438 52.16 13.33 -23.89
N ILE A 439 53.00 12.31 -24.03
CA ILE A 439 52.82 11.01 -23.35
C ILE A 439 52.71 11.25 -21.83
N ARG A 440 53.59 12.09 -21.29
CA ARG A 440 53.77 12.28 -19.82
C ARG A 440 52.54 12.96 -19.22
N ARG A 441 51.74 13.67 -20.01
CA ARG A 441 50.49 14.32 -19.54
C ARG A 441 49.45 13.26 -19.14
N VAL A 442 49.62 12.02 -19.61
CA VAL A 442 48.64 10.91 -19.40
C VAL A 442 49.29 9.79 -18.58
N VAL A 443 50.47 9.33 -18.99
CA VAL A 443 51.28 8.27 -18.32
C VAL A 443 52.22 8.94 -17.31
N LYS A 444 51.75 9.22 -16.10
CA LYS A 444 52.62 9.58 -14.95
C LYS A 444 53.11 8.24 -14.36
N GLY A 445 54.39 8.13 -14.06
CA GLY A 445 55.01 6.87 -13.57
C GLY A 445 55.23 5.89 -14.72
N ARG A 446 55.36 4.60 -14.40
CA ARG A 446 55.68 3.51 -15.37
C ARG A 446 54.39 3.08 -16.09
N PRO A 447 54.41 2.95 -17.44
CA PRO A 447 53.27 2.40 -18.17
C PRO A 447 53.10 0.89 -18.00
N GLY A 448 51.85 0.41 -18.10
CA GLY A 448 51.47 -1.01 -17.93
C GLY A 448 50.45 -1.16 -16.80
N PRO A 449 49.94 -2.40 -16.54
CA PRO A 449 48.93 -2.65 -15.51
C PRO A 449 48.83 -1.60 -14.38
N THR A 455 36.60 -3.12 -11.41
CA THR A 455 35.20 -3.60 -11.51
C THR A 455 35.07 -4.46 -12.78
N VAL A 456 33.85 -4.92 -13.08
CA VAL A 456 33.40 -5.24 -14.46
C VAL A 456 32.54 -4.06 -14.95
N GLY A 457 32.00 -3.24 -14.02
CA GLY A 457 31.19 -2.04 -14.35
C GLY A 457 29.69 -2.34 -14.39
N LEU A 458 29.17 -3.00 -13.34
CA LEU A 458 27.76 -3.44 -13.19
C LEU A 458 26.90 -2.24 -12.84
N TYR A 459 25.70 -2.15 -13.42
CA TYR A 459 24.67 -1.17 -13.01
C TYR A 459 23.87 -1.74 -11.86
N PRO A 460 23.41 -0.88 -10.92
CA PRO A 460 22.47 -1.27 -9.89
C PRO A 460 21.09 -1.72 -10.42
N GLY A 461 20.37 -2.47 -9.57
CA GLY A 461 18.94 -2.75 -9.75
C GLY A 461 18.09 -1.55 -9.38
N LYS A 462 16.77 -1.72 -9.52
CA LYS A 462 15.79 -0.76 -8.97
C LYS A 462 15.96 -0.70 -7.45
N VAL A 463 15.80 0.47 -6.85
CA VAL A 463 15.47 0.53 -5.39
C VAL A 463 14.12 -0.17 -5.22
N ARG A 464 13.88 -0.77 -4.07
CA ARG A 464 12.71 -1.64 -3.81
C ARG A 464 11.86 -1.06 -2.68
N GLU A 465 10.55 -1.28 -2.76
CA GLU A 465 9.58 -0.96 -1.68
C GLU A 465 9.70 0.52 -1.34
N ALA A 466 9.82 1.38 -2.35
CA ALA A 466 9.83 2.84 -2.17
C ALA A 466 8.52 3.26 -1.49
N ARG A 467 8.62 3.84 -0.29
CA ARG A 467 7.49 4.39 0.51
C ARG A 467 7.67 5.90 0.59
N CYS A 468 6.59 6.65 0.71
CA CYS A 468 6.63 8.07 1.16
C CYS A 468 5.48 8.36 2.13
N GLN A 469 5.52 9.52 2.80
CA GLN A 469 4.80 9.78 4.10
C GLN A 469 4.97 11.25 4.50
N ALA A 470 3.92 11.93 4.93
CA ALA A 470 3.96 13.36 5.35
C ALA A 470 3.68 13.48 6.86
N SER A 471 3.58 14.70 7.42
CA SER A 471 3.45 14.96 8.88
C SER A 471 2.03 15.40 9.28
N VAL A 472 1.52 16.53 8.76
CA VAL A 472 0.17 17.12 9.05
C VAL A 472 0.21 18.62 8.70
N SER A 476 2.03 21.80 11.59
CA SER A 476 2.56 23.18 11.81
C SER A 476 3.54 23.55 10.68
N GLU A 477 4.32 22.58 10.17
CA GLU A 477 5.23 22.73 8.98
C GLU A 477 5.34 21.40 8.22
N ALA A 478 5.47 21.45 6.88
CA ALA A 478 5.33 20.31 5.94
C ALA A 478 6.63 19.49 5.82
N ARG A 479 6.57 18.18 6.08
CA ARG A 479 7.76 17.27 6.06
C ARG A 479 7.43 16.03 5.23
N LEU A 480 8.19 15.77 4.16
CA LEU A 480 7.99 14.64 3.23
C LEU A 480 9.12 13.62 3.45
N THR A 481 8.77 12.42 3.91
CA THR A 481 9.74 11.34 4.20
C THR A 481 9.64 10.29 3.10
N VAL A 482 10.77 9.97 2.48
CA VAL A 482 10.90 8.97 1.39
C VAL A 482 11.91 7.92 1.83
N SER A 483 11.60 6.65 1.64
CA SER A 483 12.48 5.52 2.04
C SER A 483 12.40 4.41 0.99
N TRP A 484 13.38 3.52 0.99
CA TRP A 484 13.49 2.40 0.02
C TRP A 484 14.50 1.37 0.54
N GLN A 485 14.36 0.13 0.13
CA GLN A 485 15.37 -0.93 0.37
C GLN A 485 16.46 -0.79 -0.69
N ILE A 486 17.70 -1.20 -0.37
CA ILE A 486 18.81 -1.24 -1.37
C ILE A 486 18.34 -2.07 -2.56
N PRO A 487 18.87 -1.83 -3.79
CA PRO A 487 18.59 -2.69 -4.93
C PRO A 487 18.97 -4.14 -4.62
N TRP A 488 18.20 -5.10 -5.13
CA TRP A 488 18.42 -6.53 -4.79
C TRP A 488 19.88 -6.91 -4.99
N ASN A 489 20.48 -6.57 -6.14
CA ASN A 489 21.84 -7.03 -6.51
C ASN A 489 22.88 -6.41 -5.59
N LEU A 490 22.58 -5.32 -4.88
CA LEU A 490 23.57 -4.65 -3.97
C LEU A 490 23.94 -5.59 -2.83
N LYS A 491 22.99 -6.39 -2.35
CA LYS A 491 23.18 -7.42 -1.29
C LYS A 491 24.42 -8.27 -1.55
N TYR A 492 24.72 -8.62 -2.81
CA TYR A 492 25.80 -9.59 -3.18
C TYR A 492 27.00 -8.86 -3.82
N LEU A 493 27.25 -7.62 -3.43
CA LEU A 493 28.11 -6.68 -4.21
C LEU A 493 28.88 -5.75 -3.25
N LYS A 494 30.18 -5.57 -3.49
CA LYS A 494 31.00 -4.55 -2.77
C LYS A 494 31.34 -3.43 -3.77
N VAL A 495 30.75 -2.25 -3.59
CA VAL A 495 30.91 -1.07 -4.48
C VAL A 495 31.51 0.05 -3.64
N ARG A 496 32.52 0.77 -4.14
CA ARG A 496 33.21 1.83 -3.37
C ARG A 496 32.16 2.89 -2.99
N GLU A 497 31.73 3.75 -3.92
CA GLU A 497 30.71 4.80 -3.70
C GLU A 497 29.34 4.26 -4.14
N VAL A 498 28.34 4.32 -3.25
CA VAL A 498 26.91 3.99 -3.53
C VAL A 498 26.04 5.17 -3.06
N LYS A 499 25.52 5.95 -4.00
CA LYS A 499 24.60 7.08 -3.72
C LYS A 499 23.21 6.73 -4.28
N TYR A 500 22.20 7.53 -3.95
CA TYR A 500 20.82 7.47 -4.45
C TYR A 500 20.48 8.86 -4.98
N GLU A 501 19.94 8.94 -6.18
CA GLU A 501 19.46 10.21 -6.78
C GLU A 501 17.94 10.21 -6.61
N VAL A 502 17.40 11.29 -6.07
CA VAL A 502 15.95 11.50 -5.85
C VAL A 502 15.55 12.74 -6.64
N TRP A 503 14.59 12.61 -7.55
CA TRP A 503 13.97 13.75 -8.28
C TRP A 503 12.62 14.04 -7.61
N LEU A 504 12.32 15.32 -7.37
CA LEU A 504 11.12 15.83 -6.67
C LEU A 504 10.41 16.82 -7.58
N GLN A 505 9.27 16.45 -8.15
CA GLN A 505 8.44 17.33 -9.00
C GLN A 505 7.12 17.58 -8.27
N GLU A 506 6.82 18.85 -7.97
CA GLU A 506 5.44 19.28 -7.64
C GLU A 506 4.56 19.00 -8.86
N GLN A 507 3.51 18.18 -8.69
CA GLN A 507 2.53 17.87 -9.77
C GLN A 507 2.02 19.19 -10.36
N GLY A 508 1.99 19.30 -11.69
CA GLY A 508 1.61 20.53 -12.41
C GLY A 508 2.82 21.19 -13.06
N GLU A 509 3.86 21.49 -12.28
CA GLU A 509 5.14 22.10 -12.75
C GLU A 509 5.89 21.09 -13.64
N ASN A 510 6.95 21.52 -14.34
CA ASN A 510 7.92 20.62 -15.02
C ASN A 510 9.29 20.69 -14.33
N THR A 511 9.54 21.68 -13.47
CA THR A 511 10.72 21.74 -12.57
C THR A 511 10.86 20.38 -11.87
N TYR A 512 11.97 19.69 -12.11
CA TYR A 512 12.51 18.61 -11.24
C TYR A 512 13.52 19.27 -10.29
N VAL A 513 13.71 18.70 -9.10
CA VAL A 513 14.73 19.17 -8.12
C VAL A 513 15.53 17.94 -7.72
N PRO A 514 16.78 17.79 -8.20
CA PRO A 514 17.56 16.59 -7.91
C PRO A 514 18.21 16.67 -6.52
N TYR A 515 18.54 15.51 -5.94
CA TYR A 515 19.27 15.35 -4.67
C TYR A 515 20.14 14.10 -4.76
N ILE A 516 21.42 14.17 -4.40
CA ILE A 516 22.28 12.97 -4.25
C ILE A 516 22.41 12.69 -2.75
N LEU A 517 21.84 11.59 -2.25
CA LEU A 517 21.88 11.16 -0.82
C LEU A 517 22.77 9.92 -0.72
N ALA A 518 23.33 9.63 0.45
CA ALA A 518 24.14 8.40 0.68
C ALA A 518 23.28 7.35 1.39
N LEU A 519 22.17 7.75 2.02
CA LEU A 519 21.38 6.86 2.92
C LEU A 519 20.07 6.49 2.23
N GLN A 520 19.34 5.53 2.78
CA GLN A 520 18.18 4.87 2.12
C GLN A 520 16.87 5.52 2.59
N ASN A 521 16.96 6.71 3.16
CA ASN A 521 15.89 7.27 4.01
C ASN A 521 16.22 8.74 4.14
N HIS A 522 15.34 9.62 3.68
CA HIS A 522 15.54 11.09 3.73
C HIS A 522 14.22 11.80 4.00
N THR A 523 14.26 12.92 4.71
CA THR A 523 13.07 13.77 5.05
C THR A 523 13.29 15.18 4.50
N PHE A 524 12.50 15.54 3.50
CA PHE A 524 12.52 16.85 2.80
C PHE A 524 11.70 17.84 3.65
N THR A 525 12.30 18.98 3.97
CA THR A 525 11.71 20.08 4.81
C THR A 525 11.63 21.32 3.92
N GLU A 526 12.76 21.71 3.33
CA GLU A 526 12.95 22.94 2.50
C GLU A 526 12.04 22.98 1.28
N ASN A 527 11.34 24.08 1.03
CA ASN A 527 10.50 24.34 -0.18
C ASN A 527 9.31 23.39 -0.28
N ILE A 528 9.15 22.46 0.66
CA ILE A 528 8.00 21.51 0.70
C ILE A 528 6.79 22.29 1.22
N LYS A 529 5.72 22.36 0.40
CA LYS A 529 4.50 23.13 0.71
C LYS A 529 3.47 22.16 1.29
N PRO A 530 2.63 22.57 2.27
CA PRO A 530 1.51 21.75 2.70
C PRO A 530 0.45 21.66 1.59
N PHE A 531 -0.47 20.69 1.71
CA PHE A 531 -1.66 20.46 0.83
C PHE A 531 -1.24 20.49 -0.64
N THR A 532 -0.17 19.76 -0.97
CA THR A 532 0.40 19.65 -2.34
C THR A 532 0.67 18.18 -2.65
N THR A 533 0.69 17.86 -3.95
CA THR A 533 1.01 16.51 -4.49
C THR A 533 2.39 16.56 -5.11
N TYR A 534 3.31 15.72 -4.63
CA TYR A 534 4.71 15.59 -5.11
C TYR A 534 4.87 14.25 -5.83
N LEU A 535 5.45 14.27 -7.03
CA LEU A 535 5.94 13.05 -7.72
C LEU A 535 7.40 12.84 -7.35
N VAL A 536 7.78 11.61 -6.98
CA VAL A 536 9.13 11.27 -6.46
C VAL A 536 9.70 10.09 -7.25
N TRP A 537 10.73 10.35 -8.05
CA TRP A 537 11.54 9.29 -8.72
C TRP A 537 12.81 9.02 -7.90
N VAL A 538 13.31 7.79 -7.92
CA VAL A 538 14.52 7.39 -7.14
C VAL A 538 15.31 6.35 -7.93
N ARG A 539 16.62 6.58 -8.04
CA ARG A 539 17.53 5.58 -8.65
C ARG A 539 18.81 5.50 -7.85
N CYS A 540 19.48 4.37 -7.93
CA CYS A 540 20.77 4.09 -7.26
C CYS A 540 21.91 4.43 -8.24
N ILE A 541 23.04 4.92 -7.73
CA ILE A 541 24.23 5.26 -8.55
C ILE A 541 25.46 4.55 -7.94
N PHE A 542 26.16 3.77 -8.75
CA PHE A 542 27.48 3.18 -8.40
C PHE A 542 28.59 4.08 -8.96
N ASN A 543 29.48 4.56 -8.08
CA ASN A 543 30.75 5.25 -8.44
C ASN A 543 30.45 6.44 -9.38
N LYS A 544 29.49 7.29 -9.00
CA LYS A 544 29.17 8.58 -9.65
C LYS A 544 28.55 8.41 -11.04
N ILE A 545 28.98 7.42 -11.84
CA ILE A 545 28.76 7.39 -13.32
C ILE A 545 27.83 6.24 -13.75
N LEU A 546 27.69 5.17 -12.98
CA LEU A 546 26.78 4.04 -13.31
C LEU A 546 25.37 4.31 -12.77
N LEU A 547 24.52 4.98 -13.56
CA LEU A 547 23.13 5.34 -13.22
C LEU A 547 22.24 4.12 -13.45
N GLY A 548 21.65 3.61 -12.36
CA GLY A 548 20.66 2.52 -12.37
C GLY A 548 19.29 3.00 -12.84
N PRO A 549 18.36 2.05 -13.03
CA PRO A 549 16.99 2.36 -13.43
C PRO A 549 16.23 3.04 -12.29
N PHE A 550 15.28 3.88 -12.69
CA PHE A 550 14.28 4.50 -11.78
C PHE A 550 13.23 3.47 -11.38
N ALA A 551 12.81 3.45 -10.12
CA ALA A 551 11.64 2.67 -9.66
C ALA A 551 10.37 3.34 -10.18
N ASP A 552 9.24 2.65 -10.04
CA ASP A 552 7.90 3.24 -10.29
C ASP A 552 7.79 4.54 -9.47
N VAL A 553 7.32 5.61 -10.10
CA VAL A 553 7.07 6.92 -9.45
C VAL A 553 6.20 6.75 -8.20
N LEU A 554 6.45 7.54 -7.15
CA LEU A 554 5.58 7.64 -5.95
C LEU A 554 4.75 8.91 -6.09
N VAL A 555 3.45 8.82 -5.80
CA VAL A 555 2.61 10.03 -5.59
C VAL A 555 2.45 10.21 -4.09
N CYS A 556 2.84 11.39 -3.60
CA CYS A 556 2.96 11.72 -2.16
C CYS A 556 2.18 13.00 -1.90
N ASN A 557 1.36 13.01 -0.84
CA ASN A 557 0.52 14.19 -0.51
C ASN A 557 1.02 14.77 0.81
N THR A 558 1.14 16.09 0.86
CA THR A 558 1.43 16.89 2.08
C THR A 558 0.12 17.59 2.50
N ASP B 30 26.42 -33.15 -16.73
CA ASP B 30 26.61 -33.19 -15.25
C ASP B 30 26.09 -31.87 -14.65
N TYR B 31 25.75 -31.88 -13.37
CA TYR B 31 25.50 -30.65 -12.57
C TYR B 31 26.85 -29.99 -12.22
N PRO B 32 27.83 -30.70 -11.61
CA PRO B 32 29.07 -30.06 -11.18
C PRO B 32 29.84 -29.44 -12.36
N LYS B 33 29.66 -30.02 -13.56
CA LYS B 33 30.16 -29.47 -14.86
C LYS B 33 29.47 -28.12 -15.12
N ALA B 34 28.16 -28.13 -15.36
CA ALA B 34 27.34 -26.92 -15.58
C ALA B 34 27.71 -25.85 -14.55
N LEU B 35 27.70 -26.18 -13.26
CA LEU B 35 27.89 -25.18 -12.17
C LEU B 35 29.25 -24.48 -12.33
N GLN B 36 30.28 -25.15 -12.86
CA GLN B 36 31.62 -24.52 -12.99
C GLN B 36 31.58 -23.59 -14.22
N ILE B 37 31.12 -24.11 -15.37
CA ILE B 37 30.95 -23.32 -16.63
C ILE B 37 30.34 -21.97 -16.26
N LEU B 38 29.32 -21.98 -15.40
CA LEU B 38 28.58 -20.77 -14.95
C LEU B 38 29.44 -19.96 -13.97
N MET B 39 30.08 -20.60 -12.99
CA MET B 39 30.73 -19.93 -11.83
C MET B 39 31.98 -19.17 -12.30
N GLU B 40 32.65 -19.65 -13.34
CA GLU B 40 33.89 -18.99 -13.85
C GLU B 40 33.59 -18.31 -15.20
N GLY B 41 32.85 -18.98 -16.10
CA GLY B 41 32.53 -18.48 -17.46
C GLY B 41 31.57 -17.29 -17.47
N GLY B 42 30.42 -17.43 -16.82
CA GLY B 42 29.41 -16.37 -16.69
C GLY B 42 28.34 -16.47 -17.77
N THR B 43 27.37 -15.56 -17.74
CA THR B 43 26.28 -15.42 -18.73
C THR B 43 26.87 -14.90 -20.06
N HIS B 44 26.30 -15.32 -21.18
CA HIS B 44 26.72 -14.96 -22.56
C HIS B 44 25.45 -14.50 -23.29
N MET B 45 25.39 -13.24 -23.73
CA MET B 45 24.20 -12.64 -24.38
C MET B 45 24.57 -12.05 -25.74
N VAL B 46 23.92 -12.51 -26.81
CA VAL B 46 24.08 -11.98 -28.18
C VAL B 46 22.68 -11.78 -28.78
N CYS B 47 22.34 -10.54 -29.14
CA CYS B 47 20.98 -10.12 -29.52
C CYS B 47 20.99 -9.47 -30.90
N THR B 48 19.94 -9.72 -31.66
CA THR B 48 19.72 -9.17 -33.02
C THR B 48 18.74 -8.01 -32.87
N GLY B 49 18.99 -6.89 -33.52
CA GLY B 49 18.13 -5.69 -33.49
C GLY B 49 18.83 -4.47 -32.93
N ARG B 50 18.42 -3.30 -33.43
CA ARG B 50 18.99 -1.96 -33.16
C ARG B 50 18.36 -1.38 -31.88
N THR B 51 17.04 -1.54 -31.66
CA THR B 51 16.32 -1.00 -30.48
C THR B 51 15.57 -2.10 -29.71
N HIS B 52 14.96 -1.76 -28.57
CA HIS B 52 14.24 -2.74 -27.71
C HIS B 52 12.99 -3.25 -28.43
N THR B 53 12.50 -2.51 -29.42
CA THR B 53 11.23 -2.76 -30.13
C THR B 53 11.37 -3.98 -31.03
N ASP B 54 12.57 -4.24 -31.57
CA ASP B 54 12.81 -5.30 -32.58
C ASP B 54 13.90 -6.27 -32.09
N ARG B 55 14.19 -6.32 -30.80
CA ARG B 55 15.36 -7.12 -30.31
C ARG B 55 14.90 -8.53 -29.94
N ILE B 56 15.63 -9.56 -30.35
CA ILE B 56 15.51 -10.96 -29.83
C ILE B 56 16.90 -11.36 -29.35
N CYS B 57 17.03 -11.81 -28.10
CA CYS B 57 18.34 -12.15 -27.47
C CYS B 57 18.52 -13.66 -27.36
N ARG B 58 19.68 -14.16 -27.74
CA ARG B 58 20.14 -15.53 -27.40
C ARG B 58 21.06 -15.48 -26.19
N PHE B 59 20.65 -16.07 -25.07
CA PHE B 59 21.44 -16.16 -23.82
C PHE B 59 21.97 -17.59 -23.64
N LYS B 60 23.11 -17.71 -22.94
CA LYS B 60 23.61 -18.92 -22.24
C LYS B 60 23.86 -18.55 -20.79
N TRP B 61 23.43 -19.39 -19.84
CA TRP B 61 23.67 -19.21 -18.39
C TRP B 61 23.05 -17.88 -17.94
N LEU B 62 21.85 -17.59 -18.46
CA LEU B 62 20.93 -16.55 -17.91
C LEU B 62 20.16 -17.19 -16.77
N CYS B 63 20.08 -16.51 -15.64
CA CYS B 63 19.52 -17.06 -14.38
C CYS B 63 18.34 -16.19 -13.94
N TYR B 64 17.49 -16.76 -13.11
CA TYR B 64 16.24 -16.14 -12.59
C TYR B 64 16.15 -16.43 -11.09
N SER B 65 16.11 -15.39 -10.27
CA SER B 65 15.84 -15.53 -8.82
C SER B 65 14.33 -15.47 -8.60
N ASN B 66 13.74 -16.55 -8.08
CA ASN B 66 12.30 -16.60 -7.70
C ASN B 66 12.07 -15.72 -6.46
N GLU B 67 13.06 -15.59 -5.57
CA GLU B 67 13.00 -14.64 -4.42
C GLU B 67 12.81 -13.23 -4.99
N ALA B 68 13.76 -12.77 -5.80
CA ALA B 68 13.86 -11.38 -6.27
C ALA B 68 12.87 -11.11 -7.40
N GLU B 69 12.40 -12.15 -8.11
CA GLU B 69 11.47 -12.07 -9.27
C GLU B 69 12.18 -11.27 -10.36
N GLU B 70 13.41 -11.65 -10.66
CA GLU B 70 14.38 -10.82 -11.43
C GLU B 70 15.34 -11.74 -12.18
N PHE B 71 15.50 -11.56 -13.49
CA PHE B 71 16.53 -12.27 -14.29
C PHE B 71 17.91 -11.70 -13.93
N ILE B 72 18.92 -12.56 -14.03
CA ILE B 72 20.30 -12.26 -13.55
C ILE B 72 21.30 -12.56 -14.68
N PHE B 73 22.13 -11.58 -15.00
CA PHE B 73 23.33 -11.74 -15.88
C PHE B 73 24.53 -11.81 -14.95
N PHE B 74 25.22 -12.96 -14.97
CA PHE B 74 26.44 -13.22 -14.17
C PHE B 74 27.67 -12.92 -15.03
N HIS B 75 28.43 -11.89 -14.67
CA HIS B 75 29.73 -11.55 -15.31
C HIS B 75 30.80 -12.57 -14.86
N GLY B 76 31.23 -13.42 -15.79
CA GLY B 76 32.40 -14.29 -15.65
C GLY B 76 33.49 -13.87 -16.62
N ASN B 77 34.39 -14.78 -16.95
CA ASN B 77 35.64 -14.44 -17.68
C ASN B 77 35.46 -14.79 -19.17
N THR B 78 34.43 -15.56 -19.55
CA THR B 78 33.99 -15.75 -20.97
C THR B 78 32.76 -14.88 -21.29
N SER B 79 32.27 -14.10 -20.32
CA SER B 79 30.94 -13.46 -20.44
C SER B 79 30.97 -12.31 -21.47
N VAL B 80 29.93 -12.29 -22.31
CA VAL B 80 29.71 -11.40 -23.47
C VAL B 80 28.33 -10.72 -23.32
N MET B 81 28.23 -9.43 -23.59
CA MET B 81 26.97 -8.67 -23.48
C MET B 81 26.86 -7.72 -24.69
N LEU B 82 26.31 -8.26 -25.75
CA LEU B 82 26.10 -7.62 -27.07
C LEU B 82 24.60 -7.55 -27.34
N PRO B 83 23.92 -6.39 -27.34
CA PRO B 83 24.55 -5.09 -27.15
C PRO B 83 24.92 -4.78 -25.70
N ASN B 84 25.95 -3.94 -25.53
CA ASN B 84 26.28 -3.30 -24.24
C ASN B 84 25.73 -1.87 -24.30
N LEU B 85 24.55 -1.66 -23.73
CA LEU B 85 23.83 -0.38 -23.84
C LEU B 85 24.23 0.50 -22.66
N GLY B 86 25.12 0.01 -21.80
CA GLY B 86 25.32 0.60 -20.47
C GLY B 86 23.94 0.91 -19.89
N SER B 87 23.70 2.18 -19.63
CA SER B 87 22.55 2.70 -18.85
C SER B 87 21.33 2.89 -19.76
N ARG B 88 21.48 2.71 -21.07
CA ARG B 88 20.34 2.79 -22.02
C ARG B 88 19.61 1.45 -21.98
N ARG B 89 20.17 0.47 -21.26
CA ARG B 89 19.49 -0.84 -21.08
C ARG B 89 18.17 -0.60 -20.32
N PHE B 90 18.11 0.46 -19.52
CA PHE B 90 16.95 0.85 -18.69
C PHE B 90 16.11 1.96 -19.33
N GLN B 91 16.22 2.21 -20.63
CA GLN B 91 15.49 3.34 -21.24
C GLN B 91 14.78 2.88 -22.50
N PRO B 92 13.66 2.12 -22.38
CA PRO B 92 13.11 1.69 -21.10
C PRO B 92 13.50 0.28 -20.68
N ALA B 93 14.05 -0.52 -21.59
CA ALA B 93 14.31 -1.95 -21.37
C ALA B 93 15.25 -2.50 -22.45
N LEU B 94 15.75 -3.72 -22.24
CA LEU B 94 16.61 -4.41 -23.23
C LEU B 94 15.77 -4.87 -24.41
N LEU B 95 14.57 -5.39 -24.13
CA LEU B 95 13.73 -6.28 -25.00
C LEU B 95 12.25 -6.04 -24.74
N ASP B 96 11.42 -6.40 -25.71
CA ASP B 96 9.97 -6.60 -25.52
C ASP B 96 9.69 -8.11 -25.48
N LEU B 97 9.18 -8.59 -24.35
CA LEU B 97 8.72 -9.99 -24.08
C LEU B 97 7.37 -10.24 -24.77
N SER B 98 6.51 -9.23 -24.84
CA SER B 98 5.19 -9.25 -25.54
C SER B 98 5.29 -8.46 -26.83
N THR B 99 4.44 -8.81 -27.79
CA THR B 99 4.29 -8.02 -29.03
C THR B 99 3.46 -6.76 -28.75
N VAL B 100 2.73 -6.73 -27.63
CA VAL B 100 1.73 -5.67 -27.33
C VAL B 100 2.44 -4.53 -26.60
N GLU B 101 2.55 -3.38 -27.25
CA GLU B 101 3.25 -2.19 -26.70
C GLU B 101 2.37 -1.46 -25.69
N ASP B 102 2.28 -1.99 -24.46
CA ASP B 102 1.48 -1.44 -23.33
C ASP B 102 2.36 -0.70 -22.32
N HIS B 103 3.69 -0.69 -22.52
CA HIS B 103 4.73 -0.04 -21.67
C HIS B 103 4.71 -0.64 -20.26
N ASN B 104 4.73 -1.98 -20.13
CA ASN B 104 4.62 -2.69 -18.83
C ASN B 104 4.92 -4.21 -18.97
N THR B 105 3.95 -5.07 -19.33
CA THR B 105 4.24 -6.53 -19.58
C THR B 105 5.30 -6.64 -20.67
N GLN B 106 5.42 -5.65 -21.56
CA GLN B 106 6.29 -5.84 -22.75
C GLN B 106 7.75 -5.99 -22.29
N TYR B 107 8.16 -5.43 -21.15
CA TYR B 107 9.58 -5.14 -20.88
C TYR B 107 10.28 -6.31 -20.21
N PHE B 108 11.41 -6.71 -20.77
CA PHE B 108 12.39 -7.65 -20.20
C PHE B 108 13.65 -6.88 -19.81
N ASN B 109 14.16 -7.15 -18.63
CA ASN B 109 15.44 -6.59 -18.15
C ASN B 109 16.08 -7.58 -17.19
N PHE B 110 17.38 -7.46 -16.99
CA PHE B 110 18.09 -8.30 -16.01
C PHE B 110 18.80 -7.36 -15.05
N VAL B 111 19.43 -7.96 -14.06
CA VAL B 111 20.15 -7.30 -12.97
C VAL B 111 21.53 -7.99 -12.99
N GLU B 112 22.59 -7.26 -12.70
CA GLU B 112 23.96 -7.81 -12.92
C GLU B 112 24.57 -8.24 -11.58
N LEU B 113 25.25 -9.39 -11.59
CA LEU B 113 26.18 -9.83 -10.52
C LEU B 113 27.45 -10.39 -11.13
N PRO B 114 28.53 -10.44 -10.34
CA PRO B 114 29.70 -11.23 -10.69
C PRO B 114 29.41 -12.69 -10.41
N ALA B 115 29.84 -13.58 -11.31
CA ALA B 115 29.61 -15.05 -11.21
C ALA B 115 30.15 -15.53 -9.87
N ALA B 116 31.27 -14.96 -9.42
CA ALA B 116 31.82 -15.13 -8.06
C ALA B 116 30.67 -15.19 -7.03
N ALA B 117 29.72 -14.27 -7.08
CA ALA B 117 28.68 -14.07 -6.03
C ALA B 117 27.78 -15.30 -5.89
N LEU B 118 27.84 -16.28 -6.79
CA LEU B 118 27.06 -17.55 -6.66
C LEU B 118 27.40 -18.26 -5.34
N ARG B 119 28.64 -18.13 -4.86
CA ARG B 119 29.14 -18.69 -3.57
C ARG B 119 28.25 -18.25 -2.40
N PHE B 120 27.79 -16.99 -2.37
CA PHE B 120 26.97 -16.42 -1.26
C PHE B 120 25.46 -16.65 -1.53
N MET B 121 25.11 -17.52 -2.48
CA MET B 121 23.72 -17.65 -3.02
C MET B 121 23.32 -19.12 -3.07
N PRO B 122 22.00 -19.42 -3.05
CA PRO B 122 21.50 -20.79 -3.17
C PRO B 122 22.11 -21.57 -4.35
N LYS B 123 21.91 -22.88 -4.33
CA LYS B 123 22.46 -23.79 -5.36
C LYS B 123 21.55 -23.64 -6.58
N PRO B 124 22.08 -23.22 -7.75
CA PRO B 124 21.28 -23.17 -8.97
C PRO B 124 20.61 -24.52 -9.31
N VAL B 125 19.38 -24.47 -9.83
CA VAL B 125 18.71 -25.56 -10.60
C VAL B 125 18.86 -25.25 -12.10
N PHE B 126 19.38 -26.17 -12.88
CA PHE B 126 19.68 -25.91 -14.31
C PHE B 126 18.50 -26.37 -15.16
N VAL B 127 17.96 -25.51 -16.00
CA VAL B 127 17.04 -25.92 -17.10
C VAL B 127 17.94 -26.40 -18.24
N PRO B 128 17.91 -27.71 -18.56
CA PRO B 128 18.82 -28.27 -19.56
C PRO B 128 18.40 -28.01 -21.02
N ASP B 129 17.12 -28.18 -21.35
CA ASP B 129 16.57 -27.98 -22.73
C ASP B 129 16.49 -26.48 -23.05
N VAL B 130 16.63 -26.14 -24.32
CA VAL B 130 16.64 -24.74 -24.82
C VAL B 130 15.24 -24.15 -24.63
N ALA B 131 15.19 -22.89 -24.18
CA ALA B 131 13.95 -22.17 -23.76
C ALA B 131 13.63 -21.03 -24.71
N LEU B 132 12.35 -20.76 -24.93
CA LEU B 132 11.89 -19.46 -25.47
C LEU B 132 11.05 -18.78 -24.39
N ILE B 133 11.50 -17.64 -23.92
CA ILE B 133 10.89 -16.89 -22.79
C ILE B 133 10.11 -15.70 -23.37
N ALA B 134 8.80 -15.68 -23.19
CA ALA B 134 7.93 -14.61 -23.71
C ALA B 134 6.84 -14.27 -22.68
N ASN B 135 6.10 -13.19 -22.95
CA ASN B 135 4.87 -12.81 -22.20
C ASN B 135 3.67 -12.87 -23.12
N ARG B 136 2.56 -13.31 -22.54
CA ARG B 136 1.23 -13.38 -23.17
C ARG B 136 0.46 -12.14 -22.72
N PHE B 137 -0.12 -11.38 -23.65
CA PHE B 137 -0.85 -10.15 -23.26
C PHE B 137 -2.17 -10.52 -22.57
N ASN B 138 -2.92 -11.47 -23.12
CA ASN B 138 -4.27 -11.83 -22.63
C ASN B 138 -4.67 -13.22 -23.12
N PRO B 139 -4.23 -14.30 -22.45
CA PRO B 139 -4.47 -15.64 -22.93
C PRO B 139 -5.90 -16.18 -22.70
N ASP B 140 -6.81 -15.28 -22.31
CA ASP B 140 -8.28 -15.54 -22.19
C ASP B 140 -9.04 -15.09 -23.44
N ASN B 141 -8.41 -14.35 -24.35
CA ASN B 141 -9.05 -13.77 -25.56
C ASN B 141 -8.46 -14.39 -26.83
N LEU B 142 -9.28 -14.97 -27.69
CA LEU B 142 -8.80 -15.73 -28.87
C LEU B 142 -8.02 -14.83 -29.85
N MET B 143 -8.41 -13.57 -30.00
CA MET B 143 -7.75 -12.63 -30.95
C MET B 143 -6.35 -12.39 -30.40
N HIS B 144 -6.27 -11.99 -29.13
CA HIS B 144 -4.99 -11.74 -28.43
C HIS B 144 -4.12 -13.00 -28.57
N VAL B 145 -4.68 -14.16 -28.29
CA VAL B 145 -3.88 -15.42 -28.28
C VAL B 145 -3.26 -15.62 -29.67
N PHE B 146 -4.03 -15.49 -30.74
CA PHE B 146 -3.53 -15.78 -32.10
C PHE B 146 -2.60 -14.67 -32.58
N HIS B 147 -3.01 -13.42 -32.40
CA HIS B 147 -2.36 -12.24 -33.04
C HIS B 147 -1.06 -11.87 -32.31
N ASP B 148 -1.10 -11.94 -30.98
CA ASP B 148 -0.08 -11.40 -30.05
C ASP B 148 1.00 -12.44 -29.71
N ASP B 149 0.62 -13.73 -29.75
CA ASP B 149 1.34 -14.83 -29.06
C ASP B 149 1.60 -15.98 -30.07
N LEU B 150 0.57 -16.65 -30.60
CA LEU B 150 0.77 -17.90 -31.38
C LEU B 150 1.54 -17.63 -32.67
N LEU B 151 1.11 -16.68 -33.48
CA LEU B 151 1.77 -16.39 -34.78
C LEU B 151 3.18 -15.87 -34.54
N PRO B 152 3.39 -14.90 -33.62
CA PRO B 152 4.73 -14.53 -33.19
C PRO B 152 5.57 -15.71 -32.71
N LEU B 153 5.10 -16.49 -31.73
CA LEU B 153 5.86 -17.69 -31.23
C LEU B 153 6.20 -18.57 -32.43
N PHE B 154 5.26 -18.79 -33.35
CA PHE B 154 5.44 -19.75 -34.47
C PHE B 154 6.68 -19.32 -35.26
N TYR B 155 6.75 -18.05 -35.63
CA TYR B 155 7.78 -17.53 -36.57
C TYR B 155 9.03 -17.09 -35.81
N THR B 156 8.92 -16.74 -34.54
CA THR B 156 10.11 -16.47 -33.69
C THR B 156 10.93 -17.76 -33.56
N LEU B 157 10.27 -18.88 -33.26
CA LEU B 157 10.92 -20.22 -33.16
C LEU B 157 11.62 -20.50 -34.48
N ARG B 158 11.01 -20.16 -35.62
CA ARG B 158 11.53 -20.58 -36.95
C ARG B 158 12.63 -19.61 -37.42
N GLN B 159 13.00 -18.63 -36.59
CA GLN B 159 14.07 -17.66 -36.89
C GLN B 159 15.43 -18.30 -36.59
N PHE B 160 15.47 -19.24 -35.64
CA PHE B 160 16.70 -19.84 -35.08
C PHE B 160 16.68 -21.35 -35.30
N PRO B 161 17.70 -21.95 -35.95
CA PRO B 161 17.70 -23.39 -36.24
C PRO B 161 17.57 -24.25 -34.97
N GLY B 162 16.75 -25.31 -35.04
CA GLY B 162 16.48 -26.20 -33.90
C GLY B 162 15.22 -25.81 -33.16
N LEU B 163 15.19 -24.61 -32.57
CA LEU B 163 14.13 -24.13 -31.66
C LEU B 163 12.74 -24.75 -31.91
N ALA B 164 12.25 -24.74 -33.16
CA ALA B 164 10.86 -25.15 -33.52
C ALA B 164 10.48 -26.45 -32.81
N HIS B 165 11.32 -27.47 -32.92
CA HIS B 165 11.00 -28.87 -32.52
C HIS B 165 11.59 -29.18 -31.15
N GLU B 166 12.47 -28.32 -30.56
CA GLU B 166 13.23 -28.63 -29.32
C GLU B 166 12.86 -27.70 -28.16
N ALA B 167 12.24 -26.57 -28.42
CA ALA B 167 12.13 -25.46 -27.43
C ALA B 167 10.99 -25.75 -26.47
N ARG B 168 11.19 -25.51 -25.18
CA ARG B 168 10.14 -25.41 -24.13
C ARG B 168 9.81 -23.93 -23.93
N LEU B 169 8.54 -23.53 -24.06
CA LEU B 169 8.11 -22.12 -23.85
C LEU B 169 7.98 -21.85 -22.34
N PHE B 170 8.49 -20.71 -21.88
CA PHE B 170 8.29 -20.18 -20.51
C PHE B 170 7.51 -18.86 -20.60
N PHE B 171 6.32 -18.81 -20.00
CA PHE B 171 5.43 -17.63 -19.98
C PHE B 171 5.59 -16.93 -18.64
N MET B 172 6.21 -15.75 -18.63
CA MET B 172 6.65 -15.06 -17.39
C MET B 172 5.69 -13.93 -17.03
N GLU B 173 4.63 -13.70 -17.81
CA GLU B 173 3.71 -12.55 -17.56
C GLU B 173 2.96 -12.79 -16.23
N GLY B 174 2.65 -14.04 -15.90
CA GLY B 174 2.11 -14.40 -14.58
C GLY B 174 0.60 -14.57 -14.61
N TRP B 175 0.02 -14.88 -15.76
CA TRP B 175 -1.36 -15.41 -15.91
C TRP B 175 -1.31 -16.92 -15.70
N GLY B 176 -2.47 -17.55 -15.47
CA GLY B 176 -2.61 -19.01 -15.50
C GLY B 176 -2.64 -19.51 -16.93
N GLU B 177 -2.95 -20.79 -17.13
CA GLU B 177 -3.08 -21.41 -18.47
C GLU B 177 -4.06 -20.55 -19.29
N GLY B 178 -5.12 -20.08 -18.63
CA GLY B 178 -6.23 -19.36 -19.27
C GLY B 178 -7.03 -20.26 -20.19
N ALA B 179 -8.06 -19.70 -20.82
CA ALA B 179 -9.09 -20.44 -21.57
C ALA B 179 -8.52 -21.18 -22.78
N HIS B 180 -7.29 -20.91 -23.25
CA HIS B 180 -6.85 -21.43 -24.58
C HIS B 180 -5.49 -22.12 -24.52
N PHE B 181 -5.07 -22.54 -23.33
CA PHE B 181 -3.76 -23.20 -23.11
C PHE B 181 -3.54 -24.37 -24.08
N ASP B 182 -4.60 -25.08 -24.47
CA ASP B 182 -4.51 -26.25 -25.39
C ASP B 182 -3.81 -25.81 -26.69
N LEU B 183 -4.03 -24.55 -27.11
CA LEU B 183 -3.52 -23.98 -28.39
C LEU B 183 -2.03 -23.65 -28.24
N TYR B 184 -1.65 -23.03 -27.13
CA TYR B 184 -0.23 -22.73 -26.82
C TYR B 184 0.56 -24.04 -26.88
N LYS B 185 0.00 -25.09 -26.29
CA LYS B 185 0.65 -26.41 -26.18
C LYS B 185 0.90 -27.01 -27.58
N LEU B 186 0.27 -26.50 -28.63
CA LEU B 186 0.45 -27.08 -30.00
C LEU B 186 1.74 -26.57 -30.65
N LEU B 187 2.45 -25.62 -30.03
CA LEU B 187 3.59 -24.94 -30.69
C LEU B 187 4.86 -25.72 -30.48
N SER B 188 5.28 -25.92 -29.22
CA SER B 188 6.39 -26.85 -28.88
C SER B 188 5.80 -28.23 -28.62
N PRO B 189 6.60 -29.32 -28.70
CA PRO B 189 6.14 -30.63 -28.27
C PRO B 189 6.41 -30.79 -26.76
N LYS B 190 6.98 -29.77 -26.12
CA LYS B 190 7.28 -29.76 -24.68
C LYS B 190 6.25 -28.89 -23.94
N GLN B 191 5.85 -29.35 -22.77
CA GLN B 191 4.84 -28.74 -21.88
C GLN B 191 5.31 -27.35 -21.48
N PRO B 192 4.64 -26.26 -21.91
CA PRO B 192 5.04 -24.93 -21.49
C PRO B 192 4.87 -24.75 -19.97
N LEU B 193 5.72 -23.94 -19.36
CA LEU B 193 5.75 -23.62 -17.90
C LEU B 193 5.28 -22.19 -17.69
N LEU B 194 4.59 -21.93 -16.58
CA LEU B 194 4.15 -20.57 -16.17
C LEU B 194 5.00 -20.14 -14.98
N ARG B 195 4.96 -18.86 -14.64
CA ARG B 195 5.84 -18.28 -13.59
C ARG B 195 5.50 -18.97 -12.26
N ALA B 196 4.22 -19.16 -11.96
CA ALA B 196 3.72 -19.85 -10.74
C ALA B 196 4.48 -21.17 -10.51
N GLN B 197 4.65 -21.95 -11.56
CA GLN B 197 5.29 -23.29 -11.54
C GLN B 197 6.82 -23.14 -11.36
N LEU B 198 7.41 -22.01 -11.75
CA LEU B 198 8.87 -21.81 -11.56
C LEU B 198 9.17 -21.73 -10.06
N LYS B 199 8.32 -21.05 -9.27
CA LYS B 199 8.55 -20.80 -7.82
C LYS B 199 8.86 -22.13 -7.11
N THR B 200 8.16 -23.20 -7.47
CA THR B 200 8.32 -24.56 -6.87
C THR B 200 9.70 -25.14 -7.22
N LEU B 201 10.21 -24.93 -8.44
CA LEU B 201 11.42 -25.60 -9.01
C LEU B 201 12.70 -25.31 -8.20
N GLY B 202 12.72 -24.29 -7.34
CA GLY B 202 13.93 -23.89 -6.60
C GLY B 202 13.98 -22.38 -6.42
N ARG B 203 14.97 -21.89 -5.68
CA ARG B 203 15.08 -20.45 -5.31
C ARG B 203 15.84 -19.69 -6.40
N LEU B 204 16.54 -20.43 -7.29
CA LEU B 204 17.50 -19.88 -8.28
C LEU B 204 17.59 -20.84 -9.47
N LEU B 205 17.04 -20.42 -10.61
CA LEU B 205 16.96 -21.16 -11.88
C LEU B 205 18.00 -20.61 -12.85
N CYS B 206 18.70 -21.44 -13.60
CA CYS B 206 19.62 -21.00 -14.69
C CYS B 206 19.29 -21.74 -15.97
N PHE B 207 19.02 -21.00 -17.03
CA PHE B 207 18.80 -21.58 -18.37
C PHE B 207 20.18 -21.73 -19.00
N SER B 208 20.53 -22.94 -19.42
CA SER B 208 21.78 -23.22 -20.14
C SER B 208 21.75 -22.53 -21.50
N HIS B 209 20.55 -22.35 -22.05
CA HIS B 209 20.33 -21.86 -23.44
C HIS B 209 18.89 -21.36 -23.52
N ALA B 210 18.70 -20.06 -23.70
CA ALA B 210 17.40 -19.38 -23.69
C ALA B 210 17.35 -18.32 -24.78
N PHE B 211 16.29 -18.30 -25.58
CA PHE B 211 15.92 -17.13 -26.42
C PHE B 211 14.84 -16.34 -25.70
N VAL B 212 14.90 -15.02 -25.82
CA VAL B 212 14.02 -14.06 -25.09
C VAL B 212 13.55 -12.99 -26.06
N GLY B 213 12.24 -12.74 -26.08
CA GLY B 213 11.58 -11.80 -27.00
C GLY B 213 10.81 -12.53 -28.07
N LEU B 214 9.97 -11.81 -28.82
CA LEU B 214 9.10 -12.33 -29.90
C LEU B 214 9.15 -11.34 -31.07
N SER B 215 9.32 -11.82 -32.29
CA SER B 215 9.16 -10.95 -33.47
C SER B 215 7.76 -10.31 -33.44
N LYS B 216 7.67 -9.03 -33.77
CA LYS B 216 6.39 -8.34 -34.02
C LYS B 216 6.08 -8.35 -35.54
N ILE B 217 6.86 -9.06 -36.35
CA ILE B 217 6.76 -8.99 -37.83
C ILE B 217 5.37 -9.46 -38.30
N THR B 218 4.74 -10.41 -37.60
CA THR B 218 3.43 -11.01 -37.99
C THR B 218 2.22 -10.20 -37.48
N THR B 219 2.41 -9.10 -36.77
CA THR B 219 1.30 -8.28 -36.21
C THR B 219 0.71 -7.38 -37.30
N TRP B 220 -0.58 -7.06 -37.20
CA TRP B 220 -1.29 -6.19 -38.19
C TRP B 220 -2.16 -5.17 -37.46
N TYR B 221 -2.26 -5.25 -36.13
CA TYR B 221 -3.24 -4.47 -35.35
C TYR B 221 -2.60 -3.97 -34.06
N GLN B 222 -3.08 -2.81 -33.60
CA GLN B 222 -2.68 -2.21 -32.30
C GLN B 222 -3.96 -1.78 -31.58
N TYR B 223 -3.99 -2.05 -30.28
CA TYR B 223 -5.25 -2.03 -29.48
C TYR B 223 -5.49 -0.66 -28.84
N GLY B 224 -4.82 0.38 -29.32
CA GLY B 224 -5.08 1.78 -28.98
C GLY B 224 -4.57 2.21 -27.60
N PHE B 225 -3.33 1.90 -27.23
CA PHE B 225 -2.71 2.42 -25.98
C PHE B 225 -2.34 3.90 -26.09
N VAL B 226 -1.89 4.38 -27.25
CA VAL B 226 -1.41 5.79 -27.41
C VAL B 226 -2.42 6.59 -28.24
N GLN B 227 -2.67 6.18 -29.49
CA GLN B 227 -3.76 6.72 -30.32
C GLN B 227 -4.82 5.60 -30.46
N PRO B 228 -6.07 5.89 -30.88
CA PRO B 228 -7.13 4.90 -30.86
C PRO B 228 -6.83 3.69 -31.73
N GLN B 229 -7.40 2.54 -31.35
CA GLN B 229 -7.09 1.20 -31.91
C GLN B 229 -7.32 1.28 -33.42
N GLY B 230 -6.61 0.44 -34.15
CA GLY B 230 -6.60 0.44 -35.63
C GLY B 230 -5.43 -0.40 -36.17
N PRO B 231 -5.31 -0.55 -37.49
CA PRO B 231 -4.25 -1.34 -38.09
C PRO B 231 -2.88 -0.69 -37.92
N LYS B 232 -1.83 -1.49 -37.74
CA LYS B 232 -0.43 -1.02 -37.77
C LYS B 232 -0.22 -0.32 -39.12
N ALA B 233 0.56 0.75 -39.12
CA ALA B 233 0.75 1.64 -40.30
C ALA B 233 1.49 0.85 -41.39
N ASN B 234 2.46 0.03 -40.99
CA ASN B 234 3.33 -0.75 -41.90
C ASN B 234 3.27 -2.22 -41.52
N ILE B 235 2.39 -2.98 -42.19
CA ILE B 235 2.15 -4.41 -41.90
C ILE B 235 3.16 -5.22 -42.71
N LEU B 236 3.92 -6.10 -42.08
CA LEU B 236 5.02 -6.82 -42.77
C LEU B 236 4.67 -8.30 -43.00
N VAL B 237 3.42 -8.69 -42.87
CA VAL B 237 2.97 -10.11 -43.03
C VAL B 237 1.90 -10.14 -44.11
N SER B 238 1.93 -11.15 -44.98
CA SER B 238 0.94 -11.37 -46.05
C SER B 238 0.12 -12.64 -45.74
N GLY B 239 -0.93 -12.92 -46.54
CA GLY B 239 -1.76 -14.13 -46.40
C GLY B 239 -0.92 -15.38 -46.44
N ASN B 240 0.07 -15.44 -47.31
CA ASN B 240 0.94 -16.62 -47.46
C ASN B 240 1.44 -17.06 -46.07
N GLU B 241 1.96 -16.13 -45.28
CA GLU B 241 2.70 -16.54 -44.06
C GLU B 241 1.63 -16.88 -43.01
N ILE B 242 0.46 -16.26 -43.08
CA ILE B 242 -0.69 -16.58 -42.19
C ILE B 242 -1.19 -17.99 -42.51
N ARG B 243 -1.38 -18.30 -43.78
CA ARG B 243 -1.91 -19.61 -44.24
C ARG B 243 -0.95 -20.73 -43.87
N GLN B 244 0.35 -20.50 -44.01
CA GLN B 244 1.35 -21.52 -43.67
C GLN B 244 1.26 -21.84 -42.18
N PHE B 245 0.97 -20.84 -41.35
CA PHE B 245 0.74 -21.04 -39.90
C PHE B 245 -0.59 -21.75 -39.70
N ALA B 246 -1.60 -21.43 -40.51
CA ALA B 246 -2.92 -22.07 -40.44
C ALA B 246 -2.78 -23.57 -40.71
N ARG B 247 -2.10 -23.95 -41.80
CA ARG B 247 -1.82 -25.37 -42.16
C ARG B 247 -1.24 -26.09 -40.94
N PHE B 248 -0.23 -25.52 -40.31
CA PHE B 248 0.48 -26.15 -39.17
C PHE B 248 -0.53 -26.40 -38.05
N MET B 249 -1.38 -25.41 -37.75
CA MET B 249 -2.32 -25.47 -36.61
C MET B 249 -3.45 -26.46 -36.94
N THR B 250 -3.94 -26.52 -38.19
CA THR B 250 -4.96 -27.52 -38.56
C THR B 250 -4.33 -28.89 -38.29
N GLU B 251 -3.14 -29.21 -38.84
CA GLU B 251 -2.49 -30.56 -38.72
C GLU B 251 -2.32 -30.92 -37.24
N LYS B 252 -1.94 -29.97 -36.39
CA LYS B 252 -1.72 -30.23 -34.94
C LYS B 252 -3.08 -30.41 -34.24
N LEU B 253 -4.18 -29.98 -34.84
CA LEU B 253 -5.54 -30.20 -34.29
C LEU B 253 -6.09 -31.52 -34.84
N ASN B 254 -5.26 -32.29 -35.55
CA ASN B 254 -5.57 -33.67 -36.04
C ASN B 254 -6.76 -33.59 -37.00
N VAL B 255 -7.01 -32.43 -37.60
CA VAL B 255 -8.26 -32.12 -38.37
C VAL B 255 -7.85 -31.74 -39.80
N SER B 256 -7.67 -32.72 -40.69
CA SER B 256 -7.15 -32.48 -42.06
C SER B 256 -7.36 -33.70 -42.96
N GLY B 263 -20.78 -30.08 -54.33
CA GLY B 263 -22.22 -29.96 -54.00
C GLY B 263 -22.50 -29.42 -52.59
N GLU B 264 -21.71 -29.83 -51.59
CA GLU B 264 -22.03 -29.77 -50.13
C GLU B 264 -21.52 -28.47 -49.46
N GLU B 265 -21.35 -27.37 -50.20
CA GLU B 265 -20.76 -26.13 -49.62
C GLU B 265 -21.82 -25.41 -48.78
N TYR B 266 -21.38 -24.50 -47.91
CA TYR B 266 -22.23 -23.93 -46.84
C TYR B 266 -21.72 -22.56 -46.34
N ILE B 267 -22.66 -21.85 -45.72
CA ILE B 267 -22.45 -20.59 -44.98
C ILE B 267 -22.35 -20.95 -43.50
N LEU B 268 -21.33 -20.46 -42.82
CA LEU B 268 -21.08 -20.80 -41.40
C LEU B 268 -21.41 -19.55 -40.59
N VAL B 269 -22.27 -19.67 -39.59
CA VAL B 269 -22.69 -18.52 -38.74
C VAL B 269 -22.19 -18.78 -37.33
N PHE B 270 -21.37 -17.88 -36.80
CA PHE B 270 -20.87 -17.92 -35.39
C PHE B 270 -22.01 -17.48 -34.48
N SER B 271 -22.46 -18.40 -33.64
CA SER B 271 -23.49 -18.19 -32.61
C SER B 271 -22.79 -17.95 -31.29
N ARG B 272 -23.51 -17.34 -30.35
CA ARG B 272 -23.11 -17.02 -28.96
C ARG B 272 -24.29 -17.42 -28.09
N THR B 273 -24.05 -18.04 -26.94
CA THR B 273 -25.13 -18.52 -26.04
C THR B 273 -25.33 -17.46 -24.95
N GLN B 274 -24.25 -16.86 -24.44
CA GLN B 274 -24.29 -15.98 -23.22
C GLN B 274 -24.79 -14.59 -23.60
N ASN B 275 -23.95 -13.81 -24.29
CA ASN B 275 -24.15 -12.37 -24.54
C ASN B 275 -23.75 -12.04 -25.99
N ARG B 276 -23.97 -10.79 -26.41
CA ARG B 276 -23.68 -10.31 -27.79
C ARG B 276 -24.39 -11.24 -28.76
N LEU B 277 -25.69 -11.44 -28.54
CA LEU B 277 -26.53 -12.40 -29.29
C LEU B 277 -26.98 -11.78 -30.62
N ILE B 278 -27.26 -12.65 -31.58
CA ILE B 278 -28.19 -12.39 -32.71
C ILE B 278 -29.57 -12.89 -32.26
N LEU B 279 -30.44 -11.95 -31.88
CA LEU B 279 -31.81 -12.23 -31.38
C LEU B 279 -32.62 -13.02 -32.41
N ASN B 280 -32.43 -12.77 -33.70
CA ASN B 280 -33.16 -13.46 -34.81
C ASN B 280 -32.26 -14.43 -35.58
N GLU B 281 -31.53 -15.31 -34.89
CA GLU B 281 -30.66 -16.33 -35.54
C GLU B 281 -31.47 -17.10 -36.60
N ALA B 282 -32.60 -17.70 -36.24
CA ALA B 282 -33.39 -18.63 -37.08
C ALA B 282 -33.77 -17.99 -38.41
N GLU B 283 -34.23 -16.73 -38.36
CA GLU B 283 -34.67 -15.91 -39.51
C GLU B 283 -33.48 -15.75 -40.47
N LEU B 284 -32.33 -15.33 -39.89
CA LEU B 284 -31.06 -15.05 -40.61
C LEU B 284 -30.58 -16.31 -41.34
N LEU B 285 -30.55 -17.46 -40.65
CA LEU B 285 -30.09 -18.75 -41.22
C LEU B 285 -30.94 -19.13 -42.44
N LEU B 286 -32.26 -18.85 -42.42
CA LEU B 286 -33.16 -19.21 -43.55
C LEU B 286 -32.94 -18.22 -44.68
N ALA B 287 -32.93 -16.93 -44.36
CA ALA B 287 -32.73 -15.83 -45.32
C ALA B 287 -31.46 -16.10 -46.12
N LEU B 288 -30.36 -16.44 -45.43
CA LEU B 288 -29.02 -16.60 -46.04
C LEU B 288 -29.10 -17.83 -46.95
N ALA B 289 -29.61 -18.95 -46.43
CA ALA B 289 -29.78 -20.22 -47.17
C ALA B 289 -30.52 -19.95 -48.47
N GLN B 290 -31.65 -19.24 -48.40
CA GLN B 290 -32.53 -18.96 -49.55
C GLN B 290 -31.81 -18.01 -50.52
N GLU B 291 -31.18 -16.97 -50.02
CA GLU B 291 -30.58 -15.87 -50.84
C GLU B 291 -29.36 -16.40 -51.59
N PHE B 292 -28.52 -17.22 -50.95
CA PHE B 292 -27.21 -17.67 -51.48
C PHE B 292 -27.27 -19.15 -51.90
N GLN B 293 -28.44 -19.80 -51.80
CA GLN B 293 -28.73 -21.14 -52.36
C GLN B 293 -27.70 -22.13 -51.84
N MET B 294 -27.65 -22.31 -50.52
CA MET B 294 -26.50 -22.94 -49.82
C MET B 294 -26.94 -23.33 -48.41
N LYS B 295 -26.55 -24.53 -47.97
CA LYS B 295 -26.73 -25.06 -46.60
C LYS B 295 -26.21 -23.98 -45.66
N THR B 296 -26.72 -23.92 -44.43
CA THR B 296 -26.15 -23.02 -43.39
C THR B 296 -26.05 -23.75 -42.06
N VAL B 297 -24.84 -23.75 -41.52
CA VAL B 297 -24.41 -24.39 -40.25
C VAL B 297 -24.19 -23.25 -39.26
N THR B 298 -24.40 -23.51 -37.97
CA THR B 298 -23.91 -22.62 -36.89
C THR B 298 -22.76 -23.35 -36.20
N VAL B 299 -21.83 -22.57 -35.65
CA VAL B 299 -20.69 -23.03 -34.81
C VAL B 299 -20.63 -22.09 -33.62
N SER B 300 -20.04 -22.52 -32.52
CA SER B 300 -20.02 -21.80 -31.22
C SER B 300 -18.74 -22.16 -30.47
N LEU B 301 -18.00 -21.19 -29.95
CA LEU B 301 -16.77 -21.51 -29.18
C LEU B 301 -17.16 -22.29 -27.91
N GLU B 302 -18.34 -22.03 -27.33
CA GLU B 302 -18.85 -22.73 -26.11
C GLU B 302 -19.21 -24.20 -26.39
N ASP B 303 -19.82 -24.51 -27.54
CA ASP B 303 -20.50 -25.81 -27.80
C ASP B 303 -19.66 -26.70 -28.71
N HIS B 304 -18.46 -26.27 -29.12
CA HIS B 304 -17.58 -27.07 -30.00
C HIS B 304 -16.14 -27.04 -29.47
N THR B 305 -15.45 -28.17 -29.55
CA THR B 305 -13.98 -28.22 -29.39
C THR B 305 -13.39 -27.31 -30.46
N PHE B 306 -12.28 -26.64 -30.14
CA PHE B 306 -11.63 -25.68 -31.07
C PHE B 306 -11.31 -26.43 -32.37
N ALA B 307 -10.98 -27.72 -32.28
CA ALA B 307 -10.68 -28.54 -33.48
C ALA B 307 -11.92 -28.59 -34.39
N ASP B 308 -13.12 -28.71 -33.82
CA ASP B 308 -14.38 -28.75 -34.62
C ASP B 308 -14.59 -27.41 -35.30
N VAL B 309 -14.44 -26.32 -34.54
CA VAL B 309 -14.52 -24.93 -35.06
C VAL B 309 -13.62 -24.82 -36.30
N VAL B 310 -12.38 -25.28 -36.20
CA VAL B 310 -11.43 -25.15 -37.32
C VAL B 310 -11.89 -26.04 -38.47
N ARG B 311 -12.33 -27.26 -38.18
CA ARG B 311 -12.87 -28.20 -39.23
C ARG B 311 -13.92 -27.47 -40.06
N LEU B 312 -14.88 -26.81 -39.39
CA LEU B 312 -16.03 -26.09 -40.00
C LEU B 312 -15.58 -24.81 -40.71
N VAL B 313 -14.76 -23.98 -40.06
CA VAL B 313 -14.31 -22.71 -40.70
C VAL B 313 -13.47 -23.04 -41.93
N SER B 314 -12.69 -24.13 -41.88
CA SER B 314 -11.70 -24.51 -42.92
C SER B 314 -12.35 -24.67 -44.29
N ASN B 315 -13.62 -25.10 -44.37
CA ASN B 315 -14.30 -25.38 -45.67
C ASN B 315 -15.55 -24.53 -45.85
N ALA B 316 -15.72 -23.46 -45.07
CA ALA B 316 -16.87 -22.54 -45.17
C ALA B 316 -16.69 -21.63 -46.38
N SER B 317 -17.76 -21.35 -47.13
CA SER B 317 -17.72 -20.43 -48.29
C SER B 317 -17.92 -19.01 -47.80
N MET B 318 -18.47 -18.86 -46.60
CA MET B 318 -18.88 -17.55 -46.04
C MET B 318 -18.91 -17.75 -44.53
N LEU B 319 -18.42 -16.75 -43.79
CA LEU B 319 -18.36 -16.77 -42.31
C LEU B 319 -19.04 -15.48 -41.82
N VAL B 320 -20.14 -15.66 -41.10
CA VAL B 320 -20.97 -14.54 -40.57
C VAL B 320 -20.82 -14.55 -39.06
N SER B 321 -20.51 -13.41 -38.47
CA SER B 321 -20.29 -13.29 -37.00
C SER B 321 -20.49 -11.85 -36.54
N MET B 322 -20.98 -11.68 -35.32
CA MET B 322 -20.86 -10.39 -34.60
C MET B 322 -19.37 -10.12 -34.38
N HIS B 323 -18.99 -8.85 -34.42
CA HIS B 323 -17.62 -8.39 -34.06
C HIS B 323 -17.25 -9.06 -32.74
N GLY B 324 -16.10 -9.71 -32.69
CA GLY B 324 -15.58 -10.36 -31.47
C GLY B 324 -14.42 -11.29 -31.81
N ALA B 325 -13.72 -11.73 -30.77
CA ALA B 325 -12.51 -12.57 -30.86
C ALA B 325 -12.78 -13.80 -31.73
N GLN B 326 -14.02 -14.31 -31.80
CA GLN B 326 -14.25 -15.58 -32.55
C GLN B 326 -13.87 -15.38 -34.02
N LEU B 327 -13.92 -14.15 -34.51
CA LEU B 327 -13.72 -13.87 -35.96
C LEU B 327 -12.23 -13.97 -36.32
N VAL B 328 -11.33 -14.09 -35.33
CA VAL B 328 -9.88 -14.31 -35.62
C VAL B 328 -9.71 -15.67 -36.29
N THR B 329 -10.68 -16.59 -36.13
CA THR B 329 -10.73 -17.87 -36.89
C THR B 329 -10.83 -17.59 -38.40
N THR B 330 -11.07 -16.34 -38.81
CA THR B 330 -11.01 -15.90 -40.22
C THR B 330 -9.73 -16.47 -40.86
N LEU B 331 -8.63 -16.58 -40.11
CA LEU B 331 -7.32 -16.94 -40.71
C LEU B 331 -7.35 -18.39 -41.18
N PHE B 332 -8.37 -19.17 -40.84
CA PHE B 332 -8.52 -20.58 -41.25
C PHE B 332 -9.41 -20.73 -42.50
N LEU B 333 -10.12 -19.67 -42.92
CA LEU B 333 -11.01 -19.73 -44.12
C LEU B 333 -10.22 -20.13 -45.35
N PRO B 334 -10.84 -20.88 -46.27
CA PRO B 334 -10.21 -21.18 -47.55
C PRO B 334 -10.08 -19.96 -48.45
N ARG B 335 -9.16 -19.99 -49.41
CA ARG B 335 -9.02 -18.93 -50.45
C ARG B 335 -10.41 -18.77 -51.06
N GLY B 336 -10.90 -17.53 -51.20
CA GLY B 336 -12.14 -17.22 -51.94
C GLY B 336 -13.33 -16.98 -51.03
N ALA B 337 -13.34 -17.52 -49.80
CA ALA B 337 -14.43 -17.34 -48.82
C ALA B 337 -14.70 -15.86 -48.56
N THR B 338 -15.84 -15.55 -47.96
CA THR B 338 -16.26 -14.16 -47.62
C THR B 338 -16.49 -14.09 -46.11
N VAL B 339 -15.98 -13.03 -45.48
CA VAL B 339 -16.22 -12.73 -44.05
C VAL B 339 -17.31 -11.66 -43.98
N VAL B 340 -18.35 -11.95 -43.19
CA VAL B 340 -19.42 -10.96 -42.93
C VAL B 340 -19.42 -10.63 -41.45
N GLU B 341 -19.00 -9.42 -41.12
CA GLU B 341 -18.86 -8.95 -39.72
C GLU B 341 -20.02 -8.01 -39.42
N LEU B 342 -20.79 -8.34 -38.39
CA LEU B 342 -21.96 -7.56 -37.94
C LEU B 342 -21.54 -6.70 -36.75
N PHE B 343 -21.84 -5.40 -36.78
CA PHE B 343 -21.57 -4.49 -35.64
C PHE B 343 -22.89 -4.05 -35.01
N PRO B 344 -23.00 -4.07 -33.67
CA PRO B 344 -24.23 -3.64 -33.01
C PRO B 344 -24.43 -2.12 -33.05
N TYR B 345 -25.60 -1.66 -32.60
CA TYR B 345 -26.00 -0.23 -32.65
C TYR B 345 -24.89 0.65 -32.07
N ALA B 346 -24.49 1.69 -32.79
CA ALA B 346 -23.62 2.77 -32.29
C ALA B 346 -22.14 2.38 -32.34
N VAL B 347 -21.81 1.17 -32.79
CA VAL B 347 -20.40 0.74 -33.02
C VAL B 347 -20.06 0.89 -34.50
N ASN B 348 -19.12 1.76 -34.82
CA ASN B 348 -18.76 2.13 -36.21
C ASN B 348 -17.71 1.16 -36.73
N PRO B 349 -18.02 0.32 -37.74
CA PRO B 349 -17.08 -0.67 -38.23
C PRO B 349 -15.66 -0.14 -38.47
N ASP B 350 -15.50 1.10 -38.91
CA ASP B 350 -14.18 1.65 -39.34
C ASP B 350 -13.29 1.94 -38.14
N HIS B 351 -13.86 1.99 -36.93
CA HIS B 351 -13.12 2.21 -35.66
C HIS B 351 -12.62 0.89 -35.07
N TYR B 352 -13.07 -0.25 -35.59
CA TYR B 352 -12.81 -1.60 -35.00
C TYR B 352 -12.49 -2.60 -36.11
N THR B 353 -11.27 -2.55 -36.65
CA THR B 353 -10.90 -3.19 -37.93
C THR B 353 -9.85 -4.30 -37.82
N PRO B 354 -9.72 -5.07 -36.72
CA PRO B 354 -8.77 -6.19 -36.69
C PRO B 354 -9.11 -7.29 -37.71
N TYR B 355 -10.38 -7.68 -37.84
CA TYR B 355 -10.80 -8.80 -38.71
C TYR B 355 -10.87 -8.28 -40.15
N LYS B 356 -11.31 -7.06 -40.35
CA LYS B 356 -11.26 -6.42 -41.68
C LYS B 356 -9.82 -6.43 -42.18
N THR B 357 -8.88 -5.98 -41.34
CA THR B 357 -7.45 -5.85 -41.71
C THR B 357 -6.91 -7.22 -42.12
N LEU B 358 -7.22 -8.26 -41.32
CA LEU B 358 -6.76 -9.65 -41.52
C LEU B 358 -7.28 -10.18 -42.86
N ALA B 359 -8.57 -10.01 -43.09
CA ALA B 359 -9.28 -10.56 -44.27
C ALA B 359 -8.71 -9.90 -45.51
N MET B 360 -8.39 -8.62 -45.44
CA MET B 360 -8.00 -7.86 -46.65
C MET B 360 -6.47 -7.84 -46.85
N LEU B 361 -5.67 -8.50 -45.99
CA LEU B 361 -4.21 -8.65 -46.23
C LEU B 361 -3.97 -9.17 -47.64
N PRO B 362 -2.96 -8.66 -48.37
CA PRO B 362 -2.56 -9.26 -49.64
C PRO B 362 -2.29 -10.76 -49.48
N GLY B 363 -2.79 -11.57 -50.40
CA GLY B 363 -2.52 -13.03 -50.46
C GLY B 363 -3.45 -13.82 -49.56
N MET B 364 -4.33 -13.14 -48.84
CA MET B 364 -5.35 -13.82 -48.03
C MET B 364 -6.51 -14.21 -48.95
N ASP B 365 -6.73 -13.46 -50.02
CA ASP B 365 -7.74 -13.82 -51.07
C ASP B 365 -9.09 -14.06 -50.39
N LEU B 366 -9.45 -13.25 -49.40
CA LEU B 366 -10.80 -13.22 -48.78
C LEU B 366 -11.48 -11.93 -49.20
N GLN B 367 -12.80 -11.93 -49.15
CA GLN B 367 -13.69 -10.76 -49.33
C GLN B 367 -14.27 -10.43 -47.95
N TYR B 368 -14.46 -9.14 -47.66
CA TYR B 368 -14.90 -8.67 -46.32
C TYR B 368 -16.09 -7.73 -46.48
N VAL B 369 -17.12 -7.99 -45.69
CA VAL B 369 -18.33 -7.14 -45.63
C VAL B 369 -18.53 -6.75 -44.17
N ALA B 370 -18.76 -5.47 -43.94
CA ALA B 370 -19.17 -4.93 -42.63
C ALA B 370 -20.62 -4.47 -42.73
N TRP B 371 -21.45 -4.96 -41.82
CA TRP B 371 -22.82 -4.45 -41.63
C TRP B 371 -22.96 -3.84 -40.23
N ARG B 372 -23.68 -2.74 -40.16
CA ARG B 372 -23.91 -1.93 -38.93
C ARG B 372 -25.40 -1.91 -38.62
N ASN B 373 -25.80 -2.28 -37.41
CA ASN B 373 -27.19 -2.08 -36.93
C ASN B 373 -27.42 -0.59 -36.73
N MET B 374 -28.35 -0.03 -37.49
CA MET B 374 -28.58 1.43 -37.67
C MET B 374 -29.89 1.80 -36.96
N MET B 375 -30.66 0.80 -36.49
CA MET B 375 -32.08 0.94 -36.07
C MET B 375 -32.20 0.63 -34.57
N PRO B 376 -32.42 1.67 -33.72
CA PRO B 376 -32.47 1.50 -32.27
C PRO B 376 -33.54 0.54 -31.76
N GLU B 377 -34.65 0.42 -32.48
CA GLU B 377 -35.72 -0.57 -32.14
C GLU B 377 -35.12 -1.99 -32.16
N ASN B 378 -33.96 -2.18 -32.80
CA ASN B 378 -33.41 -3.54 -33.10
C ASN B 378 -32.23 -3.88 -32.19
N THR B 379 -31.92 -3.01 -31.23
CA THR B 379 -30.88 -3.27 -30.21
C THR B 379 -31.59 -3.54 -28.88
N VAL B 380 -30.95 -4.34 -28.05
CA VAL B 380 -31.35 -4.53 -26.63
C VAL B 380 -30.10 -4.22 -25.79
N THR B 381 -30.19 -3.18 -24.94
CA THR B 381 -29.09 -2.81 -24.01
C THR B 381 -29.28 -3.61 -22.72
N HIS B 382 -28.23 -3.65 -21.89
CA HIS B 382 -28.17 -4.37 -20.60
C HIS B 382 -27.40 -3.53 -19.58
N PRO B 383 -27.92 -2.35 -19.21
CA PRO B 383 -27.20 -1.42 -18.34
C PRO B 383 -27.05 -1.87 -16.89
N GLU B 384 -27.80 -2.90 -16.49
CA GLU B 384 -27.92 -3.36 -15.08
C GLU B 384 -26.86 -4.44 -14.84
N ARG B 385 -26.14 -4.88 -15.87
CA ARG B 385 -25.07 -5.92 -15.76
C ARG B 385 -23.85 -5.37 -15.05
N PRO B 386 -22.96 -6.22 -14.52
CA PRO B 386 -21.70 -5.76 -13.93
C PRO B 386 -20.87 -4.96 -14.96
N TRP B 387 -20.03 -4.05 -14.50
CA TRP B 387 -19.25 -3.08 -15.32
C TRP B 387 -18.47 -3.79 -16.44
N ASP B 388 -18.00 -5.00 -16.18
CA ASP B 388 -17.10 -5.77 -17.09
C ASP B 388 -17.93 -6.38 -18.24
N GLN B 389 -19.27 -6.44 -18.10
CA GLN B 389 -20.22 -6.95 -19.13
C GLN B 389 -21.06 -5.80 -19.69
N GLY B 390 -20.53 -4.58 -19.58
CA GLY B 390 -21.03 -3.39 -20.29
C GLY B 390 -22.07 -2.62 -19.51
N GLY B 391 -22.30 -2.96 -18.25
CA GLY B 391 -23.20 -2.23 -17.34
C GLY B 391 -22.78 -0.79 -17.18
N ILE B 392 -23.71 0.09 -16.82
CA ILE B 392 -23.44 1.54 -16.61
C ILE B 392 -24.02 2.04 -15.29
N THR B 393 -24.70 1.20 -14.48
CA THR B 393 -25.36 1.62 -13.22
C THR B 393 -24.31 2.03 -12.18
N HIS B 394 -23.04 1.68 -12.40
CA HIS B 394 -21.91 2.06 -11.54
C HIS B 394 -21.44 3.50 -11.83
N LEU B 395 -22.01 4.21 -12.80
CA LEU B 395 -21.52 5.57 -13.22
C LEU B 395 -22.42 6.64 -12.62
N ASP B 396 -21.96 7.90 -12.59
CA ASP B 396 -22.83 9.05 -12.24
C ASP B 396 -24.05 9.01 -13.16
N ARG B 397 -25.15 9.61 -12.74
CA ARG B 397 -26.42 9.57 -13.51
C ARG B 397 -26.26 10.42 -14.78
N ALA B 398 -25.46 11.46 -14.78
CA ALA B 398 -25.27 12.33 -15.96
C ALA B 398 -24.47 11.59 -17.05
N GLU B 399 -23.54 10.68 -16.69
CA GLU B 399 -22.76 9.87 -17.66
C GLU B 399 -23.71 8.83 -18.27
N GLN B 400 -24.52 8.19 -17.43
CA GLN B 400 -25.51 7.20 -17.90
C GLN B 400 -26.37 7.83 -19.00
N ALA B 401 -26.87 9.03 -18.74
CA ALA B 401 -27.68 9.85 -19.68
C ALA B 401 -26.88 9.99 -20.98
N ARG B 402 -25.70 10.63 -20.90
CA ARG B 402 -24.78 10.90 -22.03
C ARG B 402 -24.62 9.63 -22.88
N ILE B 403 -24.42 8.46 -22.24
CA ILE B 403 -24.17 7.17 -22.94
C ILE B 403 -25.44 6.73 -23.69
N LEU B 404 -26.59 6.79 -23.05
CA LEU B 404 -27.89 6.35 -23.65
C LEU B 404 -28.29 7.32 -24.78
N GLN B 405 -27.87 8.59 -24.72
CA GLN B 405 -28.18 9.61 -25.76
C GLN B 405 -27.28 9.41 -26.97
N SER B 406 -26.13 8.76 -26.82
CA SER B 406 -25.06 8.69 -27.85
C SER B 406 -25.51 7.77 -28.98
N ARG B 407 -25.36 8.21 -30.23
CA ARG B 407 -25.77 7.45 -31.44
C ARG B 407 -24.57 6.72 -32.04
N GLU B 408 -23.35 7.06 -31.63
CA GLU B 408 -22.09 6.43 -32.09
C GLU B 408 -21.08 6.52 -30.94
N VAL B 409 -20.43 5.40 -30.60
CA VAL B 409 -19.31 5.36 -29.63
C VAL B 409 -18.21 6.26 -30.15
N PRO B 410 -17.83 7.32 -29.40
CA PRO B 410 -16.73 8.19 -29.82
C PRO B 410 -15.40 7.43 -29.79
N ARG B 411 -14.45 7.86 -30.63
CA ARG B 411 -13.10 7.25 -30.66
C ARG B 411 -12.50 7.31 -29.25
N HIS B 412 -11.64 6.38 -28.90
CA HIS B 412 -11.14 6.24 -27.51
C HIS B 412 -9.87 5.41 -27.44
N LEU B 413 -9.17 5.54 -26.33
CA LEU B 413 -7.97 4.76 -26.01
C LEU B 413 -8.38 3.55 -25.18
N CYS B 414 -7.42 2.66 -25.04
CA CYS B 414 -7.51 1.41 -24.25
C CYS B 414 -7.62 1.84 -22.79
N CYS B 415 -8.36 1.10 -21.95
CA CYS B 415 -8.90 -0.18 -22.33
C CYS B 415 -10.42 -0.25 -22.21
N ARG B 416 -10.97 -0.40 -21.01
CA ARG B 416 -12.36 -0.90 -20.87
C ARG B 416 -13.30 0.31 -20.79
N ASN B 417 -13.31 1.10 -21.87
CA ASN B 417 -14.16 2.32 -22.00
C ASN B 417 -15.61 1.94 -21.78
N PRO B 418 -16.37 2.64 -20.91
CA PRO B 418 -17.67 2.13 -20.47
C PRO B 418 -18.76 2.22 -21.55
N GLU B 419 -18.67 3.23 -22.43
CA GLU B 419 -19.61 3.38 -23.58
C GLU B 419 -19.35 2.27 -24.60
N TRP B 420 -18.09 2.03 -24.96
CA TRP B 420 -17.69 0.91 -25.83
C TRP B 420 -18.28 -0.40 -25.25
N LEU B 421 -18.11 -0.66 -23.97
CA LEU B 421 -18.57 -1.94 -23.37
C LEU B 421 -20.08 -1.98 -23.40
N PHE B 422 -20.73 -0.86 -23.11
CA PHE B 422 -22.22 -0.77 -23.07
C PHE B 422 -22.79 -1.26 -24.40
N ARG B 423 -22.21 -0.77 -25.49
CA ARG B 423 -22.67 -1.01 -26.87
C ARG B 423 -22.20 -2.39 -27.37
N ILE B 424 -21.01 -2.83 -26.99
CA ILE B 424 -20.45 -4.07 -27.59
C ILE B 424 -21.14 -5.27 -26.95
N TYR B 425 -21.79 -5.11 -25.78
CA TYR B 425 -22.50 -6.23 -25.09
C TYR B 425 -24.02 -6.21 -25.37
N GLN B 426 -24.45 -5.31 -26.25
CA GLN B 426 -25.84 -5.25 -26.80
C GLN B 426 -26.17 -6.57 -27.51
N ASP B 427 -27.41 -7.05 -27.37
CA ASP B 427 -28.01 -8.10 -28.25
C ASP B 427 -28.60 -7.37 -29.46
N THR B 428 -28.65 -8.03 -30.63
CA THR B 428 -28.97 -7.38 -31.94
C THR B 428 -29.96 -8.20 -32.75
N LYS B 429 -31.11 -7.61 -33.11
CA LYS B 429 -32.01 -8.11 -34.19
C LYS B 429 -31.44 -7.58 -35.50
N VAL B 430 -30.97 -8.47 -36.37
CA VAL B 430 -30.35 -8.11 -37.67
C VAL B 430 -31.48 -7.80 -38.64
N ASP B 431 -31.45 -6.63 -39.27
CA ASP B 431 -32.29 -6.27 -40.43
C ASP B 431 -31.87 -7.08 -41.67
N ILE B 432 -32.49 -8.25 -41.90
CA ILE B 432 -32.08 -9.18 -42.99
C ILE B 432 -31.97 -8.44 -44.34
N PRO B 433 -32.98 -7.67 -44.79
CA PRO B 433 -32.89 -7.03 -46.11
C PRO B 433 -31.61 -6.21 -46.28
N SER B 434 -31.28 -5.47 -45.24
CA SER B 434 -30.14 -4.53 -45.14
C SER B 434 -28.84 -5.33 -45.18
N LEU B 435 -28.75 -6.43 -44.41
CA LEU B 435 -27.56 -7.32 -44.39
C LEU B 435 -27.33 -7.84 -45.81
N ILE B 436 -28.38 -8.40 -46.42
CA ILE B 436 -28.28 -9.08 -47.73
C ILE B 436 -27.85 -8.04 -48.78
N GLN B 437 -28.37 -6.82 -48.71
CA GLN B 437 -27.94 -5.74 -49.64
C GLN B 437 -26.42 -5.59 -49.52
N THR B 438 -25.94 -5.52 -48.27
CA THR B 438 -24.53 -5.22 -47.95
C THR B 438 -23.65 -6.33 -48.51
N ILE B 439 -23.99 -7.58 -48.21
CA ILE B 439 -23.24 -8.76 -48.72
C ILE B 439 -23.21 -8.71 -50.25
N ARG B 440 -24.34 -8.41 -50.87
CA ARG B 440 -24.56 -8.52 -52.34
C ARG B 440 -23.73 -7.46 -53.08
N ARG B 441 -23.33 -6.36 -52.42
CA ARG B 441 -22.47 -5.32 -53.03
C ARG B 441 -21.09 -5.89 -53.35
N VAL B 442 -20.70 -6.97 -52.69
CA VAL B 442 -19.34 -7.57 -52.78
C VAL B 442 -19.43 -8.97 -53.41
N VAL B 443 -20.31 -9.84 -52.90
CA VAL B 443 -20.53 -11.20 -53.46
C VAL B 443 -21.67 -11.16 -54.49
N LYS B 444 -21.34 -10.85 -55.74
CA LYS B 444 -22.28 -11.07 -56.89
C LYS B 444 -22.11 -12.54 -57.31
N GLY B 445 -23.19 -13.27 -57.54
CA GLY B 445 -23.14 -14.73 -57.80
C GLY B 445 -22.89 -15.54 -56.53
N ARG B 446 -22.32 -16.75 -56.67
CA ARG B 446 -22.10 -17.73 -55.57
C ARG B 446 -20.89 -17.32 -54.75
N PRO B 447 -20.97 -17.33 -53.39
CA PRO B 447 -19.75 -17.25 -52.57
C PRO B 447 -18.92 -18.55 -52.60
N GLY B 448 -17.60 -18.44 -52.44
CA GLY B 448 -16.69 -19.57 -52.20
C GLY B 448 -15.60 -19.69 -53.24
N PRO B 449 -14.66 -20.66 -53.09
CA PRO B 449 -13.53 -20.83 -54.00
C PRO B 449 -13.68 -20.20 -55.41
N GLY B 457 1.82 -12.77 -56.90
CA GLY B 457 2.08 -11.33 -56.63
C GLY B 457 3.56 -10.98 -56.65
N LEU B 458 4.30 -11.43 -57.68
CA LEU B 458 5.77 -11.21 -57.82
C LEU B 458 6.03 -9.79 -58.28
N TYR B 459 7.06 -9.15 -57.73
CA TYR B 459 7.57 -7.85 -58.24
C TYR B 459 8.57 -8.13 -59.36
N PRO B 460 8.63 -7.25 -60.37
CA PRO B 460 9.68 -7.30 -61.37
C PRO B 460 11.10 -7.04 -60.85
N GLY B 461 12.08 -7.46 -61.64
CA GLY B 461 13.49 -7.06 -61.45
C GLY B 461 13.75 -5.67 -61.98
N LYS B 462 15.00 -5.23 -61.89
CA LYS B 462 15.49 -4.00 -62.55
C LYS B 462 15.33 -4.18 -64.06
N VAL B 463 14.96 -3.12 -64.80
CA VAL B 463 15.21 -3.09 -66.26
C VAL B 463 16.73 -3.16 -66.44
N ARG B 464 17.19 -3.73 -67.56
CA ARG B 464 18.63 -3.96 -67.81
C ARG B 464 19.13 -3.13 -69.00
N GLU B 465 20.39 -2.72 -68.95
CA GLU B 465 21.13 -2.11 -70.08
C GLU B 465 20.34 -0.87 -70.56
N ALA B 466 19.88 -0.06 -69.63
CA ALA B 466 19.22 1.23 -69.94
C ALA B 466 20.21 2.12 -70.70
N ARG B 467 19.87 2.49 -71.94
CA ARG B 467 20.64 3.42 -72.82
C ARG B 467 19.82 4.69 -73.00
N CYS B 468 20.48 5.83 -73.26
CA CYS B 468 19.83 7.06 -73.78
C CYS B 468 20.70 7.75 -74.85
N GLN B 469 20.15 8.75 -75.55
CA GLN B 469 20.69 9.30 -76.83
C GLN B 469 19.93 10.60 -77.17
N LEU B 480 15.10 13.24 -76.90
CA LEU B 480 15.74 12.28 -75.96
C LEU B 480 15.17 10.88 -76.17
N THR B 481 15.99 9.93 -76.62
CA THR B 481 15.56 8.54 -76.85
C THR B 481 16.12 7.66 -75.72
N VAL B 482 15.25 6.89 -75.06
CA VAL B 482 15.59 6.00 -73.92
C VAL B 482 15.14 4.59 -74.28
N SER B 483 15.94 3.56 -73.99
CA SER B 483 15.63 2.14 -74.25
C SER B 483 16.20 1.26 -73.13
N TRP B 484 15.72 0.01 -73.01
CA TRP B 484 16.12 -0.95 -71.94
C TRP B 484 15.66 -2.37 -72.32
N GLN B 485 16.35 -3.37 -71.79
CA GLN B 485 15.93 -4.79 -71.91
C GLN B 485 14.89 -5.06 -70.81
N ILE B 486 14.02 -6.06 -71.03
CA ILE B 486 13.08 -6.54 -69.98
C ILE B 486 13.88 -6.92 -68.73
N PRO B 487 13.28 -6.80 -67.52
CA PRO B 487 13.89 -7.34 -66.30
C PRO B 487 14.19 -8.83 -66.45
N TRP B 488 15.29 -9.29 -65.86
CA TRP B 488 15.76 -10.69 -66.01
C TRP B 488 14.61 -11.67 -65.74
N ASN B 489 13.89 -11.49 -64.63
CA ASN B 489 12.88 -12.48 -64.16
C ASN B 489 11.68 -12.50 -65.11
N LEU B 490 11.49 -11.46 -65.94
CA LEU B 490 10.32 -11.40 -66.88
C LEU B 490 10.42 -12.53 -67.90
N LYS B 491 11.65 -12.88 -68.32
CA LYS B 491 11.96 -14.00 -69.26
C LYS B 491 11.19 -15.27 -68.87
N TYR B 492 11.03 -15.58 -67.58
CA TYR B 492 10.46 -16.87 -67.09
C TYR B 492 9.05 -16.68 -66.53
N LEU B 493 8.29 -15.70 -67.04
CA LEU B 493 7.08 -15.16 -66.37
C LEU B 493 6.02 -14.75 -67.41
N LYS B 494 4.76 -15.11 -67.19
CA LYS B 494 3.63 -14.55 -67.98
C LYS B 494 2.82 -13.63 -67.08
N VAL B 495 2.84 -12.33 -67.37
CA VAL B 495 2.12 -11.28 -66.58
C VAL B 495 1.13 -10.61 -67.52
N ARG B 496 -0.11 -10.37 -67.07
CA ARG B 496 -1.17 -9.78 -67.93
C ARG B 496 -0.70 -8.41 -68.41
N GLU B 497 -0.74 -7.38 -67.57
CA GLU B 497 -0.30 -6.00 -67.91
C GLU B 497 1.17 -5.81 -67.46
N VAL B 498 2.05 -5.39 -68.37
CA VAL B 498 3.49 -5.06 -68.10
C VAL B 498 3.77 -3.66 -68.67
N LYS B 499 3.87 -2.67 -67.81
CA LYS B 499 4.19 -1.27 -68.19
C LYS B 499 5.58 -0.93 -67.65
N TYR B 500 6.14 0.20 -68.09
CA TYR B 500 7.41 0.78 -67.61
C TYR B 500 7.12 2.22 -67.22
N GLU B 501 7.55 2.63 -66.05
CA GLU B 501 7.47 4.03 -65.59
C GLU B 501 8.85 4.66 -65.81
N VAL B 502 8.88 5.83 -66.45
CA VAL B 502 10.12 6.61 -66.69
C VAL B 502 9.95 7.96 -66.01
N TRP B 503 10.87 8.30 -65.11
CA TRP B 503 10.94 9.63 -64.45
C TRP B 503 12.04 10.43 -65.17
N LEU B 504 11.75 11.70 -65.46
CA LEU B 504 12.64 12.64 -66.21
C LEU B 504 12.86 13.89 -65.35
N GLN B 505 14.05 14.03 -64.77
CA GLN B 505 14.41 15.22 -63.96
C GLN B 505 15.49 16.00 -64.70
N GLU B 506 15.23 17.27 -65.05
CA GLU B 506 16.30 18.22 -65.41
C GLU B 506 17.22 18.38 -64.19
N GLN B 507 18.50 18.04 -64.33
CA GLN B 507 19.51 18.21 -63.24
C GLN B 507 19.44 19.65 -62.72
N GLY B 508 19.43 19.83 -61.40
CA GLY B 508 19.25 21.14 -60.75
C GLY B 508 17.87 21.28 -60.12
N GLU B 509 16.80 21.08 -60.91
CA GLU B 509 15.38 21.10 -60.43
C GLU B 509 15.13 19.90 -59.51
N ASN B 510 13.98 19.86 -58.81
CA ASN B 510 13.49 18.64 -58.10
C ASN B 510 12.20 18.13 -58.75
N THR B 511 11.57 18.91 -59.63
CA THR B 511 10.49 18.44 -60.54
C THR B 511 10.93 17.12 -61.19
N TYR B 512 10.19 16.04 -60.93
CA TYR B 512 10.16 14.81 -61.76
C TYR B 512 8.99 14.94 -62.74
N VAL B 513 9.07 14.27 -63.88
CA VAL B 513 7.96 14.19 -64.86
C VAL B 513 7.74 12.72 -65.18
N PRO B 514 6.67 12.07 -64.66
CA PRO B 514 6.47 10.65 -64.87
C PRO B 514 5.83 10.35 -66.23
N TYR B 515 6.04 9.14 -66.76
CA TYR B 515 5.39 8.61 -67.99
C TYR B 515 5.21 7.10 -67.86
N ILE B 516 4.03 6.57 -68.16
CA ILE B 516 3.77 5.11 -68.20
C ILE B 516 3.76 4.69 -69.67
N LEU B 517 4.75 3.89 -70.11
CA LEU B 517 4.88 3.39 -71.50
C LEU B 517 4.60 1.88 -71.49
N ALA B 518 4.20 1.32 -72.63
CA ALA B 518 3.94 -0.13 -72.78
C ALA B 518 5.15 -0.81 -73.44
N LEU B 519 5.97 -0.04 -74.15
CA LEU B 519 7.07 -0.55 -75.00
C LEU B 519 8.40 -0.25 -74.31
N GLN B 520 9.48 -0.85 -74.81
CA GLN B 520 10.80 -0.89 -74.11
C GLN B 520 11.70 0.23 -74.65
N ASN B 521 11.10 1.24 -75.25
CA ASN B 521 11.79 2.18 -76.18
C ASN B 521 10.83 3.36 -76.37
N HIS B 522 11.24 4.58 -76.04
CA HIS B 522 10.42 5.81 -76.21
C HIS B 522 11.32 7.02 -76.52
N THR B 523 10.80 7.99 -77.28
CA THR B 523 11.50 9.23 -77.69
C THR B 523 10.73 10.45 -77.19
N PHE B 524 11.32 11.17 -76.23
CA PHE B 524 10.75 12.40 -75.60
C PHE B 524 11.05 13.60 -76.51
N THR B 525 10.03 14.37 -76.85
CA THR B 525 10.10 15.54 -77.76
C THR B 525 9.68 16.77 -76.94
N GLU B 526 8.49 16.71 -76.34
CA GLU B 526 7.84 17.77 -75.53
C GLU B 526 8.70 18.23 -74.36
N ASN B 527 8.88 19.54 -74.19
CA ASN B 527 9.51 20.19 -73.00
C ASN B 527 11.00 19.84 -72.87
N ILE B 528 11.54 19.02 -73.78
CA ILE B 528 12.98 18.65 -73.81
C ILE B 528 13.74 19.85 -74.39
N LYS B 529 14.67 20.43 -73.63
CA LYS B 529 15.47 21.61 -74.04
C LYS B 529 16.80 21.13 -74.59
N PRO B 530 17.40 21.80 -75.61
CA PRO B 530 18.78 21.53 -76.00
C PRO B 530 19.76 21.98 -74.91
N PHE B 531 21.02 21.53 -74.98
CA PHE B 531 22.18 21.93 -74.13
C PHE B 531 21.80 21.88 -72.64
N THR B 532 21.18 20.76 -72.22
CA THR B 532 20.71 20.48 -70.84
C THR B 532 21.15 19.08 -70.43
N THR B 533 21.24 18.83 -69.12
CA THR B 533 21.51 17.49 -68.53
C THR B 533 20.22 16.98 -67.89
N TYR B 534 19.75 15.82 -68.34
CA TYR B 534 18.55 15.12 -67.82
C TYR B 534 18.97 13.85 -67.06
N LEU B 535 18.43 13.67 -65.84
CA LEU B 535 18.52 12.39 -65.09
C LEU B 535 17.29 11.55 -65.43
N VAL B 536 17.48 10.26 -65.71
CA VAL B 536 16.40 9.36 -66.20
C VAL B 536 16.39 8.10 -65.33
N TRP B 537 15.35 7.93 -64.52
CA TRP B 537 15.09 6.67 -63.79
C TRP B 537 14.04 5.85 -64.54
N VAL B 538 14.09 4.52 -64.42
CA VAL B 538 13.16 3.61 -65.13
C VAL B 538 12.85 2.40 -64.25
N ARG B 539 11.58 2.07 -64.11
CA ARG B 539 11.18 0.84 -63.38
C ARG B 539 10.05 0.16 -64.14
N CYS B 540 9.94 -1.14 -63.93
CA CYS B 540 8.91 -2.01 -64.55
C CYS B 540 7.74 -2.12 -63.58
N ILE B 541 6.52 -2.22 -64.11
CA ILE B 541 5.29 -2.35 -63.29
C ILE B 541 4.50 -3.56 -63.78
N PHE B 542 4.18 -4.48 -62.89
CA PHE B 542 3.25 -5.62 -63.14
C PHE B 542 1.85 -5.22 -62.67
N ASN B 543 0.86 -5.24 -63.57
CA ASN B 543 -0.60 -5.14 -63.26
C ASN B 543 -0.84 -3.85 -62.44
N LYS B 544 -0.33 -2.72 -62.93
CA LYS B 544 -0.62 -1.35 -62.43
C LYS B 544 -0.03 -1.09 -61.04
N ILE B 545 -0.01 -2.08 -60.13
CA ILE B 545 0.18 -1.85 -58.65
C ILE B 545 1.51 -2.44 -58.14
N LEU B 546 2.11 -3.42 -58.80
CA LEU B 546 3.41 -4.02 -58.37
C LEU B 546 4.58 -3.23 -58.97
N LEU B 547 5.04 -2.19 -58.26
CA LEU B 547 6.17 -1.32 -58.68
C LEU B 547 7.49 -2.03 -58.37
N GLY B 548 8.25 -2.33 -59.42
CA GLY B 548 9.62 -2.88 -59.33
C GLY B 548 10.65 -1.84 -58.92
N PRO B 549 11.89 -2.29 -58.68
CA PRO B 549 12.98 -1.39 -58.34
C PRO B 549 13.41 -0.59 -59.57
N PHE B 550 13.94 0.60 -59.31
CA PHE B 550 14.58 1.49 -60.31
C PHE B 550 15.96 0.94 -60.66
N ALA B 551 16.33 1.01 -61.94
CA ALA B 551 17.72 0.78 -62.40
C ALA B 551 18.58 1.97 -61.95
N ASP B 552 19.90 1.81 -62.05
CA ASP B 552 20.88 2.92 -61.90
C ASP B 552 20.44 4.06 -62.81
N VAL B 553 20.45 5.28 -62.26
CA VAL B 553 20.13 6.54 -62.98
C VAL B 553 20.99 6.64 -64.26
N LEU B 554 20.41 7.19 -65.33
CA LEU B 554 21.16 7.58 -66.57
C LEU B 554 21.36 9.08 -66.54
N VAL B 555 22.56 9.55 -66.87
CA VAL B 555 22.81 10.98 -67.18
C VAL B 555 22.84 11.13 -68.70
N CYS B 556 21.99 12.00 -69.24
CA CYS B 556 21.76 12.21 -70.69
C CYS B 556 21.94 13.71 -70.97
N ASN B 557 22.68 14.07 -72.02
CA ASN B 557 23.01 15.49 -72.31
C ASN B 557 22.34 15.95 -73.62
N ASP C 30 -19.29 -29.18 29.24
CA ASP C 30 -19.46 -29.81 27.91
C ASP C 30 -19.25 -28.73 26.84
N TYR C 31 -18.89 -29.13 25.62
CA TYR C 31 -18.92 -28.27 24.42
C TYR C 31 -20.37 -28.09 23.94
N PRO C 32 -21.16 -29.16 23.70
CA PRO C 32 -22.52 -28.99 23.17
C PRO C 32 -23.40 -28.16 24.10
N LYS C 33 -23.12 -28.18 25.41
CA LYS C 33 -23.73 -27.31 26.45
C LYS C 33 -23.37 -25.85 26.14
N ALA C 34 -22.09 -25.49 26.27
CA ALA C 34 -21.56 -24.14 25.96
C ALA C 34 -22.17 -23.64 24.64
N LEU C 35 -22.07 -24.42 23.56
CA LEU C 35 -22.49 -23.99 22.20
C LEU C 35 -23.98 -23.61 22.21
N GLN C 36 -24.82 -24.24 23.02
CA GLN C 36 -26.28 -23.92 23.02
C GLN C 36 -26.48 -22.62 23.81
N ILE C 37 -25.91 -22.52 25.02
CA ILE C 37 -25.94 -21.29 25.87
C ILE C 37 -25.68 -20.08 24.95
N LEU C 38 -24.68 -20.20 24.07
CA LEU C 38 -24.25 -19.14 23.12
C LEU C 38 -25.27 -19.00 21.99
N MET C 39 -25.73 -20.11 21.40
CA MET C 39 -26.53 -20.14 20.13
C MET C 39 -27.92 -19.53 20.36
N GLU C 40 -28.46 -19.68 21.56
CA GLU C 40 -29.83 -19.17 21.87
C GLU C 40 -29.72 -17.97 22.81
N GLY C 41 -28.85 -18.02 23.83
CA GLY C 41 -28.66 -16.95 24.85
C GLY C 41 -28.02 -15.68 24.28
N GLY C 42 -26.88 -15.82 23.61
CA GLY C 42 -26.16 -14.70 22.97
C GLY C 42 -25.09 -14.12 23.88
N THR C 43 -24.38 -13.10 23.40
CA THR C 43 -23.37 -12.31 24.16
C THR C 43 -24.08 -11.46 25.22
N HIS C 44 -23.44 -11.26 26.36
CA HIS C 44 -23.95 -10.48 27.51
C HIS C 44 -22.83 -9.49 27.88
N MET C 45 -23.09 -8.18 27.79
CA MET C 45 -22.11 -7.10 28.06
C MET C 45 -22.65 -6.12 29.11
N VAL C 46 -21.93 -5.98 30.22
CA VAL C 46 -22.23 -4.98 31.27
C VAL C 46 -20.94 -4.25 31.62
N CYS C 47 -20.93 -2.92 31.42
CA CYS C 47 -19.73 -2.08 31.53
C CYS C 47 -19.93 -0.99 32.56
N THR C 48 -18.87 -0.70 33.29
CA THR C 48 -18.81 0.37 34.31
C THR C 48 -18.16 1.58 33.64
N GLY C 49 -18.73 2.78 33.86
CA GLY C 49 -18.19 4.04 33.34
C GLY C 49 -19.15 4.75 32.40
N ARG C 50 -19.05 6.09 32.42
CA ARG C 50 -19.92 7.06 31.72
C ARG C 50 -19.43 7.23 30.27
N THR C 51 -18.12 7.30 30.00
CA THR C 51 -17.56 7.50 28.63
C THR C 51 -16.57 6.39 28.27
N HIS C 52 -16.08 6.37 27.02
CA HIS C 52 -15.15 5.32 26.53
C HIS C 52 -13.80 5.41 27.26
N THR C 53 -13.51 6.58 27.84
CA THR C 53 -12.23 6.91 28.50
C THR C 53 -12.07 6.13 29.81
N ASP C 54 -13.16 5.86 30.52
CA ASP C 54 -13.12 5.25 31.89
C ASP C 54 -13.94 3.94 31.91
N ARG C 55 -14.17 3.33 30.76
CA ARG C 55 -15.07 2.15 30.65
C ARG C 55 -14.27 0.86 30.79
N ILE C 56 -14.72 -0.07 31.62
CA ILE C 56 -14.23 -1.47 31.67
C ILE C 56 -15.48 -2.36 31.50
N CYS C 57 -15.46 -3.25 30.52
CA CYS C 57 -16.65 -4.08 30.16
C CYS C 57 -16.46 -5.53 30.61
N ARG C 58 -17.47 -6.08 31.30
CA ARG C 58 -17.52 -7.53 31.62
C ARG C 58 -18.43 -8.23 30.60
N PHE C 59 -17.86 -9.10 29.77
CA PHE C 59 -18.57 -9.84 28.70
C PHE C 59 -18.72 -11.31 29.09
N LYS C 60 -19.81 -11.93 28.62
CA LYS C 60 -19.99 -13.41 28.52
C LYS C 60 -20.31 -13.74 27.07
N TRP C 61 -19.65 -14.74 26.50
CA TRP C 61 -19.90 -15.23 25.12
C TRP C 61 -19.65 -14.07 24.15
N LEU C 62 -18.56 -13.34 24.41
CA LEU C 62 -17.92 -12.43 23.42
C LEU C 62 -17.00 -13.29 22.56
N CYS C 63 -17.05 -13.11 21.25
CA CYS C 63 -16.37 -13.98 20.26
C CYS C 63 -15.42 -13.13 19.42
N TYR C 64 -14.45 -13.79 18.79
CA TYR C 64 -13.38 -13.15 17.97
C TYR C 64 -13.17 -13.97 16.71
N SER C 65 -13.37 -13.38 15.53
CA SER C 65 -13.05 -14.02 14.23
C SER C 65 -11.60 -13.71 13.88
N ASN C 66 -10.78 -14.76 13.77
CA ASN C 66 -9.36 -14.63 13.31
C ASN C 66 -9.32 -14.29 11.82
N GLU C 67 -10.31 -14.74 11.04
CA GLU C 67 -10.45 -14.35 9.61
C GLU C 67 -10.62 -12.84 9.56
N ALA C 68 -11.67 -12.32 10.21
CA ALA C 68 -12.10 -10.91 10.09
C ALA C 68 -11.21 -10.00 10.95
N GLU C 69 -10.52 -10.55 11.96
CA GLU C 69 -9.66 -9.79 12.92
C GLU C 69 -10.56 -8.81 13.67
N GLU C 70 -11.68 -9.31 14.20
CA GLU C 70 -12.83 -8.48 14.63
C GLU C 70 -13.57 -9.21 15.77
N PHE C 71 -13.79 -8.54 16.91
CA PHE C 71 -14.63 -9.07 18.01
C PHE C 71 -16.09 -9.06 17.57
N ILE C 72 -16.86 -10.01 18.10
CA ILE C 72 -18.28 -10.24 17.67
C ILE C 72 -19.18 -10.26 18.91
N PHE C 73 -20.23 -9.44 18.89
CA PHE C 73 -21.36 -9.50 19.85
C PHE C 73 -22.51 -10.23 19.14
N PHE C 74 -22.92 -11.38 19.67
CA PHE C 74 -24.03 -12.22 19.16
C PHE C 74 -25.30 -11.89 19.94
N HIS C 75 -26.29 -11.28 19.28
CA HIS C 75 -27.64 -11.02 19.85
C HIS C 75 -28.43 -12.34 19.95
N GLY C 76 -28.65 -12.83 21.17
CA GLY C 76 -29.56 -13.94 21.50
C GLY C 76 -30.73 -13.44 22.33
N ASN C 77 -31.39 -14.31 23.09
CA ASN C 77 -32.69 -14.01 23.73
C ASN C 77 -32.45 -13.67 25.22
N THR C 78 -31.25 -13.94 25.77
CA THR C 78 -30.81 -13.40 27.09
C THR C 78 -29.86 -12.21 26.91
N SER C 79 -29.55 -11.81 25.68
CA SER C 79 -28.40 -10.92 25.40
C SER C 79 -28.70 -9.48 25.88
N VAL C 80 -27.72 -8.89 26.55
CA VAL C 80 -27.75 -7.56 27.22
C VAL C 80 -26.57 -6.74 26.69
N MET C 81 -26.79 -5.46 26.37
CA MET C 81 -25.73 -4.54 25.91
C MET C 81 -25.90 -3.20 26.63
N LEU C 82 -25.29 -3.12 27.81
CA LEU C 82 -25.25 -1.98 28.74
C LEU C 82 -23.80 -1.48 28.83
N PRO C 83 -23.44 -0.27 28.33
CA PRO C 83 -24.37 0.67 27.71
C PRO C 83 -24.79 0.28 26.29
N ASN C 84 -25.98 0.72 25.89
CA ASN C 84 -26.43 0.65 24.47
C ASN C 84 -26.23 2.04 23.86
N LEU C 85 -25.12 2.22 23.13
CA LEU C 85 -24.76 3.56 22.61
C LEU C 85 -25.34 3.69 21.20
N GLY C 86 -26.01 2.64 20.73
CA GLY C 86 -26.35 2.53 19.30
C GLY C 86 -25.13 2.94 18.50
N SER C 87 -25.26 4.01 17.70
CA SER C 87 -24.27 4.41 16.67
C SER C 87 -23.17 5.28 17.29
N ARG C 88 -23.32 5.67 18.56
CA ARG C 88 -22.26 6.43 19.27
C ARG C 88 -21.20 5.42 19.75
N ARG C 89 -21.44 4.13 19.55
CA ARG C 89 -20.45 3.06 19.86
C ARG C 89 -19.23 3.28 18.98
N PHE C 90 -19.40 3.90 17.81
CA PHE C 90 -18.32 4.19 16.82
C PHE C 90 -17.81 5.62 16.90
N GLN C 91 -18.06 6.36 17.98
CA GLN C 91 -17.67 7.79 18.04
C GLN C 91 -16.97 8.05 19.37
N PRO C 92 -15.71 7.61 19.55
CA PRO C 92 -14.97 6.88 18.53
C PRO C 92 -14.96 5.36 18.70
N ALA C 93 -15.36 4.86 19.86
CA ALA C 93 -15.24 3.45 20.23
C ALA C 93 -16.02 3.17 21.53
N LEU C 94 -16.18 1.90 21.89
CA LEU C 94 -16.89 1.50 23.12
C LEU C 94 -15.99 1.76 24.33
N LEU C 95 -14.68 1.50 24.19
CA LEU C 95 -13.68 1.24 25.26
C LEU C 95 -12.31 1.71 24.80
N ASP C 96 -11.43 1.97 25.76
CA ASP C 96 -9.96 2.06 25.54
C ASP C 96 -9.32 0.77 26.04
N LEU C 97 -8.69 0.03 25.14
CA LEU C 97 -7.88 -1.21 25.40
C LEU C 97 -6.54 -0.86 26.06
N SER C 98 -5.95 0.29 25.66
CA SER C 98 -4.69 0.83 26.24
C SER C 98 -5.01 1.98 27.19
N THR C 99 -4.10 2.26 28.12
CA THR C 99 -4.17 3.48 28.96
C THR C 99 -3.72 4.69 28.14
N VAL C 100 -3.00 4.47 27.03
CA VAL C 100 -2.32 5.57 26.28
C VAL C 100 -3.28 6.11 25.23
N GLU C 101 -3.70 7.36 25.40
CA GLU C 101 -4.68 8.03 24.51
C GLU C 101 -3.99 8.54 23.24
N ASP C 102 -3.71 7.63 22.30
CA ASP C 102 -3.04 7.91 20.99
C ASP C 102 -4.05 7.96 19.84
N HIS C 103 -5.35 7.71 20.11
CA HIS C 103 -6.48 7.71 19.14
C HIS C 103 -6.26 6.63 18.06
N ASN C 104 -5.94 5.39 18.44
CA ASN C 104 -5.62 4.29 17.49
C ASN C 104 -5.53 2.91 18.20
N THR C 105 -4.40 2.51 18.79
CA THR C 105 -4.30 1.24 19.57
C THR C 105 -5.34 1.27 20.69
N GLN C 106 -5.74 2.47 21.17
CA GLN C 106 -6.55 2.54 22.41
C GLN C 106 -7.91 1.87 22.16
N TYR C 107 -8.40 1.80 20.91
CA TYR C 107 -9.85 1.62 20.67
C TYR C 107 -10.22 0.13 20.57
N PHE C 108 -11.24 -0.24 21.34
CA PHE C 108 -11.91 -1.56 21.29
C PHE C 108 -13.31 -1.36 20.75
N ASN C 109 -13.68 -2.20 19.79
CA ASN C 109 -15.05 -2.24 19.26
C ASN C 109 -15.36 -3.66 18.82
N PHE C 110 -16.64 -3.96 18.66
CA PHE C 110 -17.10 -5.27 18.14
C PHE C 110 -17.98 -4.99 16.95
N VAL C 111 -18.42 -6.07 16.34
CA VAL C 111 -19.28 -6.09 15.13
C VAL C 111 -20.44 -7.01 15.54
N GLU C 112 -21.66 -6.71 15.07
CA GLU C 112 -22.88 -7.40 15.60
C GLU C 112 -23.35 -8.50 14.62
N LEU C 113 -23.77 -9.63 15.17
CA LEU C 113 -24.57 -10.67 14.46
C LEU C 113 -25.69 -11.18 15.37
N PRO C 114 -26.73 -11.80 14.77
CA PRO C 114 -27.67 -12.62 15.53
C PRO C 114 -27.02 -13.97 15.82
N ALA C 115 -27.22 -14.48 17.04
CA ALA C 115 -26.63 -15.76 17.52
C ALA C 115 -26.98 -16.88 16.53
N ALA C 116 -28.21 -16.83 16.01
CA ALA C 116 -28.69 -17.66 14.88
C ALA C 116 -27.55 -17.89 13.88
N ALA C 117 -26.84 -16.83 13.46
CA ALA C 117 -25.90 -16.86 12.33
C ALA C 117 -24.73 -17.82 12.58
N LEU C 118 -24.55 -18.31 13.81
CA LEU C 118 -23.47 -19.31 14.12
C LEU C 118 -23.62 -20.55 13.23
N ARG C 119 -24.85 -20.93 12.85
CA ARG C 119 -25.17 -22.09 11.98
C ARG C 119 -24.40 -21.99 10.65
N PHE C 120 -24.29 -20.79 10.07
CA PHE C 120 -23.63 -20.57 8.75
C PHE C 120 -22.13 -20.28 8.93
N MET C 121 -21.57 -20.55 10.12
CA MET C 121 -20.20 -20.10 10.51
C MET C 121 -19.42 -21.26 11.09
N PRO C 122 -18.06 -21.22 11.07
CA PRO C 122 -17.24 -22.27 11.66
C PRO C 122 -17.62 -22.62 13.10
N LYS C 123 -17.09 -23.75 13.58
CA LYS C 123 -17.41 -24.26 14.93
C LYS C 123 -16.60 -23.41 15.92
N PRO C 124 -17.23 -22.69 16.85
CA PRO C 124 -16.48 -21.98 17.90
C PRO C 124 -15.50 -22.88 18.68
N VAL C 125 -14.32 -22.33 19.00
CA VAL C 125 -13.41 -22.83 20.06
C VAL C 125 -13.65 -21.98 21.31
N PHE C 126 -13.94 -22.59 22.44
CA PHE C 126 -14.32 -21.86 23.67
C PHE C 126 -13.06 -21.67 24.49
N VAL C 127 -12.77 -20.43 24.88
CA VAL C 127 -11.81 -20.11 25.98
C VAL C 127 -12.56 -20.33 27.28
N PRO C 128 -12.19 -21.35 28.08
CA PRO C 128 -12.95 -21.68 29.29
C PRO C 128 -12.61 -20.78 30.49
N ASP C 129 -11.32 -20.50 30.74
CA ASP C 129 -10.83 -19.66 31.86
C ASP C 129 -11.15 -18.18 31.57
N VAL C 130 -11.36 -17.41 32.63
CA VAL C 130 -11.73 -15.96 32.55
C VAL C 130 -10.55 -15.17 32.00
N ALA C 131 -10.80 -14.24 31.09
CA ALA C 131 -9.79 -13.48 30.32
C ALA C 131 -9.80 -12.00 30.71
N LEU C 132 -8.63 -11.38 30.64
CA LEU C 132 -8.52 -9.90 30.65
C LEU C 132 -7.88 -9.52 29.32
N ILE C 133 -8.60 -8.76 28.50
CA ILE C 133 -8.18 -8.40 27.12
C ILE C 133 -7.73 -6.94 27.13
N ALA C 134 -6.46 -6.67 26.84
CA ALA C 134 -5.90 -5.31 26.84
C ALA C 134 -4.92 -5.12 25.68
N ASN C 135 -4.53 -3.87 25.44
CA ASN C 135 -3.41 -3.52 24.52
C ASN C 135 -2.23 -2.95 25.30
N ARG C 136 -1.04 -3.32 24.83
CA ARG C 136 0.25 -2.80 25.33
C ARG C 136 0.70 -1.69 24.38
N PHE C 137 1.02 -0.50 24.89
CA PHE C 137 1.40 0.63 24.01
C PHE C 137 2.79 0.37 23.42
N ASN C 138 3.75 -0.06 24.25
CA ASN C 138 5.15 -0.26 23.78
C ASN C 138 5.91 -1.21 24.71
N PRO C 139 5.79 -2.54 24.49
CA PRO C 139 6.38 -3.50 25.41
C PRO C 139 7.90 -3.70 25.25
N ASP C 140 8.55 -2.83 24.44
CA ASP C 140 10.03 -2.73 24.29
C ASP C 140 10.64 -1.66 25.22
N ASN C 141 9.82 -0.80 25.84
CA ASN C 141 10.28 0.34 26.67
C ASN C 141 9.85 0.13 28.13
N LEU C 142 10.80 0.15 29.06
CA LEU C 142 10.53 -0.22 30.48
C LEU C 142 9.54 0.77 31.14
N MET C 143 9.59 2.06 30.78
CA MET C 143 8.70 3.09 31.37
C MET C 143 7.28 2.76 30.91
N HIS C 144 7.10 2.61 29.59
CA HIS C 144 5.79 2.27 28.98
C HIS C 144 5.28 0.98 29.64
N VAL C 145 6.13 -0.03 29.77
CA VAL C 145 5.71 -1.35 30.30
C VAL C 145 5.14 -1.14 31.71
N PHE C 146 5.84 -0.43 32.58
CA PHE C 146 5.42 -0.30 33.99
C PHE C 146 4.22 0.65 34.11
N HIS C 147 4.29 1.80 33.45
CA HIS C 147 3.35 2.92 33.66
C HIS C 147 2.00 2.64 32.97
N ASP C 148 2.06 2.10 31.76
CA ASP C 148 0.94 1.97 30.80
C ASP C 148 0.20 0.64 30.97
N ASP C 149 0.89 -0.39 31.45
CA ASP C 149 0.50 -1.82 31.31
C ASP C 149 0.52 -2.50 32.69
N LEU C 150 1.68 -2.64 33.33
CA LEU C 150 1.82 -3.51 34.53
C LEU C 150 0.98 -2.96 35.70
N LEU C 151 1.15 -1.70 36.05
CA LEU C 151 0.42 -1.10 37.20
C LEU C 151 -1.08 -1.06 36.91
N PRO C 152 -1.52 -0.61 35.72
CA PRO C 152 -2.92 -0.75 35.31
C PRO C 152 -3.42 -2.22 35.38
N LEU C 153 -2.75 -3.16 34.71
CA LEU C 153 -3.14 -4.60 34.78
C LEU C 153 -3.27 -5.02 36.25
N PHE C 154 -2.32 -4.64 37.08
CA PHE C 154 -2.26 -5.10 38.48
C PHE C 154 -3.58 -4.71 39.17
N TYR C 155 -3.98 -3.45 39.05
CA TYR C 155 -5.12 -2.87 39.81
C TYR C 155 -6.44 -3.08 39.05
N THR C 156 -6.43 -3.23 37.74
CA THR C 156 -7.64 -3.61 36.97
C THR C 156 -8.07 -5.03 37.40
N LEU C 157 -7.13 -5.97 37.51
CA LEU C 157 -7.42 -7.35 37.96
C LEU C 157 -8.04 -7.27 39.36
N ARG C 158 -7.55 -6.38 40.22
CA ARG C 158 -7.96 -6.37 41.64
C ARG C 158 -9.27 -5.60 41.81
N GLN C 159 -9.84 -5.11 40.71
CA GLN C 159 -11.14 -4.39 40.71
C GLN C 159 -12.31 -5.39 40.79
N PHE C 160 -12.11 -6.59 40.25
CA PHE C 160 -13.16 -7.61 40.05
C PHE C 160 -12.79 -8.91 40.78
N PRO C 161 -13.66 -9.45 41.67
CA PRO C 161 -13.31 -10.62 42.47
C PRO C 161 -12.94 -11.84 41.62
N GLY C 162 -11.90 -12.56 42.04
CA GLY C 162 -11.36 -13.73 41.32
C GLY C 162 -10.21 -13.35 40.41
N LEU C 163 -10.49 -12.53 39.40
CA LEU C 163 -9.57 -12.17 38.29
C LEU C 163 -8.08 -12.29 38.66
N ALA C 164 -7.62 -11.68 39.77
CA ALA C 164 -6.18 -11.53 40.12
C ALA C 164 -5.44 -12.85 39.93
N HIS C 165 -5.99 -13.93 40.51
CA HIS C 165 -5.30 -15.23 40.65
C HIS C 165 -5.75 -16.21 39.55
N GLU C 166 -6.81 -15.90 38.77
CA GLU C 166 -7.45 -16.86 37.81
C GLU C 166 -7.33 -16.40 36.35
N ALA C 167 -7.06 -15.12 36.11
CA ALA C 167 -7.22 -14.50 34.77
C ALA C 167 -6.03 -14.83 33.89
N ARG C 168 -6.28 -15.13 32.63
CA ARG C 168 -5.27 -15.24 31.55
C ARG C 168 -5.32 -13.94 30.76
N LEU C 169 -4.17 -13.24 30.61
CA LEU C 169 -4.12 -11.97 29.86
C LEU C 169 -4.05 -12.27 28.35
N PHE C 170 -4.83 -11.56 27.55
CA PHE C 170 -4.76 -11.57 26.06
C PHE C 170 -4.36 -10.17 25.58
N PHE C 171 -3.22 -10.09 24.90
CA PHE C 171 -2.66 -8.82 24.37
C PHE C 171 -2.97 -8.77 22.87
N MET C 172 -3.88 -7.87 22.47
CA MET C 172 -4.45 -7.84 21.09
C MET C 172 -3.79 -6.75 20.24
N GLU C 173 -2.83 -6.00 20.77
CA GLU C 173 -2.23 -4.86 20.03
C GLU C 173 -1.44 -5.42 18.85
N GLY C 174 -0.81 -6.58 19.00
CA GLY C 174 -0.15 -7.29 17.89
C GLY C 174 1.34 -7.02 17.82
N TRP C 175 1.96 -6.74 18.97
CA TRP C 175 3.43 -6.81 19.17
C TRP C 175 3.76 -8.26 19.54
N GLY C 176 5.04 -8.63 19.48
CA GLY C 176 5.52 -9.90 20.04
C GLY C 176 5.67 -9.79 21.53
N GLU C 177 6.32 -10.76 22.17
CA GLU C 177 6.59 -10.74 23.62
C GLU C 177 7.27 -9.39 23.97
N GLY C 178 8.17 -8.95 23.08
CA GLY C 178 9.03 -7.77 23.30
C GLY C 178 10.04 -8.02 24.42
N ALA C 179 10.88 -7.03 24.69
CA ALA C 179 12.07 -7.18 25.55
C ALA C 179 11.71 -7.50 27.01
N HIS C 180 10.44 -7.37 27.45
CA HIS C 180 10.14 -7.42 28.91
C HIS C 180 9.00 -8.39 29.25
N PHE C 181 8.71 -9.33 28.34
CA PHE C 181 7.62 -10.32 28.51
C PHE C 181 7.70 -11.04 29.85
N ASP C 182 8.90 -11.27 30.38
CA ASP C 182 9.10 -12.01 31.66
C ASP C 182 8.32 -11.29 32.77
N LEU C 183 8.22 -9.96 32.68
CA LEU C 183 7.56 -9.09 33.70
C LEU C 183 6.05 -9.20 33.59
N TYR C 184 5.51 -9.12 32.36
CA TYR C 184 4.07 -9.33 32.09
C TYR C 184 3.64 -10.66 32.70
N LYS C 185 4.46 -11.70 32.49
CA LYS C 185 4.16 -13.09 32.93
C LYS C 185 4.08 -13.15 34.45
N LEU C 186 4.54 -12.15 35.19
CA LEU C 186 4.50 -12.21 36.69
C LEU C 186 3.11 -11.85 37.22
N LEU C 187 2.20 -11.36 36.37
CA LEU C 187 0.92 -10.78 36.84
C LEU C 187 -0.13 -11.87 37.04
N SER C 188 -0.45 -12.63 36.00
CA SER C 188 -1.28 -13.86 36.12
C SER C 188 -0.34 -15.04 36.34
N PRO C 189 -0.83 -16.16 36.93
CA PRO C 189 -0.06 -17.39 36.98
C PRO C 189 -0.30 -18.20 35.70
N LYS C 190 -1.10 -17.67 34.77
CA LYS C 190 -1.38 -18.31 33.47
C LYS C 190 -0.60 -17.59 32.36
N GLN C 191 -0.08 -18.36 31.41
CA GLN C 191 0.74 -17.89 30.27
C GLN C 191 -0.09 -16.91 29.42
N PRO C 192 0.28 -15.61 29.36
CA PRO C 192 -0.43 -14.67 28.49
C PRO C 192 -0.31 -15.07 27.02
N LEU C 193 -1.35 -14.78 26.22
CA LEU C 193 -1.42 -15.06 24.76
C LEU C 193 -1.33 -13.75 23.99
N LEU C 194 -0.71 -13.78 22.80
CA LEU C 194 -0.65 -12.64 21.85
C LEU C 194 -1.56 -12.93 20.68
N ARG C 195 -1.86 -11.93 19.86
CA ARG C 195 -2.82 -12.07 18.73
C ARG C 195 -2.32 -13.14 17.77
N ALA C 196 -1.04 -13.13 17.42
CA ALA C 196 -0.40 -14.13 16.52
C ALA C 196 -0.77 -15.56 16.95
N GLN C 197 -0.71 -15.85 18.25
CA GLN C 197 -0.99 -17.18 18.84
C GLN C 197 -2.49 -17.50 18.77
N LEU C 198 -3.36 -16.49 18.72
CA LEU C 198 -4.82 -16.74 18.61
C LEU C 198 -5.11 -17.39 17.25
N LYS C 199 -4.47 -16.93 16.17
CA LYS C 199 -4.74 -17.41 14.77
C LYS C 199 -4.71 -18.93 14.71
N THR C 200 -3.74 -19.55 15.40
CA THR C 200 -3.54 -21.03 15.42
C THR C 200 -4.71 -21.72 16.12
N LEU C 201 -5.26 -21.15 17.20
CA LEU C 201 -6.26 -21.78 18.10
C LEU C 201 -7.57 -22.18 17.37
N GLY C 202 -7.85 -21.63 16.18
CA GLY C 202 -9.11 -21.85 15.47
C GLY C 202 -9.54 -20.61 14.72
N ARG C 203 -10.56 -20.71 13.87
CA ARG C 203 -10.99 -19.61 12.96
C ARG C 203 -11.99 -18.70 13.67
N LEU C 204 -12.54 -19.17 14.80
CA LEU C 204 -13.61 -18.49 15.58
C LEU C 204 -13.47 -18.87 17.06
N LEU C 205 -13.05 -17.92 17.89
CA LEU C 205 -12.84 -18.03 19.35
C LEU C 205 -14.04 -17.40 20.07
N CYS C 206 -14.52 -18.01 21.15
CA CYS C 206 -15.52 -17.39 22.06
C CYS C 206 -15.03 -17.45 23.49
N PHE C 207 -14.95 -16.30 24.15
CA PHE C 207 -14.60 -16.23 25.58
C PHE C 207 -15.90 -16.41 26.36
N SER C 208 -15.95 -17.41 27.23
CA SER C 208 -17.11 -17.65 28.14
C SER C 208 -17.27 -16.46 29.09
N HIS C 209 -16.16 -15.81 29.41
CA HIS C 209 -16.05 -14.77 30.47
C HIS C 209 -14.77 -13.99 30.20
N ALA C 210 -14.94 -12.72 29.84
CA ALA C 210 -13.82 -11.82 29.48
C ALA C 210 -14.08 -10.45 30.09
N PHE C 211 -13.08 -9.85 30.71
CA PHE C 211 -13.06 -8.39 30.98
C PHE C 211 -12.18 -7.72 29.92
N VAL C 212 -12.55 -6.50 29.55
CA VAL C 212 -11.91 -5.75 28.43
C VAL C 212 -11.73 -4.29 28.88
N GLY C 213 -10.53 -3.76 28.68
CA GLY C 213 -10.12 -2.41 29.08
C GLY C 213 -9.22 -2.46 30.28
N LEU C 214 -8.60 -1.32 30.63
CA LEU C 214 -7.67 -1.15 31.77
C LEU C 214 -7.97 0.16 32.47
N SER C 215 -8.06 0.17 33.80
CA SER C 215 -8.14 1.45 34.54
C SER C 215 -6.94 2.35 34.16
N LYS C 216 -7.21 3.64 33.97
CA LYS C 216 -6.17 4.71 33.86
C LYS C 216 -5.89 5.33 35.23
N ILE C 217 -6.46 4.81 36.31
CA ILE C 217 -6.41 5.47 37.65
C ILE C 217 -4.94 5.57 38.15
N THR C 218 -4.07 4.61 37.78
CA THR C 218 -2.67 4.53 38.30
C THR C 218 -1.69 5.35 37.43
N THR C 219 -2.16 6.02 36.37
CA THR C 219 -1.27 6.78 35.45
C THR C 219 -0.93 8.13 36.08
N TRP C 220 0.24 8.69 35.75
CA TRP C 220 0.69 10.00 36.28
C TRP C 220 1.29 10.83 35.15
N TYR C 221 1.41 10.27 33.94
CA TYR C 221 2.14 10.91 32.82
C TYR C 221 1.36 10.72 31.52
N GLN C 222 1.52 11.69 30.62
CA GLN C 222 1.01 11.63 29.23
C GLN C 222 2.13 12.07 28.28
N TYR C 223 2.27 11.37 27.18
CA TYR C 223 3.46 11.38 26.31
C TYR C 223 3.35 12.43 25.20
N GLY C 224 2.41 13.37 25.32
CA GLY C 224 2.31 14.58 24.48
C GLY C 224 1.72 14.32 23.10
N PHE C 225 0.58 13.62 23.00
CA PHE C 225 -0.15 13.43 21.72
C PHE C 225 -0.88 14.73 21.31
N VAL C 226 -1.43 15.48 22.25
CA VAL C 226 -2.30 16.65 21.96
C VAL C 226 -1.56 17.95 22.32
N GLN C 227 -1.20 18.12 23.58
CA GLN C 227 -0.29 19.19 24.05
C GLN C 227 1.02 18.51 24.49
N PRO C 228 2.14 19.24 24.67
CA PRO C 228 3.44 18.61 24.90
C PRO C 228 3.46 17.76 26.17
N GLN C 229 4.30 16.73 26.16
CA GLN C 229 4.36 15.67 27.21
C GLN C 229 4.53 16.35 28.57
N GLY C 230 4.06 15.69 29.62
CA GLY C 230 4.03 16.23 30.98
C GLY C 230 3.14 15.39 31.89
N PRO C 231 3.07 15.73 33.19
CA PRO C 231 2.26 14.97 34.14
C PRO C 231 0.77 15.16 33.88
N LYS C 232 -0.03 14.13 34.13
CA LYS C 232 -1.50 14.19 34.12
C LYS C 232 -1.92 15.30 35.08
N ALA C 233 -2.99 16.02 34.71
CA ALA C 233 -3.46 17.21 35.46
C ALA C 233 -4.01 16.75 36.81
N ASN C 234 -4.69 15.59 36.84
CA ASN C 234 -5.31 15.04 38.05
C ASN C 234 -4.83 13.61 38.28
N ILE C 235 -3.79 13.44 39.10
CA ILE C 235 -3.14 12.13 39.39
C ILE C 235 -3.90 11.49 40.54
N LEU C 236 -4.40 10.27 40.38
CA LEU C 236 -5.29 9.65 41.41
C LEU C 236 -4.56 8.54 42.15
N VAL C 237 -3.23 8.40 41.96
CA VAL C 237 -2.42 7.33 42.60
C VAL C 237 -1.35 7.97 43.48
N SER C 238 -1.12 7.41 44.65
CA SER C 238 -0.14 7.88 45.65
C SER C 238 0.97 6.83 45.78
N GLY C 239 2.02 7.14 46.55
CA GLY C 239 3.14 6.21 46.80
C GLY C 239 2.65 4.90 47.37
N ASN C 240 1.69 4.96 48.29
CA ASN C 240 1.14 3.73 48.91
C ASN C 240 0.80 2.69 47.85
N GLU C 241 0.07 3.09 46.81
CA GLU C 241 -0.51 2.09 45.88
C GLU C 241 0.63 1.63 44.96
N ILE C 242 1.60 2.50 44.69
CA ILE C 242 2.80 2.15 43.87
C ILE C 242 3.64 1.13 44.65
N ARG C 243 3.90 1.41 45.93
CA ARG C 243 4.75 0.53 46.78
C ARG C 243 4.09 -0.84 46.92
N GLN C 244 2.77 -0.90 47.08
CA GLN C 244 2.06 -2.20 47.26
C GLN C 244 2.24 -3.02 45.97
N PHE C 245 2.27 -2.37 44.82
CA PHE C 245 2.55 -3.05 43.53
C PHE C 245 4.03 -3.44 43.49
N ALA C 246 4.91 -2.60 44.04
CA ALA C 246 6.37 -2.88 44.09
C ALA C 246 6.61 -4.15 44.92
N ARG C 247 6.02 -4.23 46.13
CA ARG C 247 6.09 -5.43 47.01
C ARG C 247 5.76 -6.68 46.21
N PHE C 248 4.62 -6.66 45.51
CA PHE C 248 4.13 -7.84 44.77
C PHE C 248 5.19 -8.24 43.73
N MET C 249 5.75 -7.26 43.03
CA MET C 249 6.70 -7.54 41.91
C MET C 249 8.04 -8.01 42.48
N THR C 250 8.52 -7.46 43.60
CA THR C 250 9.77 -7.97 44.24
C THR C 250 9.51 -9.45 44.57
N GLU C 251 8.43 -9.78 45.32
CA GLU C 251 8.14 -11.17 45.78
C GLU C 251 8.08 -12.14 44.58
N LYS C 252 7.48 -11.72 43.47
CA LYS C 252 7.33 -12.56 42.27
C LYS C 252 8.68 -12.69 41.55
N LEU C 253 9.63 -11.79 41.81
CA LEU C 253 11.01 -11.90 41.24
C LEU C 253 11.88 -12.70 42.22
N ASN C 254 11.28 -13.31 43.25
CA ASN C 254 11.93 -14.26 44.19
C ASN C 254 13.08 -13.53 44.90
N VAL C 255 12.99 -12.21 45.02
CA VAL C 255 14.12 -11.33 45.47
C VAL C 255 13.70 -10.59 46.73
N SER C 256 13.97 -11.18 47.91
CA SER C 256 13.65 -10.57 49.22
C SER C 256 14.43 -11.25 50.34
N GLY C 263 24.95 -0.37 58.18
CA GLY C 263 26.36 0.06 57.99
C GLY C 263 26.78 0.10 56.52
N GLU C 264 26.35 -0.86 55.71
CA GLU C 264 26.80 -1.12 54.31
C GLU C 264 25.94 -0.38 53.27
N GLU C 265 25.48 0.84 53.53
CA GLU C 265 24.58 1.56 52.58
C GLU C 265 25.40 2.09 51.40
N TYR C 266 24.74 2.41 50.28
CA TYR C 266 25.42 2.68 48.99
C TYR C 266 24.57 3.52 48.02
N ILE C 267 25.29 4.12 47.08
CA ILE C 267 24.78 4.93 45.96
C ILE C 267 24.80 4.06 44.72
N LEU C 268 23.70 3.99 43.99
CA LEU C 268 23.55 3.10 42.82
C LEU C 268 23.56 3.97 41.58
N VAL C 269 24.44 3.68 40.62
CA VAL C 269 24.53 4.47 39.35
C VAL C 269 24.10 3.56 38.20
N PHE C 270 23.07 3.96 37.47
CA PHE C 270 22.57 3.24 36.28
C PHE C 270 23.53 3.56 35.14
N SER C 271 24.19 2.53 34.64
CA SER C 271 25.08 2.60 33.46
C SER C 271 24.28 2.15 32.24
N ARG C 272 24.78 2.54 31.07
CA ARG C 272 24.29 2.17 29.72
C ARG C 272 25.54 1.80 28.93
N THR C 273 25.51 0.72 28.16
CA THR C 273 26.69 0.22 27.42
C THR C 273 26.62 0.76 25.99
N GLN C 274 25.42 0.84 25.40
CA GLN C 274 25.21 1.20 23.97
C GLN C 274 25.36 2.70 23.78
N ASN C 275 24.36 3.47 24.22
CA ASN C 275 24.21 4.91 23.89
C ASN C 275 23.76 5.69 25.12
N ARG C 276 23.66 7.01 25.02
CA ARG C 276 23.28 7.91 26.13
C ARG C 276 24.19 7.59 27.33
N LEU C 277 25.49 7.66 27.07
CA LEU C 277 26.54 7.27 28.05
C LEU C 277 26.80 8.45 28.99
N ILE C 278 27.29 8.13 30.17
CA ILE C 278 28.16 9.00 31.00
C ILE C 278 29.62 8.67 30.63
N LEU C 279 30.24 9.53 29.82
CA LEU C 279 31.63 9.39 29.34
C LEU C 279 32.62 9.21 30.51
N ASN C 280 32.39 9.88 31.63
CA ASN C 280 33.24 9.87 32.84
C ASN C 280 32.57 9.10 34.00
N GLU C 281 32.10 7.88 33.76
CA GLU C 281 31.50 7.01 34.81
C GLU C 281 32.44 6.92 36.03
N ALA C 282 33.69 6.49 35.80
CA ALA C 282 34.67 6.17 36.85
C ALA C 282 34.90 7.37 37.79
N GLU C 283 34.99 8.57 37.22
CA GLU C 283 35.20 9.86 37.94
C GLU C 283 34.00 10.09 38.85
N LEU C 284 32.78 9.94 38.32
CA LEU C 284 31.49 10.14 39.03
C LEU C 284 31.39 9.19 40.23
N LEU C 285 31.72 7.92 40.03
CA LEU C 285 31.70 6.89 41.11
C LEU C 285 32.61 7.29 42.27
N LEU C 286 33.78 7.89 42.00
CA LEU C 286 34.74 8.35 43.06
C LEU C 286 34.16 9.58 43.73
N ALA C 287 33.75 10.56 42.92
CA ALA C 287 33.20 11.86 43.39
C ALA C 287 32.07 11.59 44.40
N LEU C 288 31.15 10.69 44.04
CA LEU C 288 29.94 10.41 44.84
C LEU C 288 30.40 9.79 46.16
N ALA C 289 31.24 8.75 46.05
CA ALA C 289 31.78 7.99 47.20
C ALA C 289 32.41 8.96 48.20
N GLN C 290 33.28 9.85 47.69
CA GLN C 290 34.04 10.87 48.46
C GLN C 290 33.06 11.83 49.14
N GLU C 291 32.12 12.38 48.36
CA GLU C 291 31.23 13.46 48.82
C GLU C 291 30.23 12.95 49.88
N PHE C 292 29.68 11.76 49.70
CA PHE C 292 28.55 11.25 50.52
C PHE C 292 29.04 10.19 51.51
N GLN C 293 30.34 9.86 51.51
CA GLN C 293 30.94 8.83 52.42
C GLN C 293 30.08 7.55 52.36
N MET C 294 30.06 6.93 51.19
CA MET C 294 29.12 5.83 50.89
C MET C 294 29.68 5.02 49.71
N LYS C 295 29.64 3.69 49.83
CA LYS C 295 30.08 2.79 48.74
C LYS C 295 29.27 3.19 47.49
N THR C 296 29.74 2.91 46.28
CA THR C 296 28.97 3.16 45.05
C THR C 296 29.11 2.00 44.06
N VAL C 297 27.97 1.46 43.68
CA VAL C 297 27.79 0.31 42.75
C VAL C 297 27.28 0.89 41.43
N THR C 298 27.56 0.24 40.30
CA THR C 298 26.81 0.45 39.04
C THR C 298 25.89 -0.76 38.82
N VAL C 299 24.78 -0.54 38.14
CA VAL C 299 23.82 -1.56 37.65
C VAL C 299 23.50 -1.21 36.20
N SER C 300 23.04 -2.17 35.41
CA SER C 300 22.83 -2.06 33.94
C SER C 300 21.71 -3.00 33.52
N LEU C 301 20.74 -2.53 32.73
CA LEU C 301 19.63 -3.41 32.27
C LEU C 301 20.20 -4.51 31.36
N GLU C 302 21.29 -4.22 30.61
CA GLU C 302 21.96 -5.18 29.68
C GLU C 302 22.71 -6.27 30.46
N ASP C 303 23.37 -5.94 31.58
CA ASP C 303 24.39 -6.80 32.23
C ASP C 303 23.83 -7.45 33.51
N HIS C 304 22.56 -7.22 33.84
CA HIS C 304 21.92 -7.82 35.05
C HIS C 304 20.53 -8.35 34.69
N THR C 305 20.14 -9.49 35.25
CA THR C 305 18.72 -9.94 35.24
C THR C 305 17.91 -8.85 35.94
N PHE C 306 16.67 -8.62 35.50
CA PHE C 306 15.79 -7.57 36.06
C PHE C 306 15.65 -7.83 37.56
N ALA C 307 15.66 -9.09 37.99
CA ALA C 307 15.57 -9.42 39.43
C ALA C 307 16.78 -8.82 40.19
N ASP C 308 17.98 -8.87 39.59
CA ASP C 308 19.21 -8.31 40.20
C ASP C 308 19.06 -6.79 40.32
N VAL C 309 18.64 -6.15 39.23
CA VAL C 309 18.35 -4.68 39.19
C VAL C 309 17.45 -4.32 40.37
N VAL C 310 16.37 -5.06 40.57
CA VAL C 310 15.40 -4.74 41.65
C VAL C 310 16.09 -4.99 42.99
N ARG C 311 16.83 -6.09 43.15
CA ARG C 311 17.57 -6.41 44.41
C ARG C 311 18.39 -5.18 44.81
N LEU C 312 19.16 -4.61 43.85
CA LEU C 312 20.09 -3.46 44.06
C LEU C 312 19.32 -2.16 44.28
N VAL C 313 18.32 -1.86 43.44
CA VAL C 313 17.54 -0.60 43.58
C VAL C 313 16.81 -0.62 44.92
N SER C 314 16.34 -1.79 45.35
CA SER C 314 15.48 -1.96 46.55
C SER C 314 16.14 -1.40 47.81
N ASN C 315 17.47 -1.46 47.95
CA ASN C 315 18.16 -1.01 49.19
C ASN C 315 19.16 0.13 48.90
N ALA C 316 19.06 0.79 47.75
CA ALA C 316 19.95 1.93 47.39
C ALA C 316 19.50 3.18 48.14
N SER C 317 20.44 3.98 48.65
CA SER C 317 20.13 5.22 49.40
C SER C 317 20.00 6.37 48.40
N MET C 318 20.53 6.19 47.19
CA MET C 318 20.57 7.24 46.15
C MET C 318 20.69 6.52 44.80
N LEU C 319 19.99 7.01 43.78
CA LEU C 319 19.92 6.40 42.44
C LEU C 319 20.23 7.50 41.43
N VAL C 320 21.32 7.32 40.69
CA VAL C 320 21.84 8.32 39.73
C VAL C 320 21.73 7.70 38.35
N SER C 321 21.14 8.41 37.40
CA SER C 321 20.92 7.90 36.02
C SER C 321 20.71 9.06 35.04
N MET C 322 21.17 8.88 33.80
CA MET C 322 20.72 9.75 32.70
C MET C 322 19.21 9.53 32.53
N HIS C 323 18.50 10.57 32.12
CA HIS C 323 17.06 10.51 31.77
C HIS C 323 16.88 9.32 30.84
N GLY C 324 15.92 8.44 31.16
CA GLY C 324 15.56 7.29 30.32
C GLY C 324 14.76 6.25 31.09
N ALA C 325 14.22 5.28 30.36
CA ALA C 325 13.25 4.28 30.86
C ALA C 325 13.82 3.59 32.11
N GLN C 326 15.14 3.42 32.24
CA GLN C 326 15.67 2.64 33.39
C GLN C 326 15.27 3.30 34.72
N LEU C 327 15.00 4.60 34.68
CA LEU C 327 14.72 5.38 35.92
C LEU C 327 13.31 5.05 36.44
N VAL C 328 12.48 4.34 35.68
CA VAL C 328 11.13 3.92 36.14
C VAL C 328 11.30 2.94 37.30
N THR C 329 12.48 2.28 37.40
CA THR C 329 12.83 1.43 38.58
C THR C 329 12.85 2.29 39.86
N THR C 330 12.76 3.62 39.73
CA THR C 330 12.58 4.54 40.88
C THR C 330 11.50 3.98 41.81
N LEU C 331 10.47 3.33 41.26
CA LEU C 331 9.30 2.91 42.08
C LEU C 331 9.70 1.80 43.06
N PHE C 332 10.88 1.21 42.91
CA PHE C 332 11.38 0.15 43.82
C PHE C 332 12.27 0.71 44.95
N LEU C 333 12.71 1.97 44.87
CA LEU C 333 13.58 2.59 45.91
C LEU C 333 12.89 2.53 47.27
N PRO C 334 13.67 2.36 48.35
CA PRO C 334 13.11 2.41 49.70
C PRO C 334 12.68 3.82 50.09
N ARG C 335 11.78 3.94 51.06
CA ARG C 335 11.38 5.25 51.64
C ARG C 335 12.68 5.97 52.01
N GLY C 336 12.82 7.23 51.64
CA GLY C 336 13.93 8.10 52.09
C GLY C 336 15.00 8.30 51.01
N ALA C 337 15.16 7.34 50.09
CA ALA C 337 16.17 7.38 49.01
C ALA C 337 16.05 8.67 48.19
N THR C 338 17.07 8.98 47.42
CA THR C 338 17.14 10.18 46.55
C THR C 338 17.36 9.74 45.13
N VAL C 339 16.62 10.34 44.19
CA VAL C 339 16.78 10.11 42.74
C VAL C 339 17.55 11.30 42.17
N VAL C 340 18.62 11.02 41.44
CA VAL C 340 19.41 12.07 40.75
C VAL C 340 19.34 11.76 39.27
N GLU C 341 18.61 12.60 38.55
CA GLU C 341 18.38 12.45 37.10
C GLU C 341 19.25 13.46 36.36
N LEU C 342 20.07 12.96 35.45
CA LEU C 342 21.01 13.77 34.65
C LEU C 342 20.40 14.01 33.27
N PHE C 343 20.36 15.26 32.81
CA PHE C 343 19.87 15.59 31.45
C PHE C 343 21.02 16.06 30.60
N PRO C 344 21.14 15.58 29.34
CA PRO C 344 22.17 16.04 28.44
C PRO C 344 21.94 17.47 27.92
N TYR C 345 22.92 17.99 27.19
CA TYR C 345 22.92 19.37 26.64
C TYR C 345 21.62 19.61 25.88
N ALA C 346 20.96 20.73 26.17
CA ALA C 346 19.84 21.29 25.37
C ALA C 346 18.52 20.60 25.71
N VAL C 347 18.52 19.63 26.64
CA VAL C 347 17.31 18.98 27.17
C VAL C 347 16.97 19.61 28.51
N ASN C 348 15.81 20.26 28.59
CA ASN C 348 15.37 21.00 29.80
C ASN C 348 14.62 20.06 30.73
N PRO C 349 15.14 19.77 31.93
CA PRO C 349 14.48 18.82 32.83
C PRO C 349 12.97 19.02 32.99
N ASP C 350 12.50 20.27 32.98
CA ASP C 350 11.09 20.60 33.32
C ASP C 350 10.15 20.22 32.17
N HIS C 351 10.68 19.95 30.98
CA HIS C 351 9.95 19.49 29.79
C HIS C 351 9.79 17.96 29.77
N TYR C 352 10.51 17.23 30.62
CA TYR C 352 10.61 15.75 30.57
C TYR C 352 10.56 15.17 32.00
N THR C 353 9.35 15.13 32.58
CA THR C 353 9.14 14.94 34.03
C THR C 353 8.43 13.65 34.43
N PRO C 354 8.53 12.52 33.70
CA PRO C 354 7.91 11.27 34.18
C PRO C 354 8.53 10.77 35.49
N TYR C 355 9.87 10.80 35.63
CA TYR C 355 10.56 10.20 36.80
C TYR C 355 10.50 11.23 37.95
N LYS C 356 10.60 12.52 37.63
CA LYS C 356 10.40 13.58 38.65
C LYS C 356 8.98 13.38 39.24
N THR C 357 7.96 13.25 38.38
CA THR C 357 6.54 13.16 38.82
C THR C 357 6.38 11.94 39.76
N LEU C 358 6.95 10.80 39.37
CA LEU C 358 6.88 9.53 40.14
C LEU C 358 7.54 9.70 41.50
N ALA C 359 8.74 10.26 41.54
CA ALA C 359 9.54 10.42 42.77
C ALA C 359 8.80 11.37 43.72
N MET C 360 8.15 12.39 43.19
CA MET C 360 7.54 13.44 44.05
C MET C 360 6.06 13.14 44.35
N LEU C 361 5.48 12.01 43.87
CA LEU C 361 4.10 11.60 44.28
C LEU C 361 3.98 11.62 45.80
N PRO C 362 2.84 12.10 46.35
CA PRO C 362 2.59 11.99 47.78
C PRO C 362 2.74 10.54 48.24
N GLY C 363 3.45 10.33 49.35
CA GLY C 363 3.58 9.02 50.02
C GLY C 363 4.66 8.17 49.41
N MET C 364 5.35 8.69 48.39
CA MET C 364 6.52 8.00 47.81
C MET C 364 7.74 8.27 48.70
N ASP C 365 7.75 9.43 49.39
CA ASP C 365 8.79 9.75 50.39
C ASP C 365 10.16 9.59 49.74
N LEU C 366 10.30 10.03 48.48
CA LEU C 366 11.59 10.15 47.78
C LEU C 366 11.92 11.63 47.64
N GLN C 367 13.21 11.93 47.45
CA GLN C 367 13.71 13.27 47.09
C GLN C 367 14.22 13.17 45.66
N TYR C 368 14.13 14.27 44.91
CA TYR C 368 14.43 14.28 43.46
C TYR C 368 15.35 15.44 43.15
N VAL C 369 16.42 15.16 42.43
CA VAL C 369 17.37 16.18 41.94
C VAL C 369 17.47 16.02 40.43
N ALA C 370 17.37 17.14 39.72
CA ALA C 370 17.71 17.22 38.29
C ALA C 370 19.01 18.00 38.11
N TRP C 371 19.94 17.40 37.40
CA TRP C 371 21.15 18.07 36.93
C TRP C 371 21.13 18.14 35.40
N ARG C 372 21.57 19.27 34.89
CA ARG C 372 21.54 19.63 33.46
C ARG C 372 22.97 19.88 33.00
N ASN C 373 23.41 19.22 31.94
CA ASN C 373 24.68 19.56 31.27
C ASN C 373 24.43 20.84 30.49
N MET C 374 25.18 21.89 30.80
CA MET C 374 24.95 23.26 30.27
C MET C 374 26.09 23.66 29.30
N MET C 375 27.10 22.80 29.18
CA MET C 375 28.41 23.09 28.55
C MET C 375 28.60 22.22 27.30
N PRO C 376 28.53 22.80 26.08
CA PRO C 376 28.69 22.04 24.85
C PRO C 376 30.04 21.32 24.68
N GLU C 377 31.10 21.81 25.29
CA GLU C 377 32.42 21.10 25.30
C GLU C 377 32.25 19.73 25.98
N ASN C 378 31.17 19.52 26.73
CA ASN C 378 31.00 18.31 27.59
C ASN C 378 29.97 17.35 26.98
N THR C 379 29.46 17.66 25.80
CA THR C 379 28.52 16.78 25.08
C THR C 379 29.28 16.17 23.91
N VAL C 380 28.86 15.00 23.49
CA VAL C 380 29.27 14.39 22.20
C VAL C 380 27.98 14.08 21.44
N THR C 381 27.78 14.72 20.28
CA THR C 381 26.66 14.42 19.38
C THR C 381 27.06 13.25 18.47
N HIS C 382 26.08 12.66 17.78
CA HIS C 382 26.24 11.49 16.89
C HIS C 382 25.30 11.66 15.69
N PRO C 383 25.53 12.70 14.85
CA PRO C 383 24.60 13.03 13.78
C PRO C 383 24.59 12.04 12.62
N GLU C 384 25.59 11.15 12.56
CA GLU C 384 25.81 10.21 11.42
C GLU C 384 25.04 8.90 11.68
N ARG C 385 24.46 8.73 12.88
CA ARG C 385 23.73 7.51 13.26
C ARG C 385 22.40 7.40 12.52
N PRO C 386 21.76 6.21 12.47
CA PRO C 386 20.41 6.06 11.94
C PRO C 386 19.42 6.97 12.70
N TRP C 387 18.35 7.38 12.03
CA TRP C 387 17.34 8.38 12.51
C TRP C 387 16.81 7.99 13.91
N ASP C 388 16.68 6.71 14.20
CA ASP C 388 16.02 6.19 15.43
C ASP C 388 16.98 6.31 16.61
N GLN C 389 18.28 6.52 16.37
CA GLN C 389 19.33 6.72 17.42
C GLN C 389 19.85 8.16 17.41
N GLY C 390 19.03 9.07 16.87
CA GLY C 390 19.19 10.52 17.01
C GLY C 390 19.99 11.13 15.90
N GLY C 391 20.32 10.38 14.85
CA GLY C 391 21.00 10.89 13.65
C GLY C 391 20.18 11.98 12.99
N ILE C 392 20.84 12.84 12.22
CA ILE C 392 20.18 13.99 11.52
C ILE C 392 20.64 14.06 10.06
N THR C 393 21.52 13.16 9.58
CA THR C 393 22.04 13.19 8.18
C THR C 393 20.92 12.87 7.19
N HIS C 394 19.81 12.33 7.67
CA HIS C 394 18.60 12.05 6.85
C HIS C 394 17.77 13.32 6.59
N LEU C 395 18.15 14.48 7.16
CA LEU C 395 17.35 15.74 7.03
C LEU C 395 18.00 16.66 5.98
N ASP C 396 17.24 17.62 5.46
CA ASP C 396 17.80 18.68 4.57
C ASP C 396 18.97 19.34 5.32
N ARG C 397 19.87 19.99 4.60
CA ARG C 397 21.10 20.60 5.17
C ARG C 397 20.70 21.77 6.09
N ALA C 398 19.65 22.51 5.72
CA ALA C 398 19.19 23.70 6.49
C ALA C 398 18.62 23.29 7.86
N GLU C 399 17.97 22.12 7.95
CA GLU C 399 17.39 21.58 9.22
C GLU C 399 18.55 21.14 10.11
N GLN C 400 19.53 20.45 9.53
CA GLN C 400 20.70 19.97 10.29
C GLN C 400 21.35 21.19 10.95
N ALA C 401 21.56 22.27 10.20
CA ALA C 401 22.10 23.56 10.67
C ALA C 401 21.28 24.01 11.87
N ARG C 402 19.98 24.27 11.65
CA ARG C 402 19.01 24.73 12.67
C ARG C 402 19.17 23.91 13.96
N ILE C 403 19.28 22.58 13.86
CA ILE C 403 19.35 21.66 15.02
C ILE C 403 20.67 21.87 15.77
N LEU C 404 21.78 21.94 15.05
CA LEU C 404 23.15 22.09 15.65
C LEU C 404 23.25 23.49 16.28
N GLN C 405 22.54 24.49 15.76
CA GLN C 405 22.57 25.89 16.30
C GLN C 405 21.72 25.98 17.57
N SER C 406 20.76 25.08 17.77
CA SER C 406 19.74 25.18 18.84
C SER C 406 20.38 24.86 20.19
N ARG C 407 20.13 25.70 21.19
CA ARG C 407 20.74 25.61 22.54
C ARG C 407 19.77 24.91 23.51
N GLU C 408 18.51 24.76 23.13
CA GLU C 408 17.46 24.08 23.94
C GLU C 408 16.46 23.47 22.97
N VAL C 409 16.13 22.17 23.13
CA VAL C 409 15.05 21.50 22.34
C VAL C 409 13.76 22.26 22.62
N PRO C 410 13.12 22.83 21.58
CA PRO C 410 11.84 23.50 21.77
C PRO C 410 10.74 22.49 22.14
N ARG C 411 9.72 22.93 22.88
CA ARG C 411 8.60 22.05 23.27
C ARG C 411 7.96 21.48 22.01
N HIS C 412 7.38 20.28 22.10
CA HIS C 412 6.97 19.53 20.91
C HIS C 412 5.95 18.45 21.25
N LEU C 413 5.26 17.99 20.23
CA LEU C 413 4.31 16.86 20.34
C LEU C 413 5.02 15.58 19.96
N CYS C 414 4.33 14.49 20.24
CA CYS C 414 4.77 13.11 19.99
C CYS C 414 4.81 12.97 18.47
N CYS C 415 5.72 12.15 17.92
CA CYS C 415 6.54 11.26 18.72
C CYS C 415 8.02 11.48 18.46
N ARG C 416 8.50 11.10 17.28
CA ARG C 416 9.92 10.82 16.98
C ARG C 416 10.60 12.15 16.58
N ASN C 417 10.42 13.25 17.30
CA ASN C 417 10.91 14.60 16.94
C ASN C 417 12.43 14.54 16.76
N PRO C 418 13.00 15.02 15.64
CA PRO C 418 14.40 14.70 15.31
C PRO C 418 15.40 15.47 16.18
N GLU C 419 15.05 16.69 16.61
CA GLU C 419 15.90 17.50 17.51
C GLU C 419 15.92 16.85 18.90
N TRP C 420 14.78 16.47 19.44
CA TRP C 420 14.68 15.72 20.72
C TRP C 420 15.59 14.48 20.63
N LEU C 421 15.49 13.69 19.57
CA LEU C 421 16.27 12.43 19.46
C LEU C 421 17.75 12.77 19.36
N PHE C 422 18.11 13.81 18.59
CA PHE C 422 19.52 14.25 18.39
C PHE C 422 20.18 14.49 19.75
N ARG C 423 19.46 15.19 20.62
CA ARG C 423 19.97 15.63 21.94
C ARG C 423 19.88 14.51 22.96
N ILE C 424 18.84 13.68 22.89
CA ILE C 424 18.63 12.69 23.97
C ILE C 424 19.62 11.54 23.78
N TYR C 425 20.20 11.36 22.59
CA TYR C 425 21.15 10.24 22.31
C TYR C 425 22.61 10.72 22.40
N GLN C 426 22.81 11.99 22.81
CA GLN C 426 24.13 12.57 23.17
C GLN C 426 24.78 11.75 24.30
N ASP C 427 26.11 11.56 24.21
CA ASP C 427 26.93 11.07 25.35
C ASP C 427 27.35 12.32 26.13
N THR C 428 27.57 12.19 27.43
CA THR C 428 27.72 13.35 28.36
C THR C 428 28.91 13.15 29.30
N LYS C 429 29.87 14.07 29.29
CA LYS C 429 30.88 14.27 30.38
C LYS C 429 30.16 15.10 31.45
N VAL C 430 29.95 14.51 32.62
CA VAL C 430 29.30 15.19 33.76
C VAL C 430 30.33 16.07 34.45
N ASP C 431 30.02 17.36 34.60
CA ASP C 431 30.77 18.33 35.45
C ASP C 431 30.58 17.95 36.93
N ILE C 432 31.49 17.15 37.50
CA ILE C 432 31.31 16.61 38.88
C ILE C 432 31.03 17.74 39.89
N PRO C 433 31.83 18.83 39.93
CA PRO C 433 31.61 19.85 40.96
C PRO C 433 30.16 20.36 40.95
N SER C 434 29.65 20.60 39.74
CA SER C 434 28.29 21.09 39.43
C SER C 434 27.24 20.08 39.89
N LEU C 435 27.43 18.79 39.58
CA LEU C 435 26.51 17.69 40.02
C LEU C 435 26.40 17.72 41.53
N ILE C 436 27.55 17.68 42.19
CA ILE C 436 27.60 17.53 43.66
C ILE C 436 26.94 18.76 44.30
N GLN C 437 27.18 19.95 43.76
CA GLN C 437 26.52 21.18 44.28
C GLN C 437 25.02 20.97 44.21
N THR C 438 24.52 20.46 43.07
CA THR C 438 23.07 20.35 42.76
C THR C 438 22.43 19.37 43.74
N ILE C 439 23.04 18.20 43.90
CA ILE C 439 22.54 17.17 44.87
C ILE C 439 22.50 17.81 46.26
N ARG C 440 23.53 18.54 46.65
CA ARG C 440 23.74 19.05 48.03
C ARG C 440 22.69 20.11 48.39
N ARG C 441 22.10 20.78 47.40
CA ARG C 441 21.02 21.77 47.62
C ARG C 441 19.76 21.08 48.18
N VAL C 442 19.64 19.77 48.01
CA VAL C 442 18.44 18.98 48.43
C VAL C 442 18.81 18.00 49.54
N VAL C 443 19.87 17.20 49.34
CA VAL C 443 20.41 16.22 50.32
C VAL C 443 21.42 16.90 51.25
N LYS C 444 20.98 17.56 52.32
CA LYS C 444 21.85 17.93 53.45
C LYS C 444 22.01 16.70 54.35
N GLY C 445 23.23 16.43 54.79
CA GLY C 445 23.58 15.24 55.60
C GLY C 445 23.67 13.99 54.74
N ARG C 446 23.57 12.80 55.35
CA ARG C 446 23.69 11.49 54.64
C ARG C 446 22.35 11.15 53.98
N PRO C 447 22.31 10.71 52.70
CA PRO C 447 21.09 10.20 52.09
C PRO C 447 20.69 8.81 52.63
N GLY C 448 19.38 8.50 52.62
CA GLY C 448 18.83 7.22 53.09
C GLY C 448 17.85 7.41 54.26
N PRO C 449 17.13 6.35 54.69
CA PRO C 449 16.09 6.46 55.74
C PRO C 449 16.22 7.66 56.71
N VAL C 456 2.34 11.10 58.32
CA VAL C 456 0.94 10.87 58.82
C VAL C 456 0.02 10.74 57.60
N GLY C 457 -0.60 11.83 57.12
CA GLY C 457 -1.35 11.88 55.87
C GLY C 457 -2.86 11.78 56.00
N LEU C 458 -3.46 11.51 57.18
CA LEU C 458 -4.93 11.33 57.35
C LEU C 458 -5.62 12.68 57.35
N TYR C 459 -6.78 12.76 56.70
CA TYR C 459 -7.65 13.96 56.73
C TYR C 459 -8.57 13.87 57.95
N PRO C 460 -8.93 15.02 58.55
CA PRO C 460 -9.95 15.06 59.59
C PRO C 460 -11.37 14.70 59.12
N GLY C 461 -12.20 14.37 60.10
CA GLY C 461 -13.66 14.23 59.89
C GLY C 461 -14.32 15.59 59.88
N LYS C 462 -15.65 15.58 59.72
CA LYS C 462 -16.50 16.79 59.90
C LYS C 462 -16.37 17.24 61.35
N VAL C 463 -16.36 18.55 61.61
CA VAL C 463 -16.68 19.07 62.96
C VAL C 463 -18.11 18.61 63.26
N ARG C 464 -18.44 18.42 64.53
CA ARG C 464 -19.76 17.88 64.96
C ARG C 464 -20.52 18.91 65.78
N GLU C 465 -21.86 18.87 65.66
CA GLU C 465 -22.81 19.61 66.54
C GLU C 465 -22.47 21.11 66.45
N ALA C 466 -22.22 21.60 65.24
CA ALA C 466 -21.99 23.04 64.99
C ALA C 466 -23.24 23.82 65.42
N ARG C 467 -23.08 24.72 66.39
CA ARG C 467 -24.14 25.64 66.91
C ARG C 467 -23.75 27.06 66.52
N CYS C 468 -24.74 27.94 66.36
CA CYS C 468 -24.53 29.42 66.34
C CYS C 468 -25.63 30.13 67.12
N GLN C 469 -25.42 31.42 67.40
CA GLN C 469 -26.26 32.24 68.31
C GLN C 469 -25.88 33.72 68.18
N ALA C 470 -26.88 34.61 68.04
CA ALA C 470 -26.70 36.04 67.71
C ALA C 470 -27.35 36.90 68.77
N SER C 471 -26.58 37.71 69.50
CA SER C 471 -27.03 38.54 70.65
C SER C 471 -27.20 40.02 70.26
N ALA C 478 -24.26 43.96 66.96
CA ALA C 478 -24.56 42.59 66.50
C ALA C 478 -23.35 41.66 66.72
N ARG C 479 -23.56 40.51 67.38
CA ARG C 479 -22.49 39.53 67.71
C ARG C 479 -22.95 38.12 67.29
N LEU C 480 -22.14 37.40 66.52
CA LEU C 480 -22.40 36.02 66.07
C LEU C 480 -21.43 35.06 66.76
N THR C 481 -21.93 34.16 67.60
CA THR C 481 -21.08 33.15 68.31
C THR C 481 -21.29 31.79 67.66
N VAL C 482 -20.20 31.13 67.25
CA VAL C 482 -20.19 29.82 66.56
C VAL C 482 -19.33 28.86 67.39
N SER C 483 -19.78 27.62 67.57
CA SER C 483 -19.06 26.58 68.35
C SER C 483 -19.27 25.20 67.70
N TRP C 484 -18.43 24.22 68.03
CA TRP C 484 -18.47 22.84 67.46
C TRP C 484 -17.61 21.90 68.29
N GLN C 485 -17.93 20.60 68.23
CA GLN C 485 -17.10 19.53 68.84
C GLN C 485 -15.97 19.19 67.86
N ILE C 486 -14.84 18.68 68.36
CA ILE C 486 -13.75 18.12 67.51
C ILE C 486 -14.34 17.08 66.57
N PRO C 487 -13.75 16.87 65.37
CA PRO C 487 -14.13 15.75 64.51
C PRO C 487 -13.98 14.42 65.25
N TRP C 488 -14.88 13.48 65.00
CA TRP C 488 -14.91 12.17 65.70
C TRP C 488 -13.52 11.52 65.68
N ASN C 489 -12.87 11.46 64.52
CA ASN C 489 -11.60 10.69 64.36
C ASN C 489 -10.47 11.39 65.12
N LEU C 490 -10.60 12.67 65.49
CA LEU C 490 -9.53 13.40 66.22
C LEU C 490 -9.31 12.75 67.59
N LYS C 491 -10.38 12.27 68.23
CA LYS C 491 -10.37 11.53 69.52
C LYS C 491 -9.27 10.46 69.54
N TYR C 492 -9.02 9.74 68.45
CA TYR C 492 -8.09 8.58 68.37
C TYR C 492 -6.78 8.93 67.65
N LEU C 493 -6.34 10.20 67.71
CA LEU C 493 -5.34 10.76 66.76
C LEU C 493 -4.44 11.78 67.46
N LYS C 494 -3.13 11.72 67.26
CA LYS C 494 -2.19 12.79 67.71
C LYS C 494 -1.66 13.54 66.49
N VAL C 495 -2.07 14.79 66.34
CA VAL C 495 -1.71 15.67 65.20
C VAL C 495 -0.99 16.90 65.79
N ARG C 496 0.12 17.32 65.17
CA ARG C 496 0.91 18.49 65.66
C ARG C 496 -0.01 19.72 65.67
N GLU C 497 -0.26 20.33 64.51
CA GLU C 497 -1.08 21.55 64.36
C GLU C 497 -2.52 21.15 63.97
N VAL C 498 -3.51 21.63 64.74
CA VAL C 498 -4.97 21.41 64.49
C VAL C 498 -5.68 22.77 64.51
N LYS C 499 -6.05 23.29 63.35
CA LYS C 499 -6.78 24.58 63.20
C LYS C 499 -8.19 24.27 62.68
N TYR C 500 -9.07 25.27 62.72
CA TYR C 500 -10.44 25.24 62.16
C TYR C 500 -10.57 26.46 61.24
N GLU C 501 -11.05 26.23 60.03
CA GLU C 501 -11.35 27.31 59.05
C GLU C 501 -12.87 27.53 59.10
N VAL C 502 -13.29 28.79 59.23
CA VAL C 502 -14.71 29.19 59.30
C VAL C 502 -14.94 30.18 58.15
N TRP C 503 -15.87 29.86 57.27
CA TRP C 503 -16.30 30.75 56.16
C TRP C 503 -17.63 31.39 56.59
N LEU C 504 -17.78 32.70 56.38
CA LEU C 504 -18.97 33.52 56.76
C LEU C 504 -19.51 34.22 55.52
N GLN C 505 -20.64 33.76 55.00
CA GLN C 505 -21.32 34.37 53.83
C GLN C 505 -22.64 34.98 54.29
N GLU C 506 -22.81 36.28 54.10
CA GLU C 506 -24.15 36.93 54.14
C GLU C 506 -24.97 36.30 53.01
N GLN C 507 -26.10 35.67 53.35
CA GLN C 507 -26.99 34.99 52.37
C GLN C 507 -27.32 35.99 51.25
N GLY C 508 -27.19 35.57 49.99
CA GLY C 508 -27.43 36.44 48.82
C GLY C 508 -26.14 36.81 48.11
N GLU C 509 -25.18 37.41 48.84
CA GLU C 509 -23.84 37.81 48.35
C GLU C 509 -23.05 36.56 47.96
N ASN C 510 -21.92 36.74 47.25
CA ASN C 510 -20.94 35.66 46.95
C ASN C 510 -19.60 35.94 47.67
N THR C 511 -19.40 37.11 48.26
CA THR C 511 -18.36 37.32 49.31
C THR C 511 -18.50 36.20 50.36
N TYR C 512 -17.47 35.37 50.51
CA TYR C 512 -17.22 34.63 51.78
C TYR C 512 -16.06 35.35 52.48
N VAL C 513 -15.94 35.17 53.78
CA VAL C 513 -14.92 35.82 54.64
C VAL C 513 -14.28 34.71 55.46
N PRO C 514 -13.04 34.29 55.14
CA PRO C 514 -12.42 33.17 55.85
C PRO C 514 -11.78 33.60 57.17
N TYR C 515 -11.63 32.69 58.12
CA TYR C 515 -10.92 32.87 59.41
C TYR C 515 -10.27 31.55 59.82
N ILE C 516 -8.99 31.55 60.20
CA ILE C 516 -8.31 30.35 60.78
C ILE C 516 -8.21 30.55 62.29
N LEU C 517 -8.93 29.73 63.07
CA LEU C 517 -8.96 29.76 64.55
C LEU C 517 -8.24 28.52 65.06
N ALA C 518 -7.75 28.52 66.30
CA ALA C 518 -7.14 27.34 66.97
C ALA C 518 -8.17 26.69 67.89
N LEU C 519 -9.19 27.43 68.32
CA LEU C 519 -10.13 27.03 69.39
C LEU C 519 -11.47 26.67 68.76
N GLN C 520 -12.34 26.02 69.53
CA GLN C 520 -13.56 25.34 69.01
C GLN C 520 -14.77 26.25 69.15
N ASN C 521 -14.53 27.56 69.28
CA ASN C 521 -15.50 28.55 69.82
C ASN C 521 -14.95 29.92 69.45
N HIS C 522 -15.70 30.72 68.70
CA HIS C 522 -15.32 32.11 68.29
C HIS C 522 -16.57 33.00 68.20
N THR C 523 -16.41 34.29 68.49
CA THR C 523 -17.48 35.32 68.46
C THR C 523 -17.10 36.42 67.46
N PHE C 524 -17.85 36.51 66.36
CA PHE C 524 -17.68 37.51 65.28
C PHE C 524 -18.37 38.80 65.71
N THR C 525 -17.67 39.94 65.64
CA THR C 525 -18.17 41.25 66.20
C THR C 525 -18.40 42.32 65.13
N GLU C 526 -17.37 43.06 64.70
CA GLU C 526 -17.51 44.13 63.67
C GLU C 526 -17.84 43.37 62.38
N ASN C 527 -18.37 44.04 61.38
CA ASN C 527 -18.72 43.45 60.04
C ASN C 527 -20.06 42.70 60.14
N ILE C 528 -20.45 42.23 61.33
CA ILE C 528 -21.74 41.51 61.52
C ILE C 528 -22.84 42.56 61.59
N LYS C 529 -23.82 42.50 60.69
CA LYS C 529 -24.97 43.44 60.62
C LYS C 529 -26.14 42.83 61.38
N PRO C 530 -26.96 43.65 62.09
CA PRO C 530 -28.22 43.16 62.63
C PRO C 530 -29.21 42.83 61.51
N PHE C 531 -30.28 42.09 61.83
CA PHE C 531 -31.46 41.77 60.97
C PHE C 531 -30.97 41.23 59.60
N THR C 532 -30.03 40.28 59.63
CA THR C 532 -29.42 39.62 58.45
C THR C 532 -29.36 38.11 58.67
N THR C 533 -29.28 37.33 57.58
CA THR C 533 -29.06 35.86 57.60
C THR C 533 -27.62 35.58 57.16
N TYR C 534 -26.86 34.89 58.00
CA TYR C 534 -25.46 34.46 57.72
C TYR C 534 -25.42 32.94 57.53
N LEU C 535 -24.79 32.50 56.44
CA LEU C 535 -24.43 31.08 56.23
C LEU C 535 -23.01 30.84 56.76
N VAL C 536 -22.80 29.77 57.53
CA VAL C 536 -21.54 29.50 58.24
C VAL C 536 -21.08 28.08 57.95
N TRP C 537 -20.00 27.94 57.18
CA TRP C 537 -19.31 26.65 56.96
C TRP C 537 -18.11 26.56 57.90
N VAL C 538 -17.74 25.34 58.29
CA VAL C 538 -16.62 25.09 59.24
C VAL C 538 -15.93 23.78 58.85
N ARG C 539 -14.59 23.82 58.76
CA ARG C 539 -13.82 22.59 58.52
C ARG C 539 -12.58 22.59 59.39
N CYS C 540 -12.10 21.39 59.68
CA CYS C 540 -10.89 21.15 60.49
C CYS C 540 -9.71 21.02 59.54
N ILE C 541 -8.54 21.50 59.96
CA ILE C 541 -7.29 21.41 59.15
C ILE C 541 -6.21 20.78 60.01
N PHE C 542 -5.59 19.70 59.51
CA PHE C 542 -4.38 19.08 60.09
C PHE C 542 -3.16 19.64 59.38
N ASN C 543 -2.24 20.26 60.15
CA ASN C 543 -0.87 20.63 59.70
C ASN C 543 -0.97 21.51 58.44
N LYS C 544 -1.82 22.53 58.48
CA LYS C 544 -1.92 23.61 57.46
C LYS C 544 -2.50 23.11 56.13
N ILE C 545 -2.18 21.89 55.68
CA ILE C 545 -2.34 21.46 54.26
C ILE C 545 -3.39 20.34 54.10
N LEU C 546 -3.71 19.57 55.15
CA LEU C 546 -4.77 18.54 55.11
C LEU C 546 -6.14 19.15 55.43
N LEU C 547 -6.84 19.65 54.42
CA LEU C 547 -8.19 20.27 54.55
C LEU C 547 -9.24 19.17 54.64
N GLY C 548 -9.93 19.12 55.79
CA GLY C 548 -11.06 18.20 56.02
C GLY C 548 -12.34 18.68 55.34
N PRO C 549 -13.39 17.85 55.39
CA PRO C 549 -14.68 18.20 54.84
C PRO C 549 -15.36 19.27 55.71
N PHE C 550 -16.18 20.07 55.04
CA PHE C 550 -17.10 21.04 55.65
C PHE C 550 -18.29 20.29 56.25
N ALA C 551 -18.73 20.71 57.44
CA ALA C 551 -19.99 20.23 58.04
C ALA C 551 -21.15 20.83 57.25
N ASP C 552 -22.36 20.31 57.50
CA ASP C 552 -23.63 20.91 57.04
C ASP C 552 -23.60 22.39 57.40
N VAL C 553 -23.95 23.24 56.44
CA VAL C 553 -24.07 24.72 56.62
C VAL C 553 -24.96 25.04 57.83
N LEU C 554 -24.65 26.10 58.58
CA LEU C 554 -25.54 26.68 59.60
C LEU C 554 -26.21 27.91 59.00
N VAL C 555 -27.51 28.05 59.22
CA VAL C 555 -28.23 29.34 59.01
C VAL C 555 -28.35 30.02 60.37
N CYS C 556 -27.86 31.25 60.45
CA CYS C 556 -27.81 32.08 61.68
C CYS C 556 -28.48 33.41 61.35
N ASN C 557 -29.39 33.86 62.20
CA ASN C 557 -30.14 35.13 61.98
C ASN C 557 -29.74 36.11 63.09
N THR C 558 -29.45 37.35 62.69
CA THR C 558 -29.06 38.46 63.59
C THR C 558 -30.25 39.43 63.65
N ASP D 30 -11.62 -17.72 61.01
CA ASP D 30 -11.46 -17.41 62.47
C ASP D 30 -11.76 -15.92 62.67
N TYR D 31 -12.14 -15.53 63.88
CA TYR D 31 -12.21 -14.12 64.32
C TYR D 31 -10.79 -13.61 64.62
N PRO D 32 -9.97 -14.29 65.46
CA PRO D 32 -8.65 -13.76 65.82
C PRO D 32 -7.76 -13.59 64.58
N LYS D 33 -7.97 -14.43 63.55
CA LYS D 33 -7.35 -14.31 62.20
C LYS D 33 -7.78 -12.99 61.56
N ALA D 34 -9.06 -12.86 61.21
CA ALA D 34 -9.67 -11.63 60.65
C ALA D 34 -9.15 -10.39 61.41
N LEU D 35 -9.26 -10.37 62.74
CA LEU D 35 -8.93 -9.16 63.55
C LEU D 35 -7.45 -8.79 63.34
N GLN D 36 -6.55 -9.73 63.06
CA GLN D 36 -5.12 -9.38 62.86
C GLN D 36 -4.95 -8.82 61.44
N ILE D 37 -5.48 -9.53 60.43
CA ILE D 37 -5.51 -9.08 59.00
C ILE D 37 -5.87 -7.59 58.98
N LEU D 38 -6.87 -7.19 59.76
CA LEU D 38 -7.37 -5.81 59.86
C LEU D 38 -6.42 -4.93 60.66
N MET D 39 -5.91 -5.42 61.81
CA MET D 39 -5.14 -4.61 62.81
C MET D 39 -3.78 -4.20 62.23
N GLU D 40 -3.19 -5.02 61.36
CA GLU D 40 -1.84 -4.75 60.79
C GLU D 40 -1.98 -4.41 59.30
N GLY D 41 -2.84 -5.14 58.56
CA GLY D 41 -3.05 -4.98 57.11
C GLY D 41 -3.78 -3.69 56.74
N GLY D 42 -4.92 -3.43 57.36
CA GLY D 42 -5.74 -2.22 57.15
C GLY D 42 -6.80 -2.45 56.08
N THR D 43 -7.59 -1.40 55.83
CA THR D 43 -8.63 -1.34 54.76
C THR D 43 -7.94 -1.29 53.38
N HIS D 44 -8.58 -1.89 52.38
CA HIS D 44 -8.09 -1.98 50.98
C HIS D 44 -9.25 -1.50 50.07
N MET D 45 -9.04 -0.42 49.31
CA MET D 45 -10.08 0.21 48.45
C MET D 45 -9.57 0.34 47.02
N VAL D 46 -10.27 -0.27 46.06
CA VAL D 46 -9.98 -0.17 44.61
C VAL D 46 -11.31 0.13 43.90
N CYS D 47 -11.37 1.27 43.22
CA CYS D 47 -12.61 1.84 42.62
C CYS D 47 -12.42 2.05 41.13
N THR D 48 -13.49 1.81 40.40
CA THR D 48 -13.58 1.97 38.94
C THR D 48 -14.27 3.32 38.72
N GLY D 49 -13.76 4.13 37.79
CA GLY D 49 -14.34 5.40 37.38
C GLY D 49 -13.42 6.58 37.65
N ARG D 50 -13.61 7.61 36.81
CA ARG D 50 -12.79 8.85 36.74
C ARG D 50 -13.29 9.86 37.78
N THR D 51 -14.61 10.03 37.96
CA THR D 51 -15.19 11.03 38.91
C THR D 51 -16.15 10.37 39.90
N HIS D 52 -16.66 11.13 40.88
CA HIS D 52 -17.58 10.59 41.92
C HIS D 52 -18.91 10.17 41.31
N THR D 53 -19.23 10.69 40.12
CA THR D 53 -20.52 10.50 39.42
C THR D 53 -20.64 9.07 38.88
N ASP D 54 -19.53 8.45 38.51
CA ASP D 54 -19.53 7.11 37.84
C ASP D 54 -18.67 6.13 38.65
N ARG D 55 -18.40 6.38 39.93
CA ARG D 55 -17.45 5.55 40.71
C ARG D 55 -18.19 4.40 41.43
N ILE D 56 -17.68 3.18 41.35
CA ILE D 56 -18.11 2.04 42.20
C ILE D 56 -16.83 1.51 42.86
N CYS D 57 -16.81 1.41 44.18
CA CYS D 57 -15.62 1.02 44.98
C CYS D 57 -15.75 -0.40 45.50
N ARG D 58 -14.71 -1.23 45.31
CA ARG D 58 -14.58 -2.55 45.97
C ARG D 58 -13.65 -2.40 47.19
N PHE D 59 -14.19 -2.57 48.39
CA PHE D 59 -13.46 -2.48 49.68
C PHE D 59 -13.24 -3.88 50.27
N LYS D 60 -12.16 -4.00 51.05
CA LYS D 60 -11.91 -5.09 52.03
C LYS D 60 -11.60 -4.41 53.36
N TRP D 61 -12.20 -4.89 54.44
CA TRP D 61 -11.94 -4.39 55.82
C TRP D 61 -12.27 -2.90 55.89
N LEU D 62 -13.39 -2.52 55.24
CA LEU D 62 -14.10 -1.25 55.45
C LEU D 62 -14.98 -1.42 56.68
N CYS D 63 -14.94 -0.46 57.59
CA CYS D 63 -15.60 -0.56 58.92
C CYS D 63 -16.59 0.58 59.08
N TYR D 64 -17.54 0.42 60.00
CA TYR D 64 -18.64 1.37 60.26
C TYR D 64 -18.82 1.50 61.77
N SER D 65 -18.67 2.70 62.32
CA SER D 65 -18.97 2.99 63.74
C SER D 65 -20.43 3.40 63.87
N ASN D 66 -21.21 2.63 64.63
CA ASN D 66 -22.62 2.95 64.96
C ASN D 66 -22.68 4.12 65.93
N GLU D 67 -21.67 4.29 66.79
CA GLU D 67 -21.56 5.51 67.65
C GLU D 67 -21.47 6.74 66.73
N ALA D 68 -20.45 6.78 65.87
CA ALA D 68 -20.09 7.96 65.06
C ALA D 68 -21.04 8.09 63.86
N GLU D 69 -21.70 7.01 63.43
CA GLU D 69 -22.60 6.95 62.24
C GLU D 69 -21.74 7.28 61.00
N GLU D 70 -20.60 6.61 60.87
CA GLU D 70 -19.50 7.04 59.97
C GLU D 70 -18.73 5.80 59.50
N PHE D 71 -18.53 5.62 58.19
CA PHE D 71 -17.64 4.56 57.64
C PHE D 71 -16.18 4.93 57.92
N ILE D 72 -15.34 3.92 58.09
CA ILE D 72 -13.94 4.08 58.56
C ILE D 72 -13.00 3.33 57.62
N PHE D 73 -11.99 4.03 57.10
CA PHE D 73 -10.84 3.44 56.38
C PHE D 73 -9.68 3.39 57.37
N PHE D 74 -9.20 2.17 57.69
CA PHE D 74 -8.06 1.92 58.61
C PHE D 74 -6.80 1.76 57.78
N HIS D 75 -5.86 2.71 57.91
CA HIS D 75 -4.51 2.62 57.29
C HIS D 75 -3.65 1.59 58.02
N GLY D 76 -3.37 0.47 57.36
CA GLY D 76 -2.37 -0.53 57.77
C GLY D 76 -1.23 -0.59 56.78
N ASN D 77 -0.51 -1.70 56.72
CA ASN D 77 0.77 -1.81 55.98
C ASN D 77 0.53 -2.50 54.63
N THR D 78 -0.64 -3.14 54.42
CA THR D 78 -1.10 -3.61 53.08
C THR D 78 -2.15 -2.65 52.48
N SER D 79 -2.49 -1.57 53.20
CA SER D 79 -3.67 -0.74 52.87
C SER D 79 -3.40 0.06 51.58
N VAL D 80 -4.41 0.07 50.71
CA VAL D 80 -4.43 0.65 49.34
C VAL D 80 -5.66 1.55 49.25
N MET D 81 -5.51 2.75 48.70
CA MET D 81 -6.62 3.70 48.49
C MET D 81 -6.49 4.27 47.07
N LEU D 82 -7.08 3.58 46.12
CA LEU D 82 -7.16 3.87 44.68
C LEU D 82 -8.62 4.15 44.31
N PRO D 83 -9.03 5.39 43.94
CA PRO D 83 -8.15 6.54 43.83
C PRO D 83 -7.73 7.14 45.18
N ASN D 84 -6.57 7.78 45.19
CA ASN D 84 -6.13 8.65 46.30
C ASN D 84 -6.40 10.10 45.89
N LEU D 85 -7.52 10.64 46.36
CA LEU D 85 -7.97 11.99 45.96
C LEU D 85 -7.41 12.99 46.95
N GLY D 86 -6.70 12.51 47.98
CA GLY D 86 -6.41 13.35 49.15
C GLY D 86 -7.63 14.16 49.50
N SER D 87 -7.56 15.49 49.40
CA SER D 87 -8.58 16.43 49.94
C SER D 87 -9.71 16.65 48.91
N ARG D 88 -9.54 16.11 47.71
CA ARG D 88 -10.61 16.17 46.67
C ARG D 88 -11.62 15.07 46.98
N ARG D 89 -11.35 14.22 47.96
CA ARG D 89 -12.29 13.18 48.43
C ARG D 89 -13.54 13.87 48.97
N PHE D 90 -13.40 15.09 49.45
CA PHE D 90 -14.49 15.91 50.05
C PHE D 90 -15.01 16.97 49.06
N GLN D 91 -14.78 16.82 47.77
CA GLN D 91 -15.22 17.86 46.80
C GLN D 91 -15.94 17.19 45.63
N PRO D 92 -17.18 16.72 45.81
CA PRO D 92 -17.88 16.79 47.10
C PRO D 92 -17.85 15.51 47.94
N ALA D 93 -17.44 14.40 47.35
CA ALA D 93 -17.50 13.07 47.96
C ALA D 93 -16.69 12.06 47.13
N LEU D 94 -16.49 10.86 47.66
CA LEU D 94 -15.74 9.80 46.96
C LEU D 94 -16.62 9.22 45.85
N LEU D 95 -17.91 9.06 46.14
CA LEU D 95 -18.89 8.12 45.48
C LEU D 95 -20.28 8.71 45.55
N ASP D 96 -21.15 8.28 44.64
CA ASP D 96 -22.62 8.42 44.78
C ASP D 96 -23.22 7.07 45.20
N LEU D 97 -23.82 7.02 46.39
CA LEU D 97 -24.57 5.86 46.96
C LEU D 97 -25.92 5.70 46.27
N SER D 98 -26.57 6.82 45.91
CA SER D 98 -27.84 6.90 45.16
C SER D 98 -27.55 7.32 43.72
N THR D 99 -28.45 6.95 42.80
CA THR D 99 -28.41 7.44 41.41
C THR D 99 -28.95 8.87 41.35
N VAL D 100 -29.64 9.32 42.39
CA VAL D 100 -30.39 10.61 42.35
C VAL D 100 -29.46 11.73 42.82
N GLU D 101 -29.12 12.63 41.90
CA GLU D 101 -28.16 13.74 42.14
C GLU D 101 -28.85 14.87 42.91
N ASP D 102 -29.08 14.67 44.23
CA ASP D 102 -29.72 15.65 45.16
C ASP D 102 -28.71 16.43 46.01
N HIS D 103 -27.42 16.11 45.90
CA HIS D 103 -26.29 16.71 46.67
C HIS D 103 -26.50 16.49 48.17
N ASN D 104 -26.77 15.23 48.60
CA ASN D 104 -27.06 14.91 50.03
C ASN D 104 -27.11 13.38 50.27
N THR D 105 -28.23 12.68 50.05
CA THR D 105 -28.28 11.19 50.17
C THR D 105 -27.28 10.59 49.18
N GLN D 106 -26.94 11.29 48.08
CA GLN D 106 -26.13 10.64 47.01
C GLN D 106 -24.74 10.30 47.56
N TYR D 107 -24.25 11.02 48.57
CA TYR D 107 -22.79 11.06 48.87
C TYR D 107 -22.42 9.96 49.85
N PHE D 108 -21.37 9.22 49.48
CA PHE D 108 -20.63 8.30 50.35
C PHE D 108 -19.26 8.90 50.64
N ASN D 109 -18.89 8.87 51.91
CA ASN D 109 -17.52 9.22 52.33
C ASN D 109 -17.15 8.35 53.53
N PHE D 110 -15.86 8.25 53.82
CA PHE D 110 -15.36 7.59 55.03
C PHE D 110 -14.51 8.61 55.78
N VAL D 111 -14.04 8.18 56.93
CA VAL D 111 -13.22 8.94 57.89
C VAL D 111 -12.00 8.05 58.13
N GLU D 112 -10.83 8.63 58.29
CA GLU D 112 -9.57 7.84 58.31
C GLU D 112 -9.09 7.65 59.76
N LEU D 113 -8.59 6.43 60.05
CA LEU D 113 -7.80 6.13 61.27
C LEU D 113 -6.62 5.23 60.88
N PRO D 114 -5.57 5.21 61.72
CA PRO D 114 -4.54 4.19 61.63
C PRO D 114 -5.07 2.91 62.28
N ALA D 115 -4.78 1.76 61.66
CA ALA D 115 -5.28 0.44 62.11
C ALA D 115 -4.90 0.22 63.57
N ALA D 116 -3.69 0.67 63.94
CA ALA D 116 -3.21 0.78 65.34
C ALA D 116 -4.36 1.17 66.27
N ALA D 117 -5.14 2.20 65.94
CA ALA D 117 -6.12 2.82 66.85
C ALA D 117 -7.25 1.84 67.23
N LEU D 118 -7.36 0.68 66.58
CA LEU D 118 -8.35 -0.37 66.96
C LEU D 118 -8.18 -0.77 68.43
N ARG D 119 -6.95 -0.75 68.95
CA ARG D 119 -6.59 -1.07 70.36
C ARG D 119 -7.40 -0.21 71.34
N PHE D 120 -7.62 1.07 71.04
CA PHE D 120 -8.35 2.03 71.93
C PHE D 120 -9.85 2.02 71.61
N MET D 121 -10.35 1.02 70.88
CA MET D 121 -11.73 1.00 70.31
C MET D 121 -12.39 -0.35 70.60
N PRO D 122 -13.74 -0.42 70.60
CA PRO D 122 -14.46 -1.68 70.79
C PRO D 122 -13.96 -2.83 69.91
N LYS D 123 -14.43 -4.02 70.23
CA LYS D 123 -14.10 -5.26 69.48
C LYS D 123 -14.93 -5.21 68.19
N PRO D 124 -14.32 -5.22 66.99
CA PRO D 124 -15.09 -5.34 65.75
C PRO D 124 -16.01 -6.58 65.70
N VAL D 125 -17.21 -6.43 65.13
CA VAL D 125 -18.07 -7.53 64.61
C VAL D 125 -17.86 -7.63 63.10
N PHE D 126 -17.49 -8.79 62.59
CA PHE D 126 -17.15 -8.96 61.16
C PHE D 126 -18.40 -9.41 60.40
N VAL D 127 -18.78 -8.68 59.36
CA VAL D 127 -19.78 -9.13 58.36
C VAL D 127 -19.04 -10.06 57.40
N PRO D 128 -19.35 -11.36 57.40
CA PRO D 128 -18.60 -12.33 56.60
C PRO D 128 -18.98 -12.34 55.12
N ASP D 129 -20.28 -12.32 54.78
CA ASP D 129 -20.79 -12.40 53.39
C ASP D 129 -20.57 -11.04 52.69
N VAL D 130 -20.37 -11.08 51.37
CA VAL D 130 -20.03 -9.90 50.55
C VAL D 130 -21.25 -8.97 50.49
N ALA D 131 -21.02 -7.67 50.63
CA ALA D 131 -22.06 -6.63 50.79
C ALA D 131 -22.10 -5.71 49.56
N LEU D 132 -23.31 -5.25 49.20
CA LEU D 132 -23.48 -4.08 48.31
C LEU D 132 -24.16 -2.99 49.13
N ILE D 133 -23.47 -1.87 49.33
CA ILE D 133 -23.95 -0.75 50.17
C ILE D 133 -24.46 0.36 49.25
N ALA D 134 -25.74 0.69 49.33
CA ALA D 134 -26.38 1.72 48.49
C ALA D 134 -27.38 2.55 49.31
N ASN D 135 -27.82 3.67 48.74
CA ASN D 135 -28.93 4.48 49.28
C ASN D 135 -30.13 4.47 48.34
N ARG D 136 -31.31 4.44 48.95
CA ARG D 136 -32.63 4.51 48.26
C ARG D 136 -33.11 5.95 48.35
N PHE D 137 -33.47 6.58 47.24
CA PHE D 137 -33.88 8.01 47.27
C PHE D 137 -35.26 8.14 47.94
N ASN D 138 -36.20 7.26 47.58
CA ASN D 138 -37.59 7.36 48.07
C ASN D 138 -38.29 6.02 47.92
N PRO D 139 -38.12 5.10 48.88
CA PRO D 139 -38.66 3.74 48.73
C PRO D 139 -40.18 3.63 48.98
N ASP D 140 -40.88 4.77 49.09
CA ASP D 140 -42.36 4.90 49.17
C ASP D 140 -42.99 5.19 47.79
N ASN D 141 -42.18 5.50 46.78
CA ASN D 141 -42.66 5.89 45.42
C ASN D 141 -42.22 4.85 44.38
N LEU D 142 -43.14 4.27 43.63
CA LEU D 142 -42.85 3.13 42.73
C LEU D 142 -41.91 3.57 41.59
N MET D 143 -42.00 4.81 41.10
CA MET D 143 -41.14 5.32 40.01
C MET D 143 -39.71 5.35 40.56
N HIS D 144 -39.54 6.02 41.69
CA HIS D 144 -38.23 6.14 42.38
C HIS D 144 -37.69 4.73 42.61
N VAL D 145 -38.51 3.83 43.14
CA VAL D 145 -38.03 2.46 43.48
C VAL D 145 -37.48 1.78 42.23
N PHE D 146 -38.19 1.82 41.12
CA PHE D 146 -37.77 1.07 39.92
C PHE D 146 -36.61 1.78 39.24
N HIS D 147 -36.71 3.10 39.05
CA HIS D 147 -35.79 3.90 38.20
C HIS D 147 -34.45 4.11 38.89
N ASP D 148 -34.50 4.42 40.19
CA ASP D 148 -33.38 4.93 41.01
C ASP D 148 -32.59 3.80 41.67
N ASP D 149 -33.25 2.66 41.93
CA ASP D 149 -32.80 1.63 42.91
C ASP D 149 -32.79 0.25 42.24
N LEU D 150 -33.94 -0.29 41.82
CA LEU D 150 -34.05 -1.71 41.41
C LEU D 150 -33.22 -1.95 40.14
N LEU D 151 -33.42 -1.17 39.08
CA LEU D 151 -32.71 -1.38 37.80
C LEU D 151 -31.21 -1.15 37.99
N PRO D 152 -30.78 -0.05 38.65
CA PRO D 152 -29.39 0.12 39.04
C PRO D 152 -28.86 -1.07 39.86
N LEU D 153 -29.49 -1.42 40.99
CA LEU D 153 -29.05 -2.58 41.81
C LEU D 153 -28.91 -3.82 40.91
N PHE D 154 -29.87 -4.05 40.02
CA PHE D 154 -29.91 -5.29 39.20
C PHE D 154 -28.60 -5.38 38.42
N TYR D 155 -28.23 -4.30 37.73
CA TYR D 155 -27.10 -4.29 36.76
C TYR D 155 -25.78 -3.96 37.46
N THR D 156 -25.81 -3.26 38.59
CA THR D 156 -24.59 -3.04 39.41
C THR D 156 -24.11 -4.39 39.94
N LEU D 157 -25.01 -5.23 40.45
CA LEU D 157 -24.67 -6.58 40.95
C LEU D 157 -24.02 -7.38 39.81
N ARG D 158 -24.54 -7.24 38.60
CA ARG D 158 -24.12 -8.11 37.47
C ARG D 158 -22.83 -7.55 36.83
N GLN D 159 -22.27 -6.47 37.40
CA GLN D 159 -20.99 -5.87 36.93
C GLN D 159 -19.81 -6.68 37.48
N PHE D 160 -19.97 -7.29 38.65
CA PHE D 160 -18.89 -7.96 39.41
C PHE D 160 -19.23 -9.43 39.62
N PRO D 161 -18.36 -10.39 39.20
CA PRO D 161 -18.68 -11.81 39.30
C PRO D 161 -19.00 -12.24 40.74
N GLY D 162 -20.02 -13.09 40.88
CA GLY D 162 -20.49 -13.58 42.19
C GLY D 162 -21.66 -12.75 42.70
N LEU D 163 -21.41 -11.48 42.98
CA LEU D 163 -22.33 -10.53 43.65
C LEU D 163 -23.82 -10.88 43.45
N ALA D 164 -24.31 -11.10 42.23
CA ALA D 164 -25.76 -11.24 41.92
C ALA D 164 -26.43 -12.23 42.88
N HIS D 165 -25.81 -13.39 43.06
CA HIS D 165 -26.40 -14.55 43.76
C HIS D 165 -25.89 -14.62 45.21
N GLU D 166 -24.88 -13.84 45.62
CA GLU D 166 -24.19 -13.98 46.95
C GLU D 166 -24.35 -12.72 47.81
N ALA D 167 -24.70 -11.58 47.22
CA ALA D 167 -24.55 -10.26 47.89
C ALA D 167 -25.77 -10.02 48.78
N ARG D 168 -25.52 -9.50 49.97
CA ARG D 168 -26.55 -8.92 50.86
C ARG D 168 -26.53 -7.40 50.68
N LEU D 169 -27.68 -6.79 50.37
CA LEU D 169 -27.83 -5.34 50.22
C LEU D 169 -27.91 -4.68 51.61
N PHE D 170 -27.18 -3.59 51.82
CA PHE D 170 -27.27 -2.73 53.02
C PHE D 170 -27.74 -1.33 52.56
N PHE D 171 -28.89 -0.89 53.05
CA PHE D 171 -29.49 0.42 52.69
C PHE D 171 -29.19 1.39 53.83
N MET D 172 -28.32 2.36 53.59
CA MET D 172 -27.75 3.24 54.65
C MET D 172 -28.43 4.61 54.65
N GLU D 173 -29.40 4.86 53.77
CA GLU D 173 -30.05 6.19 53.68
C GLU D 173 -30.84 6.46 54.96
N GLY D 174 -31.41 5.41 55.57
CA GLY D 174 -32.02 5.48 56.91
C GLY D 174 -33.52 5.69 56.85
N TRP D 175 -34.16 5.22 55.77
CA TRP D 175 -35.62 5.02 55.66
C TRP D 175 -35.92 3.62 56.23
N GLY D 176 -37.19 3.35 56.53
CA GLY D 176 -37.65 1.98 56.86
C GLY D 176 -37.79 1.17 55.60
N GLU D 177 -38.38 -0.01 55.69
CA GLU D 177 -38.64 -0.89 54.52
C GLU D 177 -39.40 -0.07 53.47
N GLY D 178 -40.32 0.79 53.93
CA GLY D 178 -41.24 1.56 53.07
C GLY D 178 -42.22 0.66 52.32
N ALA D 179 -43.07 1.26 51.51
CA ALA D 179 -44.23 0.60 50.88
C ALA D 179 -43.83 -0.54 49.92
N HIS D 180 -42.58 -0.68 49.48
CA HIS D 180 -42.27 -1.60 48.35
C HIS D 180 -41.10 -2.54 48.66
N PHE D 181 -40.75 -2.71 49.94
CA PHE D 181 -39.63 -3.57 50.38
C PHE D 181 -39.69 -4.97 49.76
N ASP D 182 -40.88 -5.51 49.51
CA ASP D 182 -41.08 -6.87 48.95
C ASP D 182 -40.32 -6.96 47.61
N LEU D 183 -40.27 -5.85 46.86
CA LEU D 183 -39.63 -5.76 45.52
C LEU D 183 -38.10 -5.73 45.66
N TYR D 184 -37.58 -4.92 46.58
CA TYR D 184 -36.14 -4.87 46.91
C TYR D 184 -35.66 -6.29 47.22
N LYS D 185 -36.44 -7.02 48.03
CA LYS D 185 -36.09 -8.38 48.53
C LYS D 185 -35.96 -9.35 47.35
N LEU D 186 -36.46 -9.01 46.16
CA LEU D 186 -36.40 -9.96 45.01
C LEU D 186 -35.02 -9.94 44.33
N LEU D 187 -34.13 -9.02 44.71
CA LEU D 187 -32.88 -8.76 43.96
C LEU D 187 -31.78 -9.73 44.41
N SER D 188 -31.40 -9.70 45.69
CA SER D 188 -30.52 -10.72 46.31
C SER D 188 -31.42 -11.82 46.87
N PRO D 189 -30.90 -13.05 47.08
CA PRO D 189 -31.61 -14.08 47.82
C PRO D 189 -31.32 -13.92 49.31
N LYS D 190 -30.53 -12.91 49.70
CA LYS D 190 -30.27 -12.60 51.13
C LYS D 190 -31.10 -11.39 51.58
N GLN D 191 -31.60 -11.46 52.81
CA GLN D 191 -32.46 -10.44 53.47
C GLN D 191 -31.69 -9.12 53.54
N PRO D 192 -32.12 -8.06 52.82
CA PRO D 192 -31.47 -6.75 52.97
C PRO D 192 -31.61 -6.20 54.39
N LEU D 193 -30.59 -5.45 54.85
CA LEU D 193 -30.51 -4.80 56.19
C LEU D 193 -30.66 -3.29 56.02
N LEU D 194 -31.26 -2.61 56.99
CA LEU D 194 -31.39 -1.13 57.05
C LEU D 194 -30.47 -0.61 58.15
N ARG D 195 -30.24 0.71 58.20
CA ARG D 195 -29.28 1.32 59.14
C ARG D 195 -29.74 1.03 60.58
N ALA D 196 -31.04 1.18 60.85
CA ALA D 196 -31.65 0.93 62.18
C ALA D 196 -31.20 -0.43 62.73
N GLN D 197 -31.21 -1.46 61.90
CA GLN D 197 -30.85 -2.85 62.25
C GLN D 197 -29.34 -2.98 62.49
N LEU D 198 -28.51 -2.13 61.88
CA LEU D 198 -27.04 -2.19 62.12
C LEU D 198 -26.74 -1.81 63.57
N LYS D 199 -27.43 -0.81 64.14
CA LYS D 199 -27.16 -0.29 65.51
C LYS D 199 -27.10 -1.44 66.52
N THR D 200 -28.02 -2.40 66.39
CA THR D 200 -28.15 -3.57 67.31
C THR D 200 -26.92 -4.50 67.18
N LEU D 201 -26.41 -4.70 65.96
CA LEU D 201 -25.37 -5.72 65.62
C LEU D 201 -24.05 -5.54 66.39
N GLY D 202 -23.81 -4.37 66.99
CA GLY D 202 -22.52 -4.05 67.64
C GLY D 202 -22.19 -2.58 67.46
N ARG D 203 -21.20 -2.06 68.19
CA ARG D 203 -20.85 -0.62 68.17
C ARG D 203 -19.82 -0.35 67.07
N LEU D 204 -19.24 -1.42 66.49
CA LEU D 204 -18.19 -1.33 65.45
C LEU D 204 -18.28 -2.56 64.52
N LEU D 205 -18.75 -2.34 63.29
CA LEU D 205 -18.94 -3.35 62.23
C LEU D 205 -17.78 -3.24 61.23
N CYS D 206 -17.24 -4.36 60.75
CA CYS D 206 -16.27 -4.39 59.62
C CYS D 206 -16.72 -5.36 58.54
N PHE D 207 -16.87 -4.87 57.32
CA PHE D 207 -17.21 -5.71 56.15
C PHE D 207 -15.88 -6.28 55.62
N SER D 208 -15.78 -7.60 55.56
CA SER D 208 -14.60 -8.29 54.99
C SER D 208 -14.49 -7.98 53.50
N HIS D 209 -15.63 -7.73 52.85
CA HIS D 209 -15.75 -7.57 51.38
C HIS D 209 -17.07 -6.81 51.11
N ALA D 210 -16.96 -5.59 50.61
CA ALA D 210 -18.09 -4.68 50.37
C ALA D 210 -17.89 -3.96 49.04
N PHE D 211 -18.92 -3.91 48.20
CA PHE D 211 -19.02 -2.94 47.08
C PHE D 211 -19.92 -1.79 47.52
N VAL D 212 -19.58 -0.58 47.06
CA VAL D 212 -20.29 0.68 47.46
C VAL D 212 -20.52 1.52 46.22
N GLY D 213 -21.75 2.04 46.06
CA GLY D 213 -22.18 2.82 44.88
C GLY D 213 -23.07 2.00 43.96
N LEU D 214 -23.69 2.65 42.99
CA LEU D 214 -24.65 2.07 42.02
C LEU D 214 -24.37 2.69 40.66
N SER D 215 -24.27 1.89 39.61
CA SER D 215 -24.21 2.43 38.23
C SER D 215 -25.47 3.30 37.99
N LYS D 216 -25.28 4.43 37.32
CA LYS D 216 -26.35 5.29 36.79
C LYS D 216 -26.63 4.93 35.34
N ILE D 217 -26.05 3.86 34.80
CA ILE D 217 -26.12 3.56 33.33
C ILE D 217 -27.58 3.34 32.90
N THR D 218 -28.44 2.80 33.78
CA THR D 218 -29.85 2.44 33.46
C THR D 218 -30.82 3.60 33.65
N THR D 219 -30.37 4.78 34.08
CA THR D 219 -31.26 5.93 34.38
C THR D 219 -31.62 6.65 33.07
N TRP D 220 -32.78 7.29 33.02
CA TRP D 220 -33.25 8.03 31.82
C TRP D 220 -33.86 9.37 32.24
N TYR D 221 -33.97 9.65 33.55
CA TYR D 221 -34.70 10.84 34.05
C TYR D 221 -33.96 11.48 35.20
N GLN D 222 -34.14 12.80 35.34
CA GLN D 222 -33.65 13.60 36.50
C GLN D 222 -34.78 14.49 37.01
N TYR D 223 -34.91 14.58 38.31
CA TYR D 223 -36.11 15.11 39.01
C TYR D 223 -36.00 16.62 39.27
N GLY D 224 -35.08 17.30 38.60
CA GLY D 224 -35.01 18.78 38.55
C GLY D 224 -34.44 19.45 39.79
N PHE D 225 -33.30 18.99 40.30
CA PHE D 225 -32.61 19.64 41.44
C PHE D 225 -31.86 20.89 40.99
N VAL D 226 -31.31 20.91 39.79
CA VAL D 226 -30.45 22.03 39.29
C VAL D 226 -31.20 22.85 38.23
N GLN D 227 -31.56 22.22 37.10
CA GLN D 227 -32.50 22.79 36.10
C GLN D 227 -33.78 21.96 36.17
N PRO D 228 -34.93 22.41 35.61
CA PRO D 228 -36.21 21.73 35.84
C PRO D 228 -36.20 20.30 35.31
N GLN D 229 -37.03 19.47 35.94
CA GLN D 229 -37.07 17.99 35.74
C GLN D 229 -37.25 17.71 34.25
N GLY D 230 -36.76 16.56 33.80
CA GLY D 230 -36.72 16.18 32.38
C GLY D 230 -35.81 14.98 32.15
N PRO D 231 -35.72 14.48 30.89
CA PRO D 231 -34.88 13.31 30.58
C PRO D 231 -33.39 13.63 30.69
N LYS D 232 -32.58 12.65 31.12
CA LYS D 232 -31.11 12.72 31.07
C LYS D 232 -30.69 13.02 29.64
N ALA D 233 -29.64 13.82 29.49
CA ALA D 233 -29.14 14.32 28.20
C ALA D 233 -28.66 13.15 27.34
N ASN D 234 -27.96 12.19 27.96
CA ASN D 234 -27.33 11.05 27.24
C ASN D 234 -27.75 9.75 27.91
N ILE D 235 -28.78 9.10 27.38
CA ILE D 235 -29.39 7.88 27.98
C ILE D 235 -28.63 6.67 27.44
N LEU D 236 -28.10 5.81 28.30
CA LEU D 236 -27.22 4.69 27.84
C LEU D 236 -27.92 3.35 27.94
N VAL D 237 -29.24 3.33 28.17
CA VAL D 237 -30.02 2.07 28.31
C VAL D 237 -31.07 2.04 27.21
N SER D 238 -31.26 0.88 26.61
CA SER D 238 -32.29 0.64 25.58
C SER D 238 -33.41 -0.25 26.16
N GLY D 239 -34.49 -0.43 25.42
CA GLY D 239 -35.61 -1.33 25.77
C GLY D 239 -35.12 -2.73 26.11
N ASN D 240 -34.18 -3.24 25.32
CA ASN D 240 -33.65 -4.61 25.54
C ASN D 240 -33.27 -4.79 27.00
N GLU D 241 -32.51 -3.86 27.58
CA GLU D 241 -31.87 -4.11 28.89
C GLU D 241 -32.96 -3.91 29.94
N ILE D 242 -33.96 -3.06 29.66
CA ILE D 242 -35.14 -2.86 30.56
C ILE D 242 -35.97 -4.15 30.56
N ARG D 243 -36.26 -4.69 29.37
CA ARG D 243 -37.08 -5.93 29.23
C ARG D 243 -36.40 -7.11 29.92
N GLN D 244 -35.08 -7.24 29.81
CA GLN D 244 -34.34 -8.37 30.43
C GLN D 244 -34.49 -8.27 31.96
N PHE D 245 -34.55 -7.05 32.49
CA PHE D 245 -34.79 -6.82 33.94
C PHE D 245 -36.26 -7.12 34.23
N ALA D 246 -37.15 -6.79 33.30
CA ALA D 246 -38.60 -7.06 33.44
C ALA D 246 -38.81 -8.58 33.56
N ARG D 247 -38.24 -9.37 32.64
CA ARG D 247 -38.30 -10.87 32.66
C ARG D 247 -37.92 -11.37 34.05
N PHE D 248 -36.79 -10.92 34.58
CA PHE D 248 -36.26 -11.39 35.88
C PHE D 248 -37.30 -11.08 36.96
N MET D 249 -37.88 -9.88 36.95
CA MET D 249 -38.82 -9.42 38.01
C MET D 249 -40.14 -10.18 37.87
N THR D 250 -40.65 -10.42 36.65
CA THR D 250 -41.88 -11.24 36.48
C THR D 250 -41.59 -12.61 37.12
N GLU D 251 -40.52 -13.32 36.71
CA GLU D 251 -40.20 -14.70 37.19
C GLU D 251 -40.09 -14.72 38.72
N LYS D 252 -39.49 -13.71 39.33
CA LYS D 252 -39.32 -13.64 40.80
C LYS D 252 -40.67 -13.34 41.47
N LEU D 253 -41.65 -12.81 40.72
CA LEU D 253 -43.02 -12.57 41.25
C LEU D 253 -43.87 -13.82 40.99
N ASN D 254 -43.25 -14.92 40.54
CA ASN D 254 -43.87 -16.26 40.34
C ASN D 254 -45.03 -16.14 39.35
N VAL D 255 -44.99 -15.13 38.48
CA VAL D 255 -46.13 -14.73 37.60
C VAL D 255 -45.72 -14.90 36.13
N SER D 256 -45.93 -16.08 35.56
CA SER D 256 -45.38 -16.50 34.24
C SER D 256 -46.11 -17.76 33.74
N GLU D 265 -57.81 -10.06 23.98
CA GLU D 265 -56.91 -8.93 24.33
C GLU D 265 -57.73 -7.77 24.92
N TYR D 266 -57.08 -6.81 25.57
CA TYR D 266 -57.76 -5.80 26.41
C TYR D 266 -56.94 -4.53 26.61
N ILE D 267 -57.67 -3.49 26.98
CA ILE D 267 -57.16 -2.16 27.40
C ILE D 267 -57.17 -2.15 28.94
N LEU D 268 -56.06 -1.76 29.54
CA LEU D 268 -55.91 -1.78 31.02
C LEU D 268 -55.94 -0.32 31.48
N VAL D 269 -56.81 0.00 32.44
CA VAL D 269 -56.91 1.39 32.98
C VAL D 269 -56.46 1.36 34.44
N PHE D 270 -55.42 2.13 34.77
CA PHE D 270 -54.92 2.29 36.16
C PHE D 270 -55.88 3.20 36.90
N SER D 271 -56.50 2.67 37.94
CA SER D 271 -57.38 3.42 38.85
C SER D 271 -56.56 3.82 40.08
N ARG D 272 -57.06 4.86 40.76
CA ARG D 272 -56.57 5.38 42.06
C ARG D 272 -57.80 5.54 42.95
N THR D 273 -57.73 5.12 44.21
CA THR D 273 -58.89 5.15 45.14
C THR D 273 -58.81 6.42 45.98
N GLN D 274 -57.59 6.84 46.37
CA GLN D 274 -57.36 7.96 47.33
C GLN D 274 -57.55 9.31 46.62
N ASN D 275 -56.59 9.70 45.77
CA ASN D 275 -56.50 11.05 45.17
C ASN D 275 -56.07 10.94 43.71
N ARG D 276 -56.03 12.07 43.00
CA ARG D 276 -55.68 12.14 41.55
C ARG D 276 -56.59 11.15 40.82
N LEU D 277 -57.89 11.28 41.03
CA LEU D 277 -58.94 10.36 40.53
C LEU D 277 -59.26 10.67 39.08
N ILE D 278 -59.75 9.66 38.36
CA ILE D 278 -60.62 9.83 37.16
C ILE D 278 -62.08 9.77 37.66
N LEU D 279 -62.71 10.95 37.78
CA LEU D 279 -64.09 11.11 38.28
C LEU D 279 -65.08 10.28 37.43
N ASN D 280 -64.85 10.17 36.11
CA ASN D 280 -65.73 9.41 35.18
C ASN D 280 -65.08 8.10 34.71
N GLU D 281 -64.59 7.27 35.64
CA GLU D 281 -63.97 5.96 35.30
C GLU D 281 -64.92 5.15 34.39
N ALA D 282 -66.17 4.92 34.83
CA ALA D 282 -67.15 4.01 34.20
C ALA D 282 -67.40 4.41 32.74
N GLU D 283 -67.55 5.72 32.49
CA GLU D 283 -67.79 6.32 31.13
C GLU D 283 -66.60 5.97 30.23
N LEU D 284 -65.38 6.22 30.73
CA LEU D 284 -64.10 6.02 30.01
C LEU D 284 -63.96 4.54 29.62
N LEU D 285 -64.22 3.62 30.56
CA LEU D 285 -64.13 2.15 30.31
C LEU D 285 -65.05 1.72 29.15
N LEU D 286 -66.25 2.31 29.05
CA LEU D 286 -67.22 1.97 27.97
C LEU D 286 -66.73 2.60 26.66
N ALA D 287 -66.39 3.89 26.71
CA ALA D 287 -65.93 4.67 25.54
C ALA D 287 -64.77 3.94 24.87
N LEU D 288 -63.79 3.50 25.67
CA LEU D 288 -62.56 2.85 25.15
C LEU D 288 -62.95 1.53 24.51
N ALA D 289 -63.71 0.71 25.24
CA ALA D 289 -64.21 -0.61 24.79
C ALA D 289 -64.89 -0.45 23.42
N GLN D 290 -65.80 0.52 23.32
CA GLN D 290 -66.60 0.86 22.11
C GLN D 290 -65.66 1.26 20.97
N GLU D 291 -64.78 2.22 21.24
CA GLU D 291 -63.94 2.88 20.21
C GLU D 291 -62.92 1.89 19.63
N PHE D 292 -62.30 1.05 20.48
CA PHE D 292 -61.15 0.19 20.10
C PHE D 292 -61.59 -1.29 19.96
N GLN D 293 -62.88 -1.58 20.19
CA GLN D 293 -63.46 -2.94 20.02
C GLN D 293 -62.61 -3.95 20.79
N MET D 294 -62.56 -3.79 22.11
CA MET D 294 -61.61 -4.51 22.98
C MET D 294 -62.14 -4.50 24.41
N LYS D 295 -62.06 -5.64 25.11
CA LYS D 295 -62.37 -5.76 26.57
C LYS D 295 -61.63 -4.61 27.28
N THR D 296 -62.09 -4.16 28.45
CA THR D 296 -61.33 -3.22 29.29
C THR D 296 -61.40 -3.59 30.76
N VAL D 297 -60.24 -3.72 31.38
CA VAL D 297 -60.02 -4.08 32.80
C VAL D 297 -59.54 -2.81 33.51
N THR D 298 -59.80 -2.69 34.80
CA THR D 298 -59.09 -1.74 35.68
C THR D 298 -58.15 -2.54 36.58
N VAL D 299 -57.06 -1.90 37.00
CA VAL D 299 -56.09 -2.44 37.99
C VAL D 299 -55.80 -1.27 38.94
N SER D 300 -55.33 -1.56 40.15
CA SER D 300 -55.10 -0.56 41.21
C SER D 300 -53.95 -1.06 42.11
N LEU D 301 -52.97 -0.21 42.43
CA LEU D 301 -51.85 -0.63 43.31
C LEU D 301 -52.40 -0.97 44.69
N GLU D 302 -53.48 -0.30 45.14
CA GLU D 302 -54.13 -0.51 46.47
C GLU D 302 -54.86 -1.86 46.53
N ASP D 303 -55.54 -2.27 45.45
CA ASP D 303 -56.55 -3.36 45.45
C ASP D 303 -55.97 -4.65 44.84
N HIS D 304 -54.71 -4.66 44.43
CA HIS D 304 -54.06 -5.85 43.82
C HIS D 304 -52.66 -6.05 44.41
N THR D 305 -52.25 -7.29 44.64
CA THR D 305 -50.83 -7.64 44.90
C THR D 305 -50.03 -7.17 43.69
N PHE D 306 -48.79 -6.72 43.92
CA PHE D 306 -47.94 -6.18 42.83
C PHE D 306 -47.79 -7.28 41.76
N ALA D 307 -47.78 -8.55 42.16
CA ALA D 307 -47.70 -9.69 41.22
C ALA D 307 -48.89 -9.65 40.24
N ASP D 308 -50.09 -9.36 40.76
CA ASP D 308 -51.32 -9.29 39.93
C ASP D 308 -51.19 -8.13 38.94
N VAL D 309 -50.79 -6.96 39.43
CA VAL D 309 -50.55 -5.75 38.59
C VAL D 309 -49.65 -6.14 37.41
N VAL D 310 -48.55 -6.84 37.69
CA VAL D 310 -47.58 -7.19 36.61
C VAL D 310 -48.25 -8.20 35.68
N ARG D 311 -48.97 -9.19 36.22
CA ARG D 311 -49.68 -10.21 35.41
C ARG D 311 -50.56 -9.49 34.37
N LEU D 312 -51.32 -8.48 34.81
CA LEU D 312 -52.27 -7.69 33.98
C LEU D 312 -51.54 -6.77 33.01
N VAL D 313 -50.54 -6.02 33.48
CA VAL D 313 -49.80 -5.07 32.60
C VAL D 313 -49.07 -5.86 31.51
N SER D 314 -48.57 -7.05 31.87
CA SER D 314 -47.74 -7.91 30.98
C SER D 314 -48.43 -8.21 29.63
N ASN D 315 -49.76 -8.36 29.60
CA ASN D 315 -50.50 -8.77 28.37
C ASN D 315 -51.51 -7.69 27.94
N ALA D 316 -51.40 -6.46 28.44
CA ALA D 316 -52.30 -5.34 28.05
C ALA D 316 -51.87 -4.81 26.68
N SER D 317 -52.82 -4.48 25.82
CA SER D 317 -52.53 -3.93 24.47
C SER D 317 -52.42 -2.42 24.56
N MET D 318 -52.92 -1.85 25.65
CA MET D 318 -52.99 -0.38 25.87
C MET D 318 -53.06 -0.18 27.38
N LEU D 319 -52.35 0.83 27.88
CA LEU D 319 -52.32 1.18 29.32
C LEU D 319 -52.68 2.66 29.43
N VAL D 320 -53.78 2.94 30.12
CA VAL D 320 -54.30 4.31 30.32
C VAL D 320 -54.16 4.61 31.80
N SER D 321 -53.56 5.76 32.14
CA SER D 321 -53.36 6.18 33.54
C SER D 321 -53.20 7.69 33.64
N MET D 322 -53.64 8.28 34.75
CA MET D 322 -53.21 9.63 35.15
C MET D 322 -51.69 9.58 35.37
N HIS D 323 -51.00 10.69 35.05
CA HIS D 323 -49.58 10.89 35.38
C HIS D 323 -49.35 10.49 36.84
N GLY D 324 -48.39 9.62 37.09
CA GLY D 324 -48.03 9.18 38.45
C GLY D 324 -47.24 7.87 38.46
N ALA D 325 -46.71 7.54 39.63
CA ALA D 325 -45.72 6.47 39.83
C ALA D 325 -46.20 5.15 39.21
N GLN D 326 -47.51 4.90 39.22
CA GLN D 326 -48.03 3.58 38.77
C GLN D 326 -47.64 3.36 37.30
N LEU D 327 -47.42 4.44 36.54
CA LEU D 327 -47.14 4.34 35.08
C LEU D 327 -45.73 3.80 34.83
N VAL D 328 -44.87 3.70 35.86
CA VAL D 328 -43.51 3.10 35.72
C VAL D 328 -43.67 1.62 35.37
N THR D 329 -44.82 1.01 35.68
CA THR D 329 -45.16 -0.38 35.26
C THR D 329 -45.23 -0.45 33.74
N THR D 330 -45.19 0.69 33.03
CA THR D 330 -45.02 0.73 31.55
C THR D 330 -43.92 -0.25 31.13
N LEU D 331 -42.87 -0.43 31.93
CA LEU D 331 -41.68 -1.24 31.53
C LEU D 331 -42.07 -2.72 31.44
N PHE D 332 -43.26 -3.11 31.91
CA PHE D 332 -43.74 -4.51 31.84
C PHE D 332 -44.64 -4.77 30.61
N LEU D 333 -45.09 -3.72 29.92
CA LEU D 333 -45.94 -3.85 28.71
C LEU D 333 -45.24 -4.70 27.66
N PRO D 334 -46.01 -5.50 26.91
CA PRO D 334 -45.45 -6.24 25.78
C PRO D 334 -45.04 -5.31 24.62
N ARG D 335 -44.13 -5.76 23.76
CA ARG D 335 -43.76 -5.04 22.51
C ARG D 335 -45.08 -4.72 21.80
N GLY D 336 -45.27 -3.49 21.33
CA GLY D 336 -46.40 -3.10 20.46
C GLY D 336 -47.47 -2.33 21.21
N ALA D 337 -47.63 -2.56 22.52
CA ALA D 337 -48.64 -1.88 23.38
C ALA D 337 -48.54 -0.36 23.27
N THR D 338 -49.59 0.34 23.70
CA THR D 338 -49.65 1.82 23.69
C THR D 338 -49.87 2.32 25.11
N VAL D 339 -49.15 3.38 25.49
CA VAL D 339 -49.33 4.08 26.79
C VAL D 339 -50.13 5.35 26.53
N VAL D 340 -51.22 5.53 27.28
CA VAL D 340 -52.02 6.77 27.24
C VAL D 340 -51.92 7.42 28.61
N GLU D 341 -51.22 8.56 28.66
CA GLU D 341 -50.96 9.27 29.92
C GLU D 341 -51.86 10.50 29.95
N LEU D 342 -52.66 10.62 31.00
CA LEU D 342 -53.62 11.74 31.19
C LEU D 342 -53.00 12.74 32.14
N PHE D 343 -52.98 14.02 31.79
CA PHE D 343 -52.48 15.11 32.68
C PHE D 343 -53.64 15.99 33.11
N PRO D 344 -53.74 16.34 34.40
CA PRO D 344 -54.80 17.23 34.88
C PRO D 344 -54.63 18.68 34.43
N TYR D 345 -55.65 19.50 34.70
CA TYR D 345 -55.73 20.92 34.27
C TYR D 345 -54.44 21.64 34.67
N ALA D 346 -53.82 22.35 33.72
CA ALA D 346 -52.71 23.30 33.96
C ALA D 346 -51.37 22.58 34.09
N VAL D 347 -51.33 21.25 33.98
CA VAL D 347 -50.06 20.46 33.97
C VAL D 347 -49.71 20.12 32.52
N ASN D 348 -48.58 20.63 32.04
CA ASN D 348 -48.15 20.52 30.63
C ASN D 348 -47.37 19.22 30.44
N PRO D 349 -47.88 18.26 29.66
CA PRO D 349 -47.21 16.97 29.50
C PRO D 349 -45.71 17.06 29.19
N ASP D 350 -45.26 18.08 28.46
CA ASP D 350 -43.85 18.16 27.99
C ASP D 350 -42.90 18.54 29.14
N HIS D 351 -43.43 19.03 30.26
CA HIS D 351 -42.68 19.40 31.48
C HIS D 351 -42.50 18.19 32.40
N TYR D 352 -43.22 17.09 32.17
CA TYR D 352 -43.29 15.92 33.09
C TYR D 352 -43.23 14.62 32.30
N THR D 353 -42.03 14.24 31.83
CA THR D 353 -41.81 13.23 30.77
C THR D 353 -41.06 11.98 31.21
N PRO D 354 -41.12 11.51 32.48
CA PRO D 354 -40.48 10.24 32.84
C PRO D 354 -41.09 9.03 32.09
N TYR D 355 -42.42 8.95 31.98
CA TYR D 355 -43.10 7.77 31.40
C TYR D 355 -43.06 7.90 29.88
N LYS D 356 -43.18 9.14 29.36
CA LYS D 356 -42.97 9.38 27.92
C LYS D 356 -41.58 8.89 27.52
N THR D 357 -40.54 9.30 28.28
CA THR D 357 -39.12 8.99 27.97
C THR D 357 -38.95 7.47 27.94
N LEU D 358 -39.49 6.77 28.94
CA LEU D 358 -39.40 5.29 29.08
C LEU D 358 -40.05 4.60 27.88
N ALA D 359 -41.28 5.02 27.55
CA ALA D 359 -42.08 4.40 26.47
C ALA D 359 -41.37 4.59 25.13
N MET D 360 -40.72 5.73 24.93
CA MET D 360 -40.13 6.06 23.61
C MET D 360 -38.64 5.63 23.52
N LEU D 361 -38.06 5.03 24.56
CA LEU D 361 -36.67 4.48 24.45
C LEU D 361 -36.56 3.58 23.22
N PRO D 362 -35.44 3.66 22.48
CA PRO D 362 -35.15 2.66 21.44
C PRO D 362 -35.25 1.24 21.99
N GLY D 363 -35.91 0.36 21.24
CA GLY D 363 -36.00 -1.07 21.56
C GLY D 363 -37.13 -1.37 22.53
N MET D 364 -37.83 -0.36 23.01
CA MET D 364 -39.00 -0.55 23.87
C MET D 364 -40.22 -0.87 22.98
N ASP D 365 -40.24 -0.36 21.75
CA ASP D 365 -41.28 -0.70 20.75
C ASP D 365 -42.66 -0.45 21.37
N LEU D 366 -42.82 0.64 22.12
CA LEU D 366 -44.13 1.14 22.64
C LEU D 366 -44.50 2.41 21.88
N GLN D 367 -45.79 2.75 21.89
CA GLN D 367 -46.31 4.04 21.39
C GLN D 367 -46.79 4.82 22.62
N TYR D 368 -46.73 6.15 22.53
CA TYR D 368 -47.03 7.03 23.69
C TYR D 368 -47.98 8.14 23.24
N VAL D 369 -49.04 8.33 24.02
CA VAL D 369 -50.01 9.43 23.82
C VAL D 369 -50.11 10.20 25.13
N ALA D 370 -50.00 11.52 25.03
CA ALA D 370 -50.28 12.43 26.16
C ALA D 370 -51.57 13.20 25.88
N TRP D 371 -52.49 13.16 26.82
CA TRP D 371 -53.74 13.95 26.78
C TRP D 371 -53.73 14.89 27.99
N ARG D 372 -54.17 16.12 27.75
CA ARG D 372 -54.17 17.21 28.73
C ARG D 372 -55.62 17.66 28.96
N ASN D 373 -56.08 17.70 30.21
CA ASN D 373 -57.39 18.31 30.55
C ASN D 373 -57.25 19.82 30.39
N MET D 374 -58.02 20.39 29.47
CA MET D 374 -57.86 21.82 29.06
C MET D 374 -59.12 22.60 29.44
N MET D 375 -60.06 21.93 30.11
CA MET D 375 -61.42 22.45 30.41
C MET D 375 -61.61 22.56 31.92
N PRO D 376 -61.63 23.79 32.48
CA PRO D 376 -61.72 23.99 33.94
C PRO D 376 -62.99 23.43 34.58
N GLU D 377 -64.10 23.35 33.83
CA GLU D 377 -65.35 22.70 34.29
C GLU D 377 -65.07 21.25 34.69
N ASN D 378 -63.96 20.66 34.20
CA ASN D 378 -63.71 19.20 34.27
C ASN D 378 -62.65 18.88 35.32
N THR D 379 -62.16 19.86 36.06
CA THR D 379 -61.19 19.65 37.16
C THR D 379 -61.90 19.87 38.49
N VAL D 380 -61.44 19.20 39.54
CA VAL D 380 -61.84 19.44 40.94
C VAL D 380 -60.56 19.69 41.73
N THR D 381 -60.39 20.87 42.30
CA THR D 381 -59.23 21.24 43.15
C THR D 381 -59.56 20.86 44.60
N HIS D 382 -58.56 20.87 45.48
CA HIS D 382 -58.66 20.50 46.93
C HIS D 382 -57.77 21.43 47.74
N PRO D 383 -58.07 22.75 47.75
CA PRO D 383 -57.17 23.73 48.36
C PRO D 383 -57.12 23.68 49.89
N GLU D 384 -58.06 22.97 50.52
CA GLU D 384 -58.24 22.95 52.00
C GLU D 384 -57.39 21.81 52.58
N ARG D 385 -56.78 20.96 51.75
CA ARG D 385 -55.97 19.79 52.20
C ARG D 385 -54.66 20.27 52.83
N PRO D 386 -53.97 19.41 53.62
CA PRO D 386 -52.64 19.75 54.12
C PRO D 386 -51.67 20.06 52.97
N TRP D 387 -50.65 20.89 53.25
CA TRP D 387 -49.71 21.46 52.24
C TRP D 387 -49.07 20.34 51.39
N ASP D 388 -48.84 19.17 51.98
CA ASP D 388 -48.09 18.05 51.36
C ASP D 388 -49.00 17.31 50.36
N GLN D 389 -50.32 17.53 50.40
CA GLN D 389 -51.32 16.93 49.47
C GLN D 389 -51.92 18.01 48.55
N GLY D 390 -51.19 19.12 48.40
CA GLY D 390 -51.45 20.13 47.36
C GLY D 390 -52.35 21.25 47.84
N GLY D 391 -52.68 21.28 49.15
CA GLY D 391 -53.42 22.40 49.77
C GLY D 391 -52.71 23.73 49.59
N ILE D 392 -53.43 24.84 49.63
CA ILE D 392 -52.86 26.21 49.44
C ILE D 392 -53.38 27.17 50.52
N THR D 393 -54.23 26.75 51.46
CA THR D 393 -54.83 27.66 52.47
C THR D 393 -53.75 28.13 53.45
N HIS D 394 -52.60 27.47 53.48
CA HIS D 394 -51.43 27.86 54.30
C HIS D 394 -50.65 29.04 53.67
N LEU D 395 -51.02 29.54 52.48
CA LEU D 395 -50.25 30.60 51.77
C LEU D 395 -50.94 31.96 51.96
N ASP D 396 -50.22 33.06 51.70
CA ASP D 396 -50.76 34.42 51.50
C ASP D 396 -52.03 34.33 50.65
N ARG D 397 -53.01 35.23 50.82
CA ARG D 397 -54.22 35.23 49.97
C ARG D 397 -53.83 35.69 48.56
N ALA D 398 -52.79 36.52 48.40
CA ALA D 398 -52.35 37.00 47.06
C ALA D 398 -51.73 35.85 46.24
N GLU D 399 -51.05 34.90 46.90
CA GLU D 399 -50.46 33.70 46.24
C GLU D 399 -51.59 32.75 45.84
N GLN D 400 -52.55 32.54 46.74
CA GLN D 400 -53.72 31.67 46.46
C GLN D 400 -54.39 32.17 45.19
N ALA D 401 -54.63 33.48 45.10
CA ALA D 401 -55.20 34.16 43.91
C ALA D 401 -54.37 33.78 42.69
N ARG D 402 -53.09 34.15 42.69
CA ARG D 402 -52.10 33.88 41.60
C ARG D 402 -52.23 32.43 41.14
N ILE D 403 -52.27 31.47 42.07
CA ILE D 403 -52.31 30.00 41.77
C ILE D 403 -53.63 29.66 41.06
N LEU D 404 -54.77 30.13 41.57
CA LEU D 404 -56.11 29.82 41.02
C LEU D 404 -56.26 30.49 39.64
N GLN D 405 -55.58 31.61 39.40
CA GLN D 405 -55.65 32.34 38.10
C GLN D 405 -54.75 31.67 37.07
N SER D 406 -53.77 30.87 37.49
CA SER D 406 -52.72 30.30 36.60
C SER D 406 -53.34 29.21 35.74
N ARG D 407 -53.08 29.25 34.43
CA ARG D 407 -53.67 28.30 33.44
C ARG D 407 -52.63 27.22 33.10
N GLU D 408 -51.38 27.39 33.51
CA GLU D 408 -50.29 26.39 33.31
C GLU D 408 -49.31 26.53 34.48
N VAL D 409 -48.95 25.42 35.12
CA VAL D 409 -47.87 25.38 36.16
C VAL D 409 -46.58 25.83 35.48
N PRO D 410 -45.97 26.94 35.96
CA PRO D 410 -44.69 27.37 35.40
C PRO D 410 -43.57 26.37 35.73
N ARG D 411 -42.55 26.32 34.88
CA ARG D 411 -41.40 25.40 35.10
C ARG D 411 -40.79 25.71 36.46
N HIS D 412 -40.18 24.72 37.10
CA HIS D 412 -39.73 24.85 38.50
C HIS D 412 -38.69 23.80 38.87
N LEU D 413 -37.99 24.06 39.97
CA LEU D 413 -37.01 23.13 40.54
C LEU D 413 -37.70 22.32 41.62
N CYS D 414 -37.03 21.25 42.00
CA CYS D 414 -37.42 20.31 43.08
C CYS D 414 -37.31 21.10 44.37
N CYS D 415 -38.14 20.83 45.37
CA CYS D 415 -39.12 19.76 45.36
C CYS D 415 -40.41 20.36 45.91
N ARG D 416 -41.53 19.65 45.81
CA ARG D 416 -42.80 20.00 46.51
C ARG D 416 -43.22 21.47 46.25
N ASN D 417 -43.00 22.00 45.04
CA ASN D 417 -43.54 23.33 44.59
C ASN D 417 -45.05 23.36 44.83
N PRO D 418 -45.62 24.40 45.47
CA PRO D 418 -47.00 24.32 45.94
C PRO D 418 -48.05 24.40 44.81
N GLU D 419 -47.74 25.11 43.71
CA GLU D 419 -48.63 25.20 42.52
C GLU D 419 -48.64 23.83 41.80
N TRP D 420 -47.47 23.23 41.58
CA TRP D 420 -47.35 21.86 41.03
C TRP D 420 -48.22 20.91 41.88
N LEU D 421 -48.10 20.94 43.20
CA LEU D 421 -48.85 19.99 44.08
C LEU D 421 -50.34 20.29 43.98
N PHE D 422 -50.71 21.56 43.94
CA PHE D 422 -52.14 22.00 43.89
C PHE D 422 -52.80 21.32 42.67
N ARG D 423 -52.12 21.39 41.53
CA ARG D 423 -52.63 20.92 40.22
C ARG D 423 -52.49 19.40 40.09
N ILE D 424 -51.43 18.81 40.62
CA ILE D 424 -51.18 17.37 40.37
C ILE D 424 -52.13 16.55 41.25
N TYR D 425 -52.70 17.12 42.31
CA TYR D 425 -53.62 16.38 43.24
C TYR D 425 -55.10 16.66 42.88
N GLN D 426 -55.34 17.42 41.79
CA GLN D 426 -56.66 17.59 41.16
C GLN D 426 -57.27 16.23 40.76
N ASP D 427 -58.59 16.08 40.96
CA ASP D 427 -59.41 14.98 40.38
C ASP D 427 -59.86 15.49 39.00
N THR D 428 -60.08 14.58 38.04
CA THR D 428 -60.28 14.93 36.60
C THR D 428 -61.45 14.16 35.98
N LYS D 429 -62.44 14.88 35.45
CA LYS D 429 -63.43 14.35 34.47
C LYS D 429 -62.76 14.39 33.10
N VAL D 430 -62.52 13.23 32.49
CA VAL D 430 -61.88 13.14 31.15
C VAL D 430 -62.94 13.43 30.08
N ASP D 431 -62.68 14.39 29.20
CA ASP D 431 -63.48 14.66 27.97
C ASP D 431 -63.27 13.53 26.96
N ILE D 432 -64.13 12.50 26.97
CA ILE D 432 -63.94 11.28 26.12
C ILE D 432 -63.70 11.66 24.65
N PRO D 433 -64.52 12.50 23.98
CA PRO D 433 -64.31 12.79 22.56
C PRO D 433 -62.88 13.26 22.28
N SER D 434 -62.38 14.14 23.15
CA SER D 434 -61.05 14.80 23.09
C SER D 434 -59.95 13.75 23.28
N LEU D 435 -60.09 12.88 24.29
CA LEU D 435 -59.14 11.78 24.57
C LEU D 435 -59.04 10.90 23.31
N ILE D 436 -60.18 10.45 22.81
CA ILE D 436 -60.23 9.48 21.68
C ILE D 436 -59.60 10.12 20.46
N GLN D 437 -59.84 11.40 20.19
CA GLN D 437 -59.17 12.10 19.07
C GLN D 437 -57.66 11.97 19.24
N THR D 438 -57.18 12.24 20.46
CA THR D 438 -55.73 12.32 20.77
C THR D 438 -55.10 10.94 20.57
N ILE D 439 -55.70 9.90 21.13
CA ILE D 439 -55.24 8.48 20.95
C ILE D 439 -55.18 8.17 19.45
N ARG D 440 -56.21 8.56 18.71
CA ARG D 440 -56.43 8.17 17.29
C ARG D 440 -55.37 8.81 16.38
N ARG D 441 -54.76 9.92 16.79
CA ARG D 441 -53.65 10.59 16.04
C ARG D 441 -52.42 9.66 15.99
N VAL D 442 -52.31 8.69 16.89
CA VAL D 442 -51.12 7.81 17.02
C VAL D 442 -51.50 6.35 16.71
N VAL D 443 -52.56 5.86 17.35
CA VAL D 443 -53.10 4.47 17.16
C VAL D 443 -54.16 4.50 16.05
N LYS D 444 -53.75 4.40 14.77
CA LYS D 444 -54.67 4.06 13.67
C LYS D 444 -54.83 2.54 13.67
N GLY D 445 -56.06 2.03 13.53
CA GLY D 445 -56.39 0.60 13.62
C GLY D 445 -56.42 0.12 15.05
N ARG D 446 -56.31 -1.19 15.27
CA ARG D 446 -56.40 -1.82 16.62
C ARG D 446 -55.04 -1.74 17.31
N PRO D 447 -54.97 -1.33 18.61
CA PRO D 447 -53.72 -1.38 19.36
C PRO D 447 -53.27 -2.80 19.74
N GLY D 448 -51.96 -2.99 19.90
CA GLY D 448 -51.34 -4.23 20.42
C GLY D 448 -50.31 -4.81 19.46
N PRO D 449 -49.59 -5.89 19.85
CA PRO D 449 -48.45 -6.42 19.09
C PRO D 449 -48.37 -6.02 17.61
N THR D 455 -35.50 -7.63 12.94
CA THR D 455 -34.12 -7.55 13.48
C THR D 455 -34.21 -7.32 14.99
N VAL D 456 -33.04 -7.20 15.62
CA VAL D 456 -32.80 -6.54 16.94
C VAL D 456 -32.28 -5.12 16.66
N GLY D 457 -31.79 -4.85 15.44
CA GLY D 457 -31.34 -3.50 15.03
C GLY D 457 -29.81 -3.40 15.04
N LEU D 458 -29.16 -4.30 14.30
CA LEU D 458 -27.67 -4.43 14.21
C LEU D 458 -27.12 -3.31 13.35
N TYR D 459 -25.98 -2.75 13.76
CA TYR D 459 -25.18 -1.85 12.89
C TYR D 459 -24.25 -2.69 12.02
N PRO D 460 -24.00 -2.25 10.77
CA PRO D 460 -22.96 -2.85 9.94
C PRO D 460 -21.53 -2.69 10.48
N GLY D 461 -20.63 -3.53 9.99
CA GLY D 461 -19.18 -3.34 10.16
C GLY D 461 -18.64 -2.24 9.25
N LYS D 462 -17.34 -1.98 9.33
CA LYS D 462 -16.61 -1.16 8.36
C LYS D 462 -16.72 -1.85 6.99
N VAL D 463 -16.85 -1.07 5.89
CA VAL D 463 -16.50 -1.61 4.55
C VAL D 463 -15.02 -2.00 4.61
N ARG D 464 -14.61 -2.98 3.81
CA ARG D 464 -13.24 -3.54 3.84
C ARG D 464 -12.52 -3.29 2.51
N GLU D 465 -11.20 -3.11 2.60
CA GLU D 465 -10.29 -3.04 1.42
C GLU D 465 -10.77 -1.92 0.49
N ALA D 466 -11.16 -0.77 1.04
CA ALA D 466 -11.52 0.41 0.25
C ALA D 466 -10.32 0.83 -0.62
N ARG D 467 -10.48 0.78 -1.94
CA ARG D 467 -9.49 1.23 -2.96
C ARG D 467 -10.07 2.44 -3.67
N CYS D 468 -9.21 3.31 -4.21
CA CYS D 468 -9.59 4.32 -5.22
C CYS D 468 -8.51 4.45 -6.30
N GLN D 469 -8.82 5.15 -7.40
CA GLN D 469 -8.11 5.04 -8.70
C GLN D 469 -8.59 6.12 -9.68
N ALA D 470 -7.70 6.76 -10.43
CA ALA D 470 -8.03 7.79 -11.46
C ALA D 470 -7.67 7.29 -12.86
N SER D 471 -7.89 8.11 -13.90
CA SER D 471 -7.95 7.69 -15.33
C SER D 471 -6.68 8.07 -16.12
N ALA D 478 -11.49 13.36 -16.43
CA ALA D 478 -11.16 13.15 -14.99
C ALA D 478 -12.20 12.23 -14.35
N ARG D 479 -11.78 11.06 -13.89
CA ARG D 479 -12.66 9.97 -13.40
C ARG D 479 -12.07 9.43 -12.11
N LEU D 480 -12.87 9.40 -11.05
CA LEU D 480 -12.49 8.83 -9.73
C LEU D 480 -13.28 7.53 -9.53
N THR D 481 -12.60 6.39 -9.43
CA THR D 481 -13.23 5.08 -9.18
C THR D 481 -12.96 4.67 -7.74
N VAL D 482 -13.99 4.34 -6.98
CA VAL D 482 -13.91 3.91 -5.56
C VAL D 482 -14.58 2.54 -5.46
N SER D 483 -13.98 1.60 -4.74
CA SER D 483 -14.51 0.23 -4.56
C SER D 483 -14.22 -0.25 -3.14
N TRP D 484 -14.95 -1.28 -2.70
CA TRP D 484 -14.84 -1.86 -1.33
C TRP D 484 -15.53 -3.21 -1.29
N GLN D 485 -15.10 -4.08 -0.38
CA GLN D 485 -15.80 -5.34 -0.04
C GLN D 485 -16.92 -5.01 0.93
N ILE D 486 -18.01 -5.79 0.93
CA ILE D 486 -19.09 -5.67 1.95
C ILE D 486 -18.45 -5.75 3.34
N PRO D 487 -19.06 -5.13 4.37
CA PRO D 487 -18.62 -5.34 5.76
C PRO D 487 -18.65 -6.83 6.11
N TRP D 488 -17.69 -7.28 6.91
CA TRP D 488 -17.55 -8.72 7.25
C TRP D 488 -18.88 -9.28 7.73
N ASN D 489 -19.58 -8.60 8.65
CA ASN D 489 -20.79 -9.17 9.30
C ASN D 489 -21.93 -9.29 8.27
N LEU D 490 -21.89 -8.58 7.14
CA LEU D 490 -22.98 -8.62 6.13
C LEU D 490 -23.07 -10.03 5.52
N LYS D 491 -21.92 -10.70 5.36
CA LYS D 491 -21.80 -12.10 4.83
C LYS D 491 -22.82 -13.01 5.52
N TYR D 492 -23.06 -12.87 6.83
CA TYR D 492 -23.89 -13.81 7.64
C TYR D 492 -25.23 -13.17 8.02
N LEU D 493 -25.78 -12.32 7.15
CA LEU D 493 -26.89 -11.39 7.52
C LEU D 493 -27.84 -11.19 6.33
N LYS D 494 -29.15 -11.22 6.56
CA LYS D 494 -30.17 -10.80 5.54
C LYS D 494 -30.80 -9.49 6.01
N VAL D 495 -30.53 -8.41 5.29
CA VAL D 495 -31.01 -7.04 5.59
C VAL D 495 -31.84 -6.58 4.39
N ARG D 496 -33.01 -5.99 4.61
CA ARG D 496 -33.90 -5.53 3.51
C ARG D 496 -33.13 -4.53 2.64
N GLU D 497 -32.96 -3.28 3.09
CA GLU D 497 -32.22 -2.22 2.35
C GLU D 497 -30.77 -2.16 2.85
N VAL D 498 -29.78 -2.28 1.94
CA VAL D 498 -28.32 -2.14 2.22
C VAL D 498 -27.72 -1.14 1.26
N LYS D 499 -27.46 0.08 1.72
CA LYS D 499 -26.85 1.15 0.91
C LYS D 499 -25.45 1.44 1.45
N TYR D 500 -24.68 2.21 0.68
CA TYR D 500 -23.33 2.72 1.05
C TYR D 500 -23.38 4.22 0.87
N GLU D 501 -22.95 4.95 1.89
CA GLU D 501 -22.83 6.42 1.85
C GLU D 501 -21.36 6.72 1.57
N VAL D 502 -21.09 7.55 0.56
CA VAL D 502 -19.73 7.96 0.16
C VAL D 502 -19.69 9.48 0.27
N TRP D 503 -18.78 10.00 1.09
CA TRP D 503 -18.52 11.46 1.22
C TRP D 503 -17.26 11.76 0.39
N LEU D 504 -17.30 12.83 -0.40
CA LEU D 504 -16.23 13.26 -1.33
C LEU D 504 -15.84 14.71 -0.99
N GLN D 505 -14.68 14.91 -0.38
CA GLN D 505 -14.15 16.26 -0.05
C GLN D 505 -12.91 16.50 -0.90
N GLU D 506 -12.94 17.55 -1.73
CA GLU D 506 -11.70 18.12 -2.32
C GLU D 506 -10.84 18.62 -1.16
N GLN D 507 -9.63 18.08 -1.01
CA GLN D 507 -8.67 18.50 0.06
C GLN D 507 -8.49 20.01 -0.04
N GLY D 508 -8.54 20.71 1.09
CA GLY D 508 -8.50 22.18 1.16
C GLY D 508 -9.84 22.75 1.55
N GLU D 509 -10.88 22.47 0.76
CA GLU D 509 -12.29 22.89 0.99
C GLU D 509 -12.84 22.20 2.26
N ASN D 510 -14.01 22.63 2.76
CA ASN D 510 -14.76 21.91 3.83
C ASN D 510 -16.08 21.34 3.27
N THR D 511 -16.50 21.76 2.08
CA THR D 511 -17.61 21.11 1.32
C THR D 511 -17.37 19.60 1.31
N TYR D 512 -18.29 18.83 1.90
CA TYR D 512 -18.49 17.38 1.65
C TYR D 512 -19.58 17.27 0.56
N VAL D 513 -19.56 16.20 -0.23
CA VAL D 513 -20.62 15.89 -1.23
C VAL D 513 -21.06 14.47 -0.96
N PRO D 514 -22.24 14.24 -0.37
CA PRO D 514 -22.68 12.88 -0.06
C PRO D 514 -23.27 12.18 -1.29
N TYR D 515 -23.26 10.85 -1.30
CA TYR D 515 -23.91 10.00 -2.31
C TYR D 515 -24.40 8.74 -1.60
N ILE D 516 -25.64 8.34 -1.85
CA ILE D 516 -26.13 7.00 -1.42
C ILE D 516 -26.12 6.10 -2.65
N LEU D 517 -25.27 5.07 -2.69
CA LEU D 517 -25.17 4.07 -3.77
C LEU D 517 -25.71 2.73 -3.25
N ALA D 518 -26.15 1.83 -4.14
CA ALA D 518 -26.60 0.47 -3.77
C ALA D 518 -25.47 -0.53 -4.01
N LEU D 519 -24.49 -0.18 -4.86
CA LEU D 519 -23.46 -1.13 -5.35
C LEU D 519 -22.12 -0.82 -4.67
N GLN D 520 -21.16 -1.72 -4.78
CA GLN D 520 -19.92 -1.73 -3.96
C GLN D 520 -18.77 -1.07 -4.75
N ASN D 521 -19.11 -0.29 -5.76
CA ASN D 521 -18.18 0.07 -6.86
C ASN D 521 -18.88 1.20 -7.58
N HIS D 522 -18.27 2.37 -7.63
CA HIS D 522 -18.83 3.55 -8.32
C HIS D 522 -17.71 4.38 -8.94
N THR D 523 -17.98 5.02 -10.09
CA THR D 523 -17.03 5.90 -10.82
C THR D 523 -17.62 7.30 -10.94
N PHE D 524 -17.01 8.25 -10.23
CA PHE D 524 -17.41 9.67 -10.16
C PHE D 524 -16.84 10.39 -11.38
N THR D 525 -17.69 11.11 -12.12
CA THR D 525 -17.38 11.82 -13.39
C THR D 525 -17.68 13.30 -13.12
N GLU D 526 -18.91 13.60 -12.68
CA GLU D 526 -19.46 14.97 -12.43
C GLU D 526 -18.63 15.74 -11.41
N ASN D 527 -18.23 16.98 -11.72
CA ASN D 527 -17.57 17.94 -10.79
C ASN D 527 -16.16 17.48 -10.38
N ILE D 528 -15.72 16.31 -10.85
CA ILE D 528 -14.36 15.77 -10.57
C ILE D 528 -13.36 16.52 -11.47
N LYS D 529 -12.39 17.20 -10.86
CA LYS D 529 -11.38 18.03 -11.58
C LYS D 529 -10.11 17.21 -11.76
N PRO D 530 -9.35 17.40 -12.86
CA PRO D 530 -8.02 16.79 -12.98
C PRO D 530 -7.03 17.43 -11.99
N PHE D 531 -5.89 16.76 -11.74
CA PHE D 531 -4.74 17.24 -10.93
C PHE D 531 -5.22 17.80 -9.58
N THR D 532 -6.08 17.04 -8.91
CA THR D 532 -6.69 17.39 -7.59
C THR D 532 -6.60 16.19 -6.65
N THR D 533 -6.58 16.46 -5.35
CA THR D 533 -6.55 15.46 -4.26
C THR D 533 -7.93 15.46 -3.61
N TYR D 534 -8.57 14.28 -3.60
CA TYR D 534 -9.91 14.03 -3.02
C TYR D 534 -9.74 13.14 -1.78
N LEU D 535 -10.38 13.53 -0.67
CA LEU D 535 -10.56 12.65 0.50
C LEU D 535 -11.91 11.93 0.36
N VAL D 536 -11.93 10.63 0.60
CA VAL D 536 -13.12 9.76 0.36
C VAL D 536 -13.41 8.94 1.62
N TRP D 537 -14.51 9.25 2.29
CA TRP D 537 -15.04 8.43 3.41
C TRP D 537 -16.16 7.51 2.88
N VAL D 538 -16.33 6.34 3.48
CA VAL D 538 -17.36 5.35 3.03
C VAL D 538 -17.91 4.60 4.24
N ARG D 539 -19.23 4.55 4.34
CA ARG D 539 -19.87 3.74 5.41
C ARG D 539 -21.06 3.00 4.83
N CYS D 540 -21.40 1.89 5.47
CA CYS D 540 -22.55 1.04 5.09
C CYS D 540 -23.77 1.48 5.92
N ILE D 541 -24.95 1.41 5.33
CA ILE D 541 -26.22 1.75 6.01
C ILE D 541 -27.20 0.59 5.88
N PHE D 542 -27.71 0.10 7.01
CA PHE D 542 -28.85 -0.86 7.06
C PHE D 542 -30.15 -0.09 7.24
N ASN D 543 -31.10 -0.26 6.31
CA ASN D 543 -32.52 0.18 6.42
C ASN D 543 -32.56 1.68 6.71
N LYS D 544 -31.83 2.46 5.91
CA LYS D 544 -31.88 3.95 5.87
C LYS D 544 -31.31 4.58 7.15
N ILE D 545 -31.51 4.00 8.34
CA ILE D 545 -31.33 4.71 9.65
C ILE D 545 -30.18 4.13 10.48
N LEU D 546 -29.74 2.89 10.27
CA LEU D 546 -28.60 2.27 11.02
C LEU D 546 -27.28 2.58 10.31
N LEU D 547 -26.65 3.71 10.66
CA LEU D 547 -25.37 4.17 10.07
C LEU D 547 -24.22 3.43 10.75
N GLY D 548 -23.47 2.66 9.96
CA GLY D 548 -22.25 1.98 10.38
C GLY D 548 -21.06 2.93 10.48
N PRO D 549 -19.92 2.39 10.97
CA PRO D 549 -18.69 3.16 11.07
C PRO D 549 -18.09 3.40 9.68
N PHE D 550 -17.39 4.53 9.58
CA PHE D 550 -16.57 4.91 8.41
C PHE D 550 -15.28 4.10 8.44
N ALA D 551 -14.82 3.65 7.26
CA ALA D 551 -13.47 3.07 7.09
C ALA D 551 -12.45 4.20 7.20
N ASP D 552 -11.16 3.84 7.30
CA ASP D 552 -10.04 4.80 7.19
C ASP D 552 -10.24 5.62 5.91
N VAL D 553 -10.07 6.94 5.99
CA VAL D 553 -10.14 7.86 4.83
C VAL D 553 -9.21 7.38 3.71
N LEU D 554 -9.60 7.54 2.45
CA LEU D 554 -8.74 7.30 1.26
C LEU D 554 -8.28 8.67 0.75
N VAL D 555 -7.00 8.79 0.44
CA VAL D 555 -6.48 9.96 -0.33
C VAL D 555 -6.28 9.51 -1.77
N CYS D 556 -6.94 10.21 -2.70
CA CYS D 556 -7.08 9.85 -4.12
C CYS D 556 -6.65 11.04 -4.96
N ASN D 557 -5.82 10.81 -5.98
CA ASN D 557 -5.29 11.89 -6.84
C ASN D 557 -5.82 11.69 -8.25
N THR D 558 -6.29 12.76 -8.87
CA THR D 558 -6.72 12.84 -10.28
C THR D 558 -5.63 13.59 -11.08
#